data_1SJR
#
_entry.id   1SJR
#
_entity_poly.entity_id   1
_entity_poly.type   'polypeptide(L)'
_entity_poly.pdbx_seq_one_letter_code
;MHHHHHHGSAQAALQAVNSVQSGNLALAASAAAVDAGMAMAGQSPVLRIIVENLFYPVTLDVLHQIFSKFGTVLKIITFT
KNNQFQALLQYADPVSAQHAKLSLDGQNIYNACCTLRIDFSKLTSLNVKYNNDKSRDYTRPDLPSGDSQPSLDQTMAAAF
GLSV
;
_entity_poly.pdbx_strand_id   A
#
# COMPACT_ATOMS: atom_id res chain seq x y z
N MET A 40 22.57 2.76 -9.32
CA MET A 40 22.53 2.79 -7.83
C MET A 40 21.37 3.64 -7.32
N ALA A 41 21.02 4.67 -8.10
CA ALA A 41 19.92 5.55 -7.73
C ALA A 41 18.58 4.82 -7.81
N GLY A 42 18.40 3.83 -6.94
CA GLY A 42 17.16 3.07 -6.93
C GLY A 42 15.95 3.94 -7.20
N GLN A 43 15.82 5.03 -6.46
CA GLN A 43 14.69 5.94 -6.63
C GLN A 43 13.42 5.17 -6.98
N SER A 44 13.04 4.24 -6.11
CA SER A 44 11.84 3.43 -6.34
C SER A 44 10.87 3.59 -5.17
N PRO A 45 9.85 4.45 -5.34
CA PRO A 45 8.84 4.70 -4.31
C PRO A 45 7.82 3.57 -4.21
N VAL A 46 8.14 2.57 -3.40
CA VAL A 46 7.26 1.42 -3.22
C VAL A 46 7.23 0.97 -1.77
N LEU A 47 6.13 1.25 -1.08
CA LEU A 47 5.98 0.88 0.32
C LEU A 47 4.98 -0.27 0.47
N ARG A 48 5.22 -1.10 1.48
CA ARG A 48 4.34 -2.24 1.75
C ARG A 48 3.79 -2.18 3.18
N ILE A 49 2.47 -2.00 3.29
CA ILE A 49 1.82 -1.92 4.59
C ILE A 49 1.49 -3.31 5.13
N ILE A 50 1.57 -3.46 6.45
CA ILE A 50 1.28 -4.75 7.09
C ILE A 50 0.48 -4.55 8.36
N VAL A 51 -0.80 -4.93 8.34
CA VAL A 51 -1.67 -4.79 9.49
C VAL A 51 -1.42 -5.91 10.51
N GLU A 52 -1.43 -5.56 11.78
CA GLU A 52 -1.20 -6.52 12.85
C GLU A 52 -2.31 -6.45 13.89
N ASN A 53 -2.69 -7.61 14.43
CA ASN A 53 -3.74 -7.68 15.43
C ASN A 53 -5.10 -7.39 14.82
N LEU A 54 -5.65 -8.38 14.12
CA LEU A 54 -6.96 -8.23 13.48
C LEU A 54 -7.97 -7.62 14.44
N PHE A 55 -8.67 -6.59 13.97
CA PHE A 55 -9.68 -5.91 14.79
C PHE A 55 -10.89 -5.51 13.95
N TYR A 56 -10.72 -4.48 13.15
CA TYR A 56 -11.80 -3.99 12.28
C TYR A 56 -11.52 -4.32 10.83
N PRO A 57 -12.58 -4.58 10.04
CA PRO A 57 -12.45 -4.91 8.62
C PRO A 57 -12.00 -3.71 7.79
N VAL A 58 -10.82 -3.84 7.19
CA VAL A 58 -10.27 -2.76 6.36
C VAL A 58 -10.46 -3.06 4.87
N THR A 59 -9.99 -2.14 4.04
CA THR A 59 -10.12 -2.29 2.60
C THR A 59 -9.13 -1.40 1.86
N LEU A 60 -9.18 -1.42 0.54
CA LEU A 60 -8.29 -0.62 -0.28
C LEU A 60 -8.68 0.85 -0.24
N ASP A 61 -9.94 1.14 -0.52
CA ASP A 61 -10.44 2.50 -0.50
C ASP A 61 -9.88 3.28 0.68
N VAL A 62 -9.58 2.57 1.76
CA VAL A 62 -9.03 3.19 2.95
C VAL A 62 -7.52 3.39 2.84
N LEU A 63 -6.81 2.29 2.60
CA LEU A 63 -5.36 2.34 2.47
C LEU A 63 -4.94 3.37 1.42
N HIS A 64 -5.75 3.49 0.37
CA HIS A 64 -5.47 4.43 -0.71
C HIS A 64 -5.57 5.87 -0.22
N GLN A 65 -6.78 6.26 0.20
CA GLN A 65 -7.01 7.60 0.70
C GLN A 65 -6.00 7.98 1.78
N ILE A 66 -5.38 6.97 2.38
CA ILE A 66 -4.39 7.18 3.43
C ILE A 66 -3.06 7.63 2.84
N PHE A 67 -2.42 6.73 2.09
CA PHE A 67 -1.13 7.04 1.47
C PHE A 67 -1.28 8.09 0.38
N SER A 68 -2.51 8.34 -0.04
CA SER A 68 -2.79 9.32 -1.08
C SER A 68 -2.67 10.74 -0.53
N LYS A 69 -2.36 10.84 0.76
CA LYS A 69 -2.22 12.13 1.42
C LYS A 69 -0.79 12.62 1.35
N PHE A 70 0.15 11.75 1.74
CA PHE A 70 1.57 12.10 1.71
C PHE A 70 2.07 12.14 0.28
N GLY A 71 1.25 11.68 -0.65
CA GLY A 71 1.63 11.67 -2.04
C GLY A 71 0.66 10.91 -2.92
N THR A 72 0.80 11.04 -4.23
CA THR A 72 -0.08 10.36 -5.17
C THR A 72 0.24 8.87 -5.24
N VAL A 73 -0.79 8.05 -5.10
CA VAL A 73 -0.63 6.61 -5.15
C VAL A 73 -0.92 6.06 -6.54
N LEU A 74 0.13 5.71 -7.26
CA LEU A 74 0.00 5.18 -8.61
C LEU A 74 -0.81 3.90 -8.62
N LYS A 75 -0.43 2.95 -7.77
CA LYS A 75 -1.13 1.67 -7.68
C LYS A 75 -1.17 1.15 -6.25
N ILE A 76 -1.95 0.11 -6.02
CA ILE A 76 -2.07 -0.49 -4.70
C ILE A 76 -2.46 -1.96 -4.79
N ILE A 77 -2.16 -2.71 -3.73
CA ILE A 77 -2.47 -4.14 -3.69
C ILE A 77 -2.67 -4.62 -2.26
N THR A 78 -3.45 -5.68 -2.10
CA THR A 78 -3.72 -6.24 -0.78
C THR A 78 -3.82 -7.76 -0.84
N PHE A 79 -3.44 -8.42 0.25
CA PHE A 79 -3.49 -9.87 0.33
C PHE A 79 -3.29 -10.35 1.76
N THR A 80 -3.35 -11.66 1.95
CA THR A 80 -3.19 -12.26 3.27
C THR A 80 -2.30 -13.50 3.21
N LYS A 81 -1.09 -13.38 3.75
CA LYS A 81 -0.15 -14.49 3.76
C LYS A 81 -0.36 -15.37 4.99
N ASN A 82 -1.13 -16.44 4.82
CA ASN A 82 -1.40 -17.37 5.92
C ASN A 82 -2.05 -16.63 7.09
N ASN A 83 -2.97 -15.72 6.78
CA ASN A 83 -3.65 -14.94 7.81
C ASN A 83 -2.85 -13.71 8.19
N GLN A 84 -2.26 -13.07 7.19
CA GLN A 84 -1.47 -11.86 7.42
C GLN A 84 -1.85 -10.76 6.44
N PHE A 85 -2.70 -9.85 6.90
CA PHE A 85 -3.15 -8.74 6.06
C PHE A 85 -1.97 -7.86 5.65
N GLN A 86 -1.76 -7.73 4.35
CA GLN A 86 -0.67 -6.91 3.82
C GLN A 86 -1.09 -6.20 2.55
N ALA A 87 -0.91 -4.88 2.52
CA ALA A 87 -1.27 -4.08 1.35
C ALA A 87 -0.09 -3.24 0.88
N LEU A 88 0.31 -3.46 -0.36
CA LEU A 88 1.44 -2.72 -0.94
C LEU A 88 0.94 -1.59 -1.82
N LEU A 89 1.83 -0.64 -2.12
CA LEU A 89 1.47 0.50 -2.96
C LEU A 89 2.72 1.17 -3.52
N GLN A 90 2.53 1.96 -4.58
CA GLN A 90 3.65 2.65 -5.22
C GLN A 90 3.38 4.16 -5.29
N TYR A 91 4.32 4.95 -4.78
CA TYR A 91 4.18 6.40 -4.79
C TYR A 91 4.67 6.98 -6.11
N ALA A 92 4.47 8.29 -6.27
CA ALA A 92 4.89 8.97 -7.49
C ALA A 92 6.31 9.53 -7.35
N ASP A 93 6.81 9.54 -6.11
CA ASP A 93 8.15 10.04 -5.84
C ASP A 93 8.66 9.51 -4.50
N PRO A 94 9.93 9.06 -4.46
CA PRO A 94 10.54 8.53 -3.25
C PRO A 94 10.43 9.49 -2.07
N VAL A 95 10.42 10.78 -2.36
CA VAL A 95 10.32 11.81 -1.33
C VAL A 95 9.03 11.65 -0.53
N SER A 96 7.95 11.30 -1.23
CA SER A 96 6.65 11.12 -0.58
C SER A 96 6.59 9.78 0.14
N ALA A 97 7.43 8.84 -0.28
CA ALA A 97 7.47 7.52 0.32
C ALA A 97 8.32 7.52 1.58
N GLN A 98 9.45 8.21 1.54
CA GLN A 98 10.35 8.30 2.67
C GLN A 98 9.65 8.91 3.88
N HIS A 99 9.10 10.10 3.70
CA HIS A 99 8.40 10.80 4.77
C HIS A 99 7.15 10.04 5.19
N ALA A 100 6.36 9.62 4.21
CA ALA A 100 5.14 8.88 4.47
C ALA A 100 5.40 7.69 5.38
N LYS A 101 6.39 6.88 5.01
CA LYS A 101 6.75 5.71 5.79
C LYS A 101 6.87 6.04 7.27
N LEU A 102 7.74 6.99 7.59
CA LEU A 102 7.94 7.41 8.98
C LEU A 102 6.72 8.14 9.50
N SER A 103 5.97 8.77 8.60
CA SER A 103 4.77 9.50 8.99
C SER A 103 3.65 8.54 9.37
N LEU A 104 3.83 7.27 9.04
CA LEU A 104 2.83 6.25 9.36
C LEU A 104 3.50 4.97 9.85
N ASP A 105 4.78 5.07 10.21
CA ASP A 105 5.52 3.92 10.70
C ASP A 105 5.09 3.54 12.10
N GLY A 106 4.48 2.36 12.23
CA GLY A 106 4.02 1.90 13.52
C GLY A 106 2.86 2.73 14.06
N GLN A 107 2.00 3.18 13.16
CA GLN A 107 0.86 3.99 13.55
C GLN A 107 -0.44 3.19 13.47
N ASN A 108 -1.54 3.79 13.89
CA ASN A 108 -2.84 3.13 13.87
C ASN A 108 -3.68 3.61 12.69
N ILE A 109 -4.83 2.99 12.50
CA ILE A 109 -5.73 3.36 11.41
C ILE A 109 -7.05 3.91 11.95
N TYR A 110 -7.29 3.71 13.24
CA TYR A 110 -8.51 4.19 13.87
C TYR A 110 -8.20 4.98 15.14
N ASN A 111 -7.64 4.29 16.13
CA ASN A 111 -7.29 4.92 17.40
C ASN A 111 -6.04 4.27 18.00
N ALA A 112 -6.16 3.00 18.38
CA ALA A 112 -5.05 2.28 18.98
C ALA A 112 -5.12 0.79 18.63
N CYS A 113 -5.46 0.50 17.38
CA CYS A 113 -5.57 -0.88 16.92
C CYS A 113 -5.33 -0.98 15.43
N CYS A 114 -5.08 -2.19 14.94
CA CYS A 114 -4.82 -2.42 13.53
C CYS A 114 -3.45 -1.90 13.13
N THR A 115 -2.50 -1.98 14.05
CA THR A 115 -1.14 -1.53 13.79
C THR A 115 -0.72 -1.81 12.35
N LEU A 116 -0.32 -0.76 11.64
CA LEU A 116 0.10 -0.90 10.25
C LEU A 116 1.61 -0.68 10.12
N ARG A 117 2.28 -1.67 9.52
CA ARG A 117 3.72 -1.59 9.32
C ARG A 117 4.07 -1.33 7.86
N ILE A 118 4.78 -0.24 7.61
CA ILE A 118 5.17 0.12 6.25
C ILE A 118 6.67 -0.07 6.04
N ASP A 119 7.03 -0.53 4.84
CA ASP A 119 8.43 -0.76 4.52
C ASP A 119 8.63 -0.82 3.00
N PHE A 120 9.80 -0.40 2.54
CA PHE A 120 10.11 -0.41 1.12
C PHE A 120 10.01 -1.82 0.55
N SER A 121 9.32 -1.95 -0.57
CA SER A 121 9.15 -3.25 -1.22
C SER A 121 10.50 -3.95 -1.40
N LYS A 122 10.45 -5.21 -1.81
CA LYS A 122 11.67 -5.99 -2.02
C LYS A 122 12.10 -5.95 -3.48
N LEU A 123 11.13 -6.03 -4.38
CA LEU A 123 11.44 -6.00 -5.82
C LEU A 123 11.44 -4.57 -6.34
N THR A 124 11.52 -3.62 -5.42
CA THR A 124 11.54 -2.21 -5.78
C THR A 124 10.31 -1.87 -6.61
N SER A 125 9.30 -2.72 -6.52
CA SER A 125 8.06 -2.53 -7.26
C SER A 125 7.03 -3.60 -6.89
N LEU A 126 5.78 -3.34 -7.23
CA LEU A 126 4.70 -4.28 -6.94
C LEU A 126 4.08 -4.81 -8.23
N ASN A 127 3.54 -6.02 -8.16
CA ASN A 127 2.91 -6.64 -9.32
C ASN A 127 1.45 -6.21 -9.45
N VAL A 128 1.22 -5.21 -10.29
CA VAL A 128 -0.13 -4.70 -10.51
C VAL A 128 -0.47 -4.65 -11.99
N LYS A 129 -1.27 -5.62 -12.45
CA LYS A 129 -1.67 -5.67 -13.84
C LYS A 129 -3.12 -6.16 -13.97
N TYR A 130 -3.90 -5.95 -12.93
CA TYR A 130 -5.30 -6.36 -12.93
C TYR A 130 -6.11 -5.53 -11.94
N ASN A 131 -7.34 -5.20 -12.31
CA ASN A 131 -8.22 -4.41 -11.46
C ASN A 131 -9.45 -5.21 -11.06
N ASN A 132 -9.53 -5.58 -9.78
CA ASN A 132 -10.65 -6.35 -9.28
C ASN A 132 -10.97 -5.97 -7.84
N ASP A 133 -10.36 -6.68 -6.90
CA ASP A 133 -10.58 -6.41 -5.48
C ASP A 133 -9.28 -6.55 -4.69
N LYS A 134 -8.50 -7.57 -5.02
CA LYS A 134 -7.23 -7.80 -4.34
C LYS A 134 -6.20 -6.74 -4.74
N SER A 135 -6.39 -6.15 -5.91
CA SER A 135 -5.47 -5.12 -6.40
C SER A 135 -6.24 -3.85 -6.77
N ARG A 136 -5.50 -2.78 -7.03
CA ARG A 136 -6.10 -1.51 -7.39
C ARG A 136 -5.07 -0.55 -7.98
N ASP A 137 -5.16 -0.32 -9.28
CA ASP A 137 -4.23 0.57 -9.97
C ASP A 137 -4.86 1.94 -10.21
N TYR A 138 -4.23 2.97 -9.67
CA TYR A 138 -4.73 4.33 -9.82
C TYR A 138 -3.97 5.06 -10.92
N THR A 139 -3.46 4.32 -11.89
CA THR A 139 -2.72 4.90 -13.00
C THR A 139 -3.37 4.56 -14.34
N ARG A 140 -3.86 3.34 -14.47
CA ARG A 140 -4.51 2.91 -15.70
C ARG A 140 -5.72 2.04 -15.39
N PRO A 141 -6.93 2.57 -15.66
CA PRO A 141 -8.19 1.87 -15.41
C PRO A 141 -8.57 0.94 -16.56
N ASP A 142 -7.74 0.93 -17.60
CA ASP A 142 -7.99 0.09 -18.77
C ASP A 142 -7.36 -1.29 -18.59
N LEU A 143 -7.28 -1.74 -17.34
CA LEU A 143 -6.70 -3.05 -17.04
C LEU A 143 -7.79 -4.07 -16.79
N PRO A 144 -7.49 -5.35 -17.04
CA PRO A 144 -8.44 -6.46 -16.84
C PRO A 144 -8.73 -6.70 -15.36
N SER A 145 -9.72 -7.55 -15.10
CA SER A 145 -10.10 -7.87 -13.73
C SER A 145 -9.57 -9.24 -13.32
N GLY A 146 -8.43 -9.62 -13.90
CA GLY A 146 -7.83 -10.90 -13.58
C GLY A 146 -7.99 -11.91 -14.71
N ASP A 147 -9.22 -12.12 -15.14
CA ASP A 147 -9.50 -13.07 -16.22
C ASP A 147 -10.57 -12.51 -17.17
N MET A 40 23.83 0.12 -2.06
CA MET A 40 22.71 0.34 -1.09
C MET A 40 22.01 1.67 -1.36
N ALA A 41 21.47 1.82 -2.56
CA ALA A 41 20.77 3.04 -2.94
C ALA A 41 20.24 2.96 -4.36
N GLY A 42 19.00 2.50 -4.50
CA GLY A 42 18.39 2.37 -5.82
C GLY A 42 17.44 3.51 -6.13
N GLN A 43 16.67 3.92 -5.13
CA GLN A 43 15.71 4.99 -5.29
C GLN A 43 14.43 4.49 -5.94
N SER A 44 13.59 3.82 -5.15
CA SER A 44 12.33 3.28 -5.65
C SER A 44 11.22 3.43 -4.60
N PRO A 45 10.20 4.24 -4.90
CA PRO A 45 9.07 4.46 -3.98
C PRO A 45 8.11 3.29 -3.95
N VAL A 46 8.40 2.31 -3.10
CA VAL A 46 7.55 1.14 -2.97
C VAL A 46 7.45 0.68 -1.52
N LEU A 47 6.34 1.01 -0.88
CA LEU A 47 6.12 0.65 0.52
C LEU A 47 5.15 -0.52 0.64
N ARG A 48 5.23 -1.23 1.76
CA ARG A 48 4.36 -2.37 2.00
C ARG A 48 3.76 -2.31 3.41
N ILE A 49 2.45 -2.13 3.49
CA ILE A 49 1.77 -2.05 4.77
C ILE A 49 1.48 -3.43 5.34
N ILE A 50 1.44 -3.52 6.67
CA ILE A 50 1.17 -4.79 7.33
C ILE A 50 0.24 -4.58 8.54
N VAL A 51 -0.98 -5.11 8.43
CA VAL A 51 -1.96 -4.99 9.50
C VAL A 51 -1.65 -5.93 10.64
N GLU A 52 -1.40 -5.37 11.82
CA GLU A 52 -1.07 -6.17 13.01
C GLU A 52 -2.23 -6.14 14.01
N ASN A 53 -2.16 -7.01 15.00
CA ASN A 53 -3.21 -7.07 16.02
C ASN A 53 -4.58 -6.84 15.41
N LEU A 54 -5.09 -7.84 14.71
CA LEU A 54 -6.41 -7.75 14.08
C LEU A 54 -7.42 -7.13 15.03
N PHE A 55 -8.20 -6.19 14.51
CA PHE A 55 -9.22 -5.52 15.32
C PHE A 55 -10.35 -4.98 14.43
N TYR A 56 -9.97 -4.27 13.37
CA TYR A 56 -10.94 -3.69 12.45
C TYR A 56 -10.55 -3.99 11.01
N PRO A 57 -11.55 -4.21 10.14
CA PRO A 57 -11.32 -4.51 8.72
C PRO A 57 -10.90 -3.29 7.93
N VAL A 58 -10.25 -3.51 6.79
CA VAL A 58 -9.78 -2.43 5.94
C VAL A 58 -10.10 -2.72 4.48
N THR A 59 -9.66 -1.82 3.60
CA THR A 59 -9.90 -1.97 2.17
C THR A 59 -8.90 -1.16 1.35
N LEU A 60 -9.04 -1.23 0.04
CA LEU A 60 -8.15 -0.49 -0.86
C LEU A 60 -8.42 1.01 -0.78
N ASP A 61 -9.68 1.36 -0.58
CA ASP A 61 -10.08 2.76 -0.49
C ASP A 61 -9.32 3.48 0.62
N VAL A 62 -9.33 2.91 1.82
CA VAL A 62 -8.64 3.52 2.95
C VAL A 62 -7.15 3.68 2.66
N LEU A 63 -6.54 2.64 2.10
CA LEU A 63 -5.12 2.67 1.76
C LEU A 63 -4.81 3.82 0.81
N HIS A 64 -5.70 4.04 -0.16
CA HIS A 64 -5.51 5.10 -1.14
C HIS A 64 -5.60 6.47 -0.48
N GLN A 65 -6.76 6.77 0.10
CA GLN A 65 -6.98 8.04 0.77
C GLN A 65 -5.91 8.30 1.81
N ILE A 66 -5.20 7.26 2.23
CA ILE A 66 -4.15 7.38 3.23
C ILE A 66 -2.83 7.78 2.57
N PHE A 67 -2.28 6.88 1.77
CA PHE A 67 -1.01 7.14 1.10
C PHE A 67 -1.17 8.21 0.02
N SER A 68 -2.41 8.51 -0.33
CA SER A 68 -2.68 9.52 -1.35
C SER A 68 -2.58 10.92 -0.77
N LYS A 69 -2.24 11.00 0.51
CA LYS A 69 -2.11 12.29 1.19
C LYS A 69 -0.66 12.76 1.17
N PHE A 70 0.24 11.87 1.58
CA PHE A 70 1.66 12.19 1.60
C PHE A 70 2.24 12.18 0.19
N GLY A 71 1.44 11.72 -0.77
CA GLY A 71 1.90 11.68 -2.15
C GLY A 71 0.93 10.94 -3.06
N THR A 72 1.15 11.06 -4.36
CA THR A 72 0.29 10.41 -5.34
C THR A 72 0.51 8.91 -5.34
N VAL A 73 -0.57 8.16 -5.20
CA VAL A 73 -0.50 6.71 -5.19
C VAL A 73 -0.81 6.12 -6.56
N LEU A 74 0.23 5.66 -7.25
CA LEU A 74 0.08 5.09 -8.57
C LEU A 74 -0.81 3.85 -8.54
N LYS A 75 -0.46 2.89 -7.69
CA LYS A 75 -1.22 1.66 -7.59
C LYS A 75 -1.15 1.09 -6.17
N ILE A 76 -1.95 0.06 -5.92
CA ILE A 76 -1.98 -0.58 -4.61
C ILE A 76 -2.59 -1.98 -4.70
N ILE A 77 -2.16 -2.88 -3.82
CA ILE A 77 -2.67 -4.24 -3.80
C ILE A 77 -2.57 -4.84 -2.40
N THR A 78 -3.38 -5.86 -2.15
CA THR A 78 -3.40 -6.52 -0.85
C THR A 78 -3.48 -8.04 -1.01
N PHE A 79 -3.05 -8.77 0.02
CA PHE A 79 -3.09 -10.22 0.00
C PHE A 79 -2.82 -10.80 1.39
N THR A 80 -2.70 -12.12 1.46
CA THR A 80 -2.45 -12.79 2.73
C THR A 80 -1.42 -13.91 2.56
N LYS A 81 -0.25 -13.73 3.16
CA LYS A 81 0.81 -14.72 3.08
C LYS A 81 0.56 -15.87 4.05
N ASN A 82 -0.49 -16.63 3.80
CA ASN A 82 -0.86 -17.77 4.64
C ASN A 82 -1.73 -17.33 5.81
N ASN A 83 -1.72 -16.02 6.10
CA ASN A 83 -2.52 -15.48 7.19
C ASN A 83 -1.96 -14.14 7.66
N GLN A 84 -1.53 -13.31 6.70
CA GLN A 84 -0.98 -12.00 7.01
C GLN A 84 -1.42 -10.96 5.98
N PHE A 85 -2.52 -10.28 6.29
CA PHE A 85 -3.05 -9.26 5.40
C PHE A 85 -2.07 -8.11 5.23
N GLN A 86 -1.75 -7.79 3.98
CA GLN A 86 -0.82 -6.72 3.69
C GLN A 86 -1.32 -5.86 2.52
N ALA A 87 -0.74 -4.68 2.38
CA ALA A 87 -1.14 -3.77 1.30
C ALA A 87 0.07 -3.03 0.73
N LEU A 88 0.42 -3.36 -0.51
CA LEU A 88 1.56 -2.73 -1.18
C LEU A 88 1.13 -1.47 -1.91
N LEU A 89 2.08 -0.59 -2.17
CA LEU A 89 1.80 0.67 -2.87
C LEU A 89 3.07 1.27 -3.44
N GLN A 90 2.96 1.85 -4.64
CA GLN A 90 4.11 2.46 -5.29
C GLN A 90 3.89 3.97 -5.46
N TYR A 91 4.62 4.75 -4.68
CA TYR A 91 4.51 6.20 -4.74
C TYR A 91 5.07 6.74 -6.06
N ALA A 92 4.91 8.03 -6.28
CA ALA A 92 5.40 8.68 -7.49
C ALA A 92 6.83 9.17 -7.31
N ASP A 93 7.28 9.19 -6.06
CA ASP A 93 8.63 9.65 -5.74
C ASP A 93 9.09 9.07 -4.40
N PRO A 94 10.37 8.69 -4.32
CA PRO A 94 10.95 8.13 -3.10
C PRO A 94 10.96 9.12 -1.94
N VAL A 95 11.02 10.40 -2.27
CA VAL A 95 11.03 11.46 -1.26
C VAL A 95 9.75 11.43 -0.44
N SER A 96 8.61 11.25 -1.12
CA SER A 96 7.32 11.20 -0.45
C SER A 96 7.15 9.90 0.30
N ALA A 97 7.78 8.83 -0.20
CA ALA A 97 7.69 7.53 0.42
C ALA A 97 8.49 7.48 1.72
N GLN A 98 9.67 8.09 1.70
CA GLN A 98 10.54 8.11 2.88
C GLN A 98 9.81 8.77 4.06
N HIS A 99 9.29 9.97 3.84
CA HIS A 99 8.58 10.70 4.88
C HIS A 99 7.30 9.97 5.27
N ALA A 100 6.54 9.55 4.26
CA ALA A 100 5.28 8.84 4.50
C ALA A 100 5.51 7.60 5.36
N LYS A 101 6.63 6.92 5.12
CA LYS A 101 6.95 5.72 5.87
C LYS A 101 7.00 5.99 7.37
N LEU A 102 7.81 6.98 7.76
CA LEU A 102 7.94 7.35 9.16
C LEU A 102 6.71 8.12 9.63
N SER A 103 6.03 8.76 8.70
CA SER A 103 4.84 9.54 9.02
C SER A 103 3.68 8.63 9.41
N LEU A 104 3.78 7.37 9.01
CA LEU A 104 2.73 6.40 9.31
C LEU A 104 3.34 5.08 9.82
N ASP A 105 4.62 5.13 10.15
CA ASP A 105 5.32 3.95 10.65
C ASP A 105 4.72 3.47 11.97
N GLY A 106 4.42 2.19 12.04
CA GLY A 106 3.83 1.63 13.25
C GLY A 106 2.73 2.50 13.82
N GLN A 107 2.06 3.24 12.94
CA GLN A 107 0.97 4.12 13.35
C GLN A 107 -0.37 3.42 13.16
N ASN A 108 -1.29 3.66 14.10
CA ASN A 108 -2.61 3.06 14.04
C ASN A 108 -3.48 3.72 12.97
N ILE A 109 -4.62 3.11 12.67
CA ILE A 109 -5.53 3.64 11.67
C ILE A 109 -6.83 4.12 12.30
N TYR A 110 -7.21 3.48 13.40
CA TYR A 110 -8.44 3.84 14.11
C TYR A 110 -8.16 4.10 15.59
N ASN A 111 -7.75 5.32 15.91
CA ASN A 111 -7.45 5.70 17.28
C ASN A 111 -6.22 4.95 17.79
N ALA A 112 -6.34 3.63 17.90
CA ALA A 112 -5.24 2.81 18.38
C ALA A 112 -5.48 1.33 18.07
N CYS A 113 -5.85 1.05 16.83
CA CYS A 113 -6.12 -0.33 16.41
C CYS A 113 -5.70 -0.54 14.96
N CYS A 114 -5.38 -1.79 14.63
CA CYS A 114 -4.96 -2.12 13.27
C CYS A 114 -3.55 -1.60 12.99
N THR A 115 -2.72 -1.59 14.01
CA THR A 115 -1.35 -1.11 13.88
C THR A 115 -0.77 -1.50 12.52
N LEU A 116 -0.61 -0.50 11.65
CA LEU A 116 -0.07 -0.73 10.32
C LEU A 116 1.44 -0.50 10.29
N ARG A 117 2.17 -1.40 9.64
CA ARG A 117 3.61 -1.30 9.55
C ARG A 117 4.05 -1.15 8.09
N ILE A 118 4.55 0.03 7.75
CA ILE A 118 5.01 0.30 6.39
C ILE A 118 6.49 0.00 6.25
N ASP A 119 6.88 -0.51 5.08
CA ASP A 119 8.28 -0.83 4.81
C ASP A 119 8.55 -0.87 3.32
N PHE A 120 9.79 -0.55 2.95
CA PHE A 120 10.19 -0.54 1.54
C PHE A 120 10.13 -1.94 0.95
N SER A 121 9.28 -2.12 -0.06
CA SER A 121 9.13 -3.42 -0.71
C SER A 121 10.49 -3.98 -1.12
N LYS A 122 10.58 -5.30 -1.20
CA LYS A 122 11.82 -5.97 -1.58
C LYS A 122 11.85 -6.26 -3.07
N LEU A 123 10.68 -6.24 -3.70
CA LEU A 123 10.58 -6.50 -5.13
C LEU A 123 10.80 -5.24 -5.95
N THR A 124 11.30 -4.20 -5.28
CA THR A 124 11.57 -2.92 -5.92
C THR A 124 10.31 -2.41 -6.61
N SER A 125 9.17 -2.94 -6.19
CA SER A 125 7.89 -2.54 -6.74
C SER A 125 6.83 -3.60 -6.49
N LEU A 126 5.57 -3.24 -6.74
CA LEU A 126 4.46 -4.16 -6.55
C LEU A 126 3.76 -4.45 -7.87
N ASN A 127 3.79 -5.72 -8.28
CA ASN A 127 3.16 -6.12 -9.53
C ASN A 127 1.67 -5.82 -9.51
N VAL A 128 1.26 -4.84 -10.31
CA VAL A 128 -0.15 -4.45 -10.38
C VAL A 128 -0.62 -4.38 -11.83
N LYS A 129 -1.34 -5.41 -12.25
CA LYS A 129 -1.85 -5.47 -13.61
C LYS A 129 -3.24 -6.11 -13.64
N TYR A 130 -4.07 -5.77 -12.66
CA TYR A 130 -5.42 -6.30 -12.57
C TYR A 130 -6.30 -5.44 -11.67
N ASN A 131 -7.60 -5.44 -11.94
CA ASN A 131 -8.55 -4.66 -11.15
C ASN A 131 -9.72 -5.51 -10.71
N ASN A 132 -9.97 -5.54 -9.40
CA ASN A 132 -11.07 -6.32 -8.85
C ASN A 132 -11.28 -6.00 -7.37
N ASP A 133 -10.61 -6.76 -6.51
CA ASP A 133 -10.72 -6.56 -5.07
C ASP A 133 -9.36 -6.69 -4.39
N LYS A 134 -8.58 -7.67 -4.83
CA LYS A 134 -7.25 -7.90 -4.28
C LYS A 134 -6.27 -6.82 -4.73
N SER A 135 -6.45 -6.33 -5.95
CA SER A 135 -5.59 -5.29 -6.49
C SER A 135 -6.39 -4.02 -6.79
N ARG A 136 -5.68 -2.90 -6.94
CA ARG A 136 -6.31 -1.63 -7.22
C ARG A 136 -5.33 -0.65 -7.85
N ASP A 137 -5.47 -0.45 -9.16
CA ASP A 137 -4.59 0.47 -9.89
C ASP A 137 -5.26 1.82 -10.09
N TYR A 138 -4.51 2.90 -9.90
CA TYR A 138 -5.04 4.24 -10.07
C TYR A 138 -4.43 4.91 -11.29
N THR A 139 -4.83 4.45 -12.47
CA THR A 139 -4.33 5.00 -13.72
C THR A 139 -4.99 4.34 -14.92
N ARG A 140 -5.27 3.05 -14.80
CA ARG A 140 -5.91 2.31 -15.89
C ARG A 140 -7.07 1.48 -15.35
N PRO A 141 -8.29 2.05 -15.36
CA PRO A 141 -9.49 1.37 -14.90
C PRO A 141 -10.05 0.38 -15.91
N ASP A 142 -9.57 0.49 -17.15
CA ASP A 142 -10.02 -0.39 -18.22
C ASP A 142 -9.26 -1.72 -18.19
N LEU A 143 -8.50 -1.95 -17.12
CA LEU A 143 -7.74 -3.18 -16.98
C LEU A 143 -8.64 -4.36 -16.68
N PRO A 144 -8.16 -5.58 -16.93
CA PRO A 144 -8.92 -6.81 -16.69
C PRO A 144 -9.10 -7.09 -15.20
N SER A 145 -10.05 -7.97 -14.88
CA SER A 145 -10.31 -8.33 -13.50
C SER A 145 -10.11 -9.82 -13.26
N GLY A 146 -9.12 -10.38 -13.96
CA GLY A 146 -8.83 -11.80 -13.82
C GLY A 146 -8.39 -12.43 -15.13
N ASP A 147 -9.35 -12.72 -15.99
CA ASP A 147 -9.06 -13.33 -17.28
C ASP A 147 -7.76 -12.79 -17.86
N MET A 40 12.89 8.62 -13.56
CA MET A 40 13.62 7.33 -13.45
C MET A 40 15.13 7.56 -13.39
N ALA A 41 15.62 7.87 -12.19
CA ALA A 41 17.04 8.11 -11.99
C ALA A 41 17.40 8.10 -10.50
N GLY A 42 16.87 7.12 -9.77
CA GLY A 42 17.13 7.02 -8.35
C GLY A 42 16.66 5.71 -7.77
N GLN A 43 15.89 5.79 -6.69
CA GLN A 43 15.37 4.60 -6.03
C GLN A 43 13.92 4.35 -6.43
N SER A 44 13.42 3.16 -6.09
CA SER A 44 12.04 2.80 -6.40
C SER A 44 11.10 3.11 -5.24
N PRO A 45 10.19 4.07 -5.43
CA PRO A 45 9.23 4.47 -4.38
C PRO A 45 8.10 3.46 -4.24
N VAL A 46 8.31 2.45 -3.40
CA VAL A 46 7.31 1.43 -3.16
C VAL A 46 7.27 1.02 -1.70
N LEU A 47 6.13 1.26 -1.06
CA LEU A 47 5.98 0.93 0.35
C LEU A 47 5.01 -0.24 0.53
N ARG A 48 5.20 -1.00 1.62
CA ARG A 48 4.35 -2.13 1.92
C ARG A 48 3.72 -1.98 3.30
N ILE A 49 2.42 -2.19 3.37
CA ILE A 49 1.69 -2.06 4.63
C ILE A 49 1.31 -3.43 5.19
N ILE A 50 1.40 -3.57 6.51
CA ILE A 50 1.06 -4.82 7.17
C ILE A 50 0.31 -4.57 8.48
N VAL A 51 -0.96 -4.94 8.51
CA VAL A 51 -1.79 -4.75 9.69
C VAL A 51 -1.49 -5.81 10.74
N GLU A 52 -1.47 -5.38 12.01
CA GLU A 52 -1.19 -6.29 13.12
C GLU A 52 -2.30 -6.23 14.16
N ASN A 53 -2.69 -7.40 14.66
CA ASN A 53 -3.75 -7.48 15.67
C ASN A 53 -5.09 -7.04 15.09
N LEU A 54 -5.73 -7.92 14.35
CA LEU A 54 -7.03 -7.62 13.74
C LEU A 54 -7.94 -6.91 14.73
N PHE A 55 -8.75 -5.98 14.22
CA PHE A 55 -9.67 -5.24 15.06
C PHE A 55 -10.94 -4.86 14.28
N TYR A 56 -10.75 -4.12 13.19
CA TYR A 56 -11.86 -3.70 12.35
C TYR A 56 -11.57 -3.95 10.88
N PRO A 57 -12.59 -4.40 10.13
CA PRO A 57 -12.44 -4.68 8.69
C PRO A 57 -11.93 -3.48 7.91
N VAL A 58 -10.83 -3.68 7.19
CA VAL A 58 -10.23 -2.61 6.40
C VAL A 58 -10.52 -2.80 4.91
N THR A 59 -10.04 -1.86 4.10
CA THR A 59 -10.27 -1.91 2.67
C THR A 59 -9.25 -1.05 1.92
N LEU A 60 -9.34 -1.05 0.60
CA LEU A 60 -8.44 -0.26 -0.23
C LEU A 60 -8.79 1.23 -0.17
N ASP A 61 -10.08 1.53 -0.30
CA ASP A 61 -10.53 2.90 -0.26
C ASP A 61 -9.83 3.68 0.84
N VAL A 62 -9.51 2.99 1.94
CA VAL A 62 -8.82 3.61 3.06
C VAL A 62 -7.33 3.75 2.78
N LEU A 63 -6.68 2.63 2.49
CA LEU A 63 -5.24 2.63 2.20
C LEU A 63 -4.89 3.74 1.21
N HIS A 64 -5.81 4.03 0.31
CA HIS A 64 -5.60 5.07 -0.70
C HIS A 64 -5.59 6.45 -0.04
N GLN A 65 -6.75 6.87 0.45
CA GLN A 65 -6.88 8.17 1.10
C GLN A 65 -5.90 8.30 2.27
N ILE A 66 -5.35 7.18 2.70
CA ILE A 66 -4.40 7.17 3.82
C ILE A 66 -3.04 7.73 3.40
N PHE A 67 -2.36 7.01 2.53
CA PHE A 67 -1.04 7.42 2.06
C PHE A 67 -1.15 8.43 0.93
N SER A 68 -2.21 8.30 0.15
CA SER A 68 -2.43 9.21 -0.98
C SER A 68 -2.16 10.65 -0.58
N LYS A 69 -2.29 10.95 0.71
CA LYS A 69 -2.05 12.29 1.21
C LYS A 69 -0.57 12.63 1.19
N PHE A 70 0.26 11.69 1.64
CA PHE A 70 1.70 11.89 1.65
C PHE A 70 2.26 11.85 0.23
N GLY A 71 1.39 11.53 -0.73
CA GLY A 71 1.81 11.47 -2.12
C GLY A 71 0.81 10.73 -2.99
N THR A 72 1.01 10.81 -4.29
CA THR A 72 0.12 10.15 -5.24
C THR A 72 0.42 8.66 -5.32
N VAL A 73 -0.60 7.85 -5.07
CA VAL A 73 -0.45 6.41 -5.11
C VAL A 73 -0.78 5.86 -6.50
N LEU A 74 0.26 5.48 -7.23
CA LEU A 74 0.09 4.95 -8.58
C LEU A 74 -0.76 3.69 -8.59
N LYS A 75 -0.46 2.76 -7.68
CA LYS A 75 -1.20 1.51 -7.60
C LYS A 75 -1.27 0.99 -6.16
N ILE A 76 -2.10 -0.04 -5.96
CA ILE A 76 -2.26 -0.64 -4.64
C ILE A 76 -2.69 -2.10 -4.74
N ILE A 77 -2.40 -2.88 -3.72
CA ILE A 77 -2.76 -4.30 -3.70
C ILE A 77 -3.05 -4.78 -2.29
N THR A 78 -3.63 -5.98 -2.19
CA THR A 78 -3.96 -6.57 -0.90
C THR A 78 -3.83 -8.09 -0.94
N PHE A 79 -3.43 -8.69 0.17
CA PHE A 79 -3.28 -10.13 0.26
C PHE A 79 -3.08 -10.57 1.70
N THR A 80 -2.86 -11.87 1.89
CA THR A 80 -2.65 -12.44 3.21
C THR A 80 -1.51 -13.46 3.18
N LYS A 81 -0.38 -13.09 3.75
CA LYS A 81 0.78 -13.98 3.79
C LYS A 81 0.54 -15.12 4.77
N ASN A 82 1.02 -14.96 6.00
CA ASN A 82 0.84 -15.97 7.03
C ASN A 82 -0.42 -15.69 7.82
N ASN A 83 -1.47 -15.25 7.10
CA ASN A 83 -2.73 -14.91 7.72
C ASN A 83 -2.72 -13.47 8.20
N GLN A 84 -2.21 -12.58 7.36
CA GLN A 84 -2.12 -11.16 7.70
C GLN A 84 -2.37 -10.29 6.48
N PHE A 85 -3.46 -9.54 6.50
CA PHE A 85 -3.82 -8.66 5.40
C PHE A 85 -2.75 -7.60 5.17
N GLN A 86 -2.03 -7.72 4.06
CA GLN A 86 -0.98 -6.78 3.72
C GLN A 86 -1.29 -6.09 2.40
N ALA A 87 -1.08 -4.77 2.35
CA ALA A 87 -1.35 -4.00 1.15
C ALA A 87 -0.10 -3.26 0.68
N LEU A 88 0.25 -3.45 -0.59
CA LEU A 88 1.42 -2.81 -1.16
C LEU A 88 1.00 -1.66 -2.08
N LEU A 89 1.82 -0.61 -2.13
CA LEU A 89 1.52 0.55 -2.96
C LEU A 89 2.80 1.20 -3.46
N GLN A 90 2.69 1.97 -4.53
CA GLN A 90 3.83 2.66 -5.11
C GLN A 90 3.59 4.16 -5.15
N TYR A 91 4.66 4.93 -5.00
CA TYR A 91 4.57 6.39 -5.01
C TYR A 91 5.19 6.96 -6.28
N ALA A 92 4.83 8.20 -6.61
CA ALA A 92 5.34 8.87 -7.80
C ALA A 92 6.79 9.27 -7.60
N ASP A 93 7.25 9.28 -6.35
CA ASP A 93 8.62 9.67 -6.04
C ASP A 93 9.03 9.14 -4.66
N PRO A 94 10.25 8.60 -4.54
CA PRO A 94 10.76 8.07 -3.27
C PRO A 94 10.68 9.09 -2.14
N VAL A 95 10.65 10.38 -2.50
CA VAL A 95 10.57 11.44 -1.51
C VAL A 95 9.31 11.33 -0.67
N SER A 96 8.21 10.95 -1.31
CA SER A 96 6.93 10.81 -0.62
C SER A 96 6.86 9.48 0.13
N ALA A 97 7.55 8.47 -0.40
CA ALA A 97 7.57 7.16 0.22
C ALA A 97 8.48 7.14 1.44
N GLN A 98 9.58 7.88 1.37
CA GLN A 98 10.53 7.95 2.46
C GLN A 98 9.91 8.59 3.69
N HIS A 99 9.41 9.81 3.53
CA HIS A 99 8.78 10.54 4.62
C HIS A 99 7.52 9.81 5.11
N ALA A 100 6.67 9.42 4.17
CA ALA A 100 5.44 8.71 4.48
C ALA A 100 5.71 7.53 5.41
N LYS A 101 6.69 6.72 5.05
CA LYS A 101 7.05 5.55 5.84
C LYS A 101 7.24 5.93 7.31
N LEU A 102 8.12 6.90 7.56
CA LEU A 102 8.39 7.34 8.91
C LEU A 102 7.20 8.13 9.48
N SER A 103 6.41 8.71 8.58
CA SER A 103 5.24 9.49 8.99
C SER A 103 4.10 8.57 9.41
N LEU A 104 4.13 7.33 8.94
CA LEU A 104 3.10 6.36 9.27
C LEU A 104 3.71 5.07 9.79
N ASP A 105 4.96 5.14 10.22
CA ASP A 105 5.67 3.97 10.75
C ASP A 105 5.26 3.71 12.19
N GLY A 106 4.15 2.99 12.37
CA GLY A 106 3.68 2.69 13.71
C GLY A 106 2.55 3.60 14.15
N GLN A 107 1.68 3.95 13.22
CA GLN A 107 0.55 4.82 13.52
C GLN A 107 -0.77 4.06 13.39
N ASN A 108 -1.71 4.35 14.28
CA ASN A 108 -3.01 3.70 14.27
C ASN A 108 -3.84 4.18 13.09
N ILE A 109 -4.85 3.39 12.72
CA ILE A 109 -5.72 3.73 11.60
C ILE A 109 -7.07 4.23 12.10
N TYR A 110 -7.54 3.67 13.20
CA TYR A 110 -8.83 4.06 13.78
C TYR A 110 -8.64 4.76 15.11
N ASN A 111 -8.38 3.98 16.16
CA ASN A 111 -8.17 4.52 17.49
C ASN A 111 -7.26 3.61 18.32
N ALA A 112 -5.95 3.83 18.20
CA ALA A 112 -4.98 3.03 18.94
C ALA A 112 -5.17 1.54 18.66
N CYS A 113 -5.41 1.21 17.40
CA CYS A 113 -5.61 -0.18 17.00
C CYS A 113 -5.31 -0.37 15.52
N CYS A 114 -5.30 -1.62 15.07
CA CYS A 114 -5.03 -1.94 13.68
C CYS A 114 -3.63 -1.47 13.28
N THR A 115 -2.73 -1.44 14.25
CA THR A 115 -1.36 -1.02 14.00
C THR A 115 -0.86 -1.53 12.65
N LEU A 116 -0.17 -0.67 11.90
CA LEU A 116 0.35 -1.03 10.60
C LEU A 116 1.84 -0.72 10.51
N ARG A 117 2.52 -1.41 9.60
CA ARG A 117 3.96 -1.21 9.41
C ARG A 117 4.28 -0.95 7.95
N ILE A 118 4.90 0.20 7.67
CA ILE A 118 5.26 0.55 6.30
C ILE A 118 6.75 0.33 6.05
N ASP A 119 7.06 -0.31 4.93
CA ASP A 119 8.45 -0.58 4.57
C ASP A 119 8.61 -0.69 3.05
N PHE A 120 9.78 -0.32 2.55
CA PHE A 120 10.04 -0.38 1.12
C PHE A 120 9.86 -1.80 0.58
N SER A 121 9.14 -1.92 -0.52
CA SER A 121 8.88 -3.22 -1.13
C SER A 121 10.18 -3.99 -1.33
N LYS A 122 10.06 -5.26 -1.69
CA LYS A 122 11.23 -6.11 -1.91
C LYS A 122 11.63 -6.14 -3.38
N LEU A 123 10.64 -6.20 -4.26
CA LEU A 123 10.90 -6.24 -5.69
C LEU A 123 11.01 -4.83 -6.26
N THR A 124 11.14 -3.85 -5.37
CA THR A 124 11.24 -2.46 -5.78
C THR A 124 10.04 -2.06 -6.61
N SER A 125 8.98 -2.85 -6.52
CA SER A 125 7.76 -2.58 -7.27
C SER A 125 6.68 -3.62 -6.96
N LEU A 126 5.44 -3.26 -7.24
CA LEU A 126 4.31 -4.15 -6.99
C LEU A 126 3.82 -4.78 -8.29
N ASN A 127 2.96 -5.79 -8.18
CA ASN A 127 2.42 -6.47 -9.35
C ASN A 127 1.00 -6.01 -9.65
N VAL A 128 0.84 -4.71 -9.91
CA VAL A 128 -0.47 -4.15 -10.23
C VAL A 128 -0.69 -4.08 -11.73
N LYS A 129 -1.39 -5.08 -12.26
CA LYS A 129 -1.67 -5.12 -13.70
C LYS A 129 -3.08 -5.68 -13.94
N TYR A 130 -3.88 -5.71 -12.88
CA TYR A 130 -5.25 -6.21 -12.98
C TYR A 130 -6.10 -5.68 -11.84
N ASN A 131 -7.26 -5.14 -12.17
CA ASN A 131 -8.17 -4.59 -11.17
C ASN A 131 -9.16 -5.66 -10.69
N ASN A 132 -9.55 -5.56 -9.42
CA ASN A 132 -10.48 -6.50 -8.83
C ASN A 132 -9.77 -7.75 -8.28
N ASP A 133 -8.63 -8.07 -8.88
CA ASP A 133 -7.84 -9.23 -8.45
C ASP A 133 -7.01 -8.90 -7.22
N LYS A 134 -7.69 -8.38 -6.20
CA LYS A 134 -7.02 -8.02 -4.95
C LYS A 134 -6.07 -6.84 -5.17
N SER A 135 -6.36 -6.04 -6.19
CA SER A 135 -5.54 -4.89 -6.51
C SER A 135 -6.40 -3.71 -6.96
N ARG A 136 -5.85 -2.51 -6.85
CA ARG A 136 -6.58 -1.30 -7.25
C ARG A 136 -5.62 -0.26 -7.80
N ASP A 137 -5.58 -0.15 -9.13
CA ASP A 137 -4.71 0.81 -9.80
C ASP A 137 -5.41 2.17 -9.95
N TYR A 138 -4.84 3.20 -9.32
CA TYR A 138 -5.41 4.53 -9.40
C TYR A 138 -4.81 5.33 -10.55
N THR A 139 -3.77 4.78 -11.16
CA THR A 139 -3.10 5.44 -12.28
C THR A 139 -3.79 5.11 -13.60
N ARG A 140 -4.33 3.90 -13.69
CA ARG A 140 -5.02 3.46 -14.90
C ARG A 140 -6.21 2.58 -14.56
N PRO A 141 -7.42 3.15 -14.59
CA PRO A 141 -8.66 2.44 -14.29
C PRO A 141 -9.19 1.66 -15.48
N ASP A 142 -8.55 1.82 -16.63
CA ASP A 142 -8.95 1.13 -17.85
C ASP A 142 -8.24 -0.21 -17.97
N LEU A 143 -7.95 -0.83 -16.83
CA LEU A 143 -7.27 -2.12 -16.81
C LEU A 143 -8.26 -3.25 -16.66
N PRO A 144 -7.92 -4.45 -17.17
CA PRO A 144 -8.79 -5.63 -17.09
C PRO A 144 -8.93 -6.15 -15.66
N SER A 145 -9.79 -7.15 -15.48
CA SER A 145 -10.01 -7.74 -14.17
C SER A 145 -9.59 -9.20 -14.15
N GLY A 146 -8.64 -9.55 -15.02
CA GLY A 146 -8.17 -10.92 -15.08
C GLY A 146 -9.02 -11.80 -15.96
N ASP A 147 -9.14 -11.41 -17.23
CA ASP A 147 -9.95 -12.17 -18.19
C ASP A 147 -9.07 -12.72 -19.30
N MET A 40 17.57 8.52 -14.94
CA MET A 40 17.76 7.05 -14.85
C MET A 40 18.83 6.68 -13.83
N ALA A 41 18.53 6.89 -12.56
CA ALA A 41 19.46 6.59 -11.48
C ALA A 41 19.15 5.24 -10.85
N GLY A 42 18.35 5.26 -9.79
CA GLY A 42 18.00 4.02 -9.11
C GLY A 42 16.96 4.24 -8.01
N GLN A 43 16.13 5.26 -8.18
CA GLN A 43 15.10 5.57 -7.20
C GLN A 43 13.87 4.71 -7.43
N SER A 44 13.26 4.25 -6.32
CA SER A 44 12.07 3.41 -6.40
C SER A 44 11.14 3.66 -5.22
N PRO A 45 10.11 4.50 -5.43
CA PRO A 45 9.13 4.83 -4.38
C PRO A 45 8.09 3.75 -4.21
N VAL A 46 8.39 2.78 -3.35
CA VAL A 46 7.46 1.67 -3.10
C VAL A 46 7.43 1.32 -1.62
N LEU A 47 6.23 1.32 -1.05
CA LEU A 47 6.04 0.99 0.36
C LEU A 47 5.34 -0.34 0.54
N ARG A 48 5.51 -0.94 1.71
CA ARG A 48 4.89 -2.23 2.02
C ARG A 48 4.24 -2.18 3.40
N ILE A 49 2.93 -2.02 3.42
CA ILE A 49 2.18 -1.96 4.68
C ILE A 49 1.88 -3.36 5.22
N ILE A 50 1.91 -3.50 6.53
CA ILE A 50 1.64 -4.77 7.18
C ILE A 50 0.79 -4.59 8.44
N VAL A 51 -0.45 -5.06 8.38
CA VAL A 51 -1.37 -4.94 9.52
C VAL A 51 -1.02 -5.94 10.62
N GLU A 52 -1.15 -5.51 11.86
CA GLU A 52 -0.85 -6.37 13.01
C GLU A 52 -1.92 -6.20 14.08
N ASN A 53 -2.66 -7.27 14.34
CA ASN A 53 -3.72 -7.26 15.35
C ASN A 53 -4.89 -6.39 14.90
N LEU A 54 -5.19 -6.46 13.61
CA LEU A 54 -6.29 -5.68 13.04
C LEU A 54 -7.52 -5.76 13.93
N PHE A 55 -8.30 -4.67 13.96
CA PHE A 55 -9.51 -4.63 14.75
C PHE A 55 -10.75 -4.50 13.86
N TYR A 56 -10.54 -3.98 12.66
CA TYR A 56 -11.63 -3.81 11.70
C TYR A 56 -11.19 -4.18 10.29
N PRO A 57 -12.10 -4.80 9.51
CA PRO A 57 -11.79 -5.21 8.14
C PRO A 57 -11.68 -4.03 7.18
N VAL A 58 -10.44 -3.67 6.86
CA VAL A 58 -10.18 -2.55 5.96
C VAL A 58 -10.04 -3.03 4.52
N THR A 59 -9.82 -2.09 3.61
CA THR A 59 -9.69 -2.42 2.20
C THR A 59 -8.67 -1.52 1.51
N LEU A 60 -8.77 -1.46 0.18
CA LEU A 60 -7.88 -0.66 -0.63
C LEU A 60 -8.31 0.80 -0.62
N ASP A 61 -9.59 1.04 -0.85
CA ASP A 61 -10.14 2.39 -0.87
C ASP A 61 -9.53 3.22 0.25
N VAL A 62 -9.27 2.57 1.39
CA VAL A 62 -8.70 3.25 2.54
C VAL A 62 -7.19 3.42 2.37
N LEU A 63 -6.49 2.32 2.10
CA LEU A 63 -5.05 2.36 1.90
C LEU A 63 -4.66 3.45 0.92
N HIS A 64 -5.53 3.70 -0.05
CA HIS A 64 -5.29 4.72 -1.07
C HIS A 64 -5.34 6.11 -0.44
N GLN A 65 -6.52 6.50 0.03
CA GLN A 65 -6.69 7.81 0.64
C GLN A 65 -5.78 7.97 1.86
N ILE A 66 -5.24 6.86 2.33
CA ILE A 66 -4.36 6.86 3.48
C ILE A 66 -3.01 7.52 3.15
N PHE A 67 -2.25 6.88 2.29
CA PHE A 67 -0.94 7.40 1.88
C PHE A 67 -1.09 8.42 0.76
N SER A 68 -2.16 8.28 -0.02
CA SER A 68 -2.42 9.19 -1.12
C SER A 68 -2.18 10.63 -0.71
N LYS A 69 -2.32 10.90 0.58
CA LYS A 69 -2.12 12.26 1.11
C LYS A 69 -0.64 12.63 1.12
N PHE A 70 0.19 11.70 1.59
CA PHE A 70 1.63 11.93 1.64
C PHE A 70 2.22 11.90 0.24
N GLY A 71 1.39 11.55 -0.74
CA GLY A 71 1.86 11.49 -2.10
C GLY A 71 0.88 10.76 -3.02
N THR A 72 1.11 10.88 -4.33
CA THR A 72 0.24 10.23 -5.30
C THR A 72 0.50 8.73 -5.35
N VAL A 73 -0.55 7.96 -5.12
CA VAL A 73 -0.44 6.50 -5.13
C VAL A 73 -0.77 5.95 -6.51
N LEU A 74 0.26 5.51 -7.22
CA LEU A 74 0.09 4.97 -8.56
C LEU A 74 -0.80 3.73 -8.55
N LYS A 75 -0.51 2.79 -7.65
CA LYS A 75 -1.29 1.56 -7.55
C LYS A 75 -1.31 1.03 -6.13
N ILE A 76 -2.16 0.02 -5.90
CA ILE A 76 -2.29 -0.59 -4.57
C ILE A 76 -2.69 -2.05 -4.69
N ILE A 77 -2.08 -2.90 -3.88
CA ILE A 77 -2.38 -4.33 -3.90
C ILE A 77 -2.37 -4.91 -2.49
N THR A 78 -3.48 -5.53 -2.10
CA THR A 78 -3.60 -6.12 -0.77
C THR A 78 -3.96 -7.60 -0.88
N PHE A 79 -3.63 -8.36 0.16
CA PHE A 79 -3.91 -9.79 0.19
C PHE A 79 -3.70 -10.37 1.59
N THR A 80 -4.00 -11.65 1.75
CA THR A 80 -3.85 -12.31 3.03
C THR A 80 -3.35 -13.75 2.85
N LYS A 81 -2.10 -13.99 3.21
CA LYS A 81 -1.50 -15.31 3.10
C LYS A 81 -1.65 -16.09 4.39
N ASN A 82 -2.79 -16.77 4.53
CA ASN A 82 -3.06 -17.56 5.73
C ASN A 82 -3.14 -16.65 6.96
N ASN A 83 -3.89 -15.57 6.84
CA ASN A 83 -4.04 -14.61 7.93
C ASN A 83 -2.91 -13.59 7.94
N GLN A 84 -2.48 -13.20 6.74
CA GLN A 84 -1.41 -12.22 6.60
C GLN A 84 -1.85 -11.03 5.76
N PHE A 85 -2.80 -10.26 6.29
CA PHE A 85 -3.33 -9.10 5.58
C PHE A 85 -2.22 -8.07 5.32
N GLN A 86 -1.73 -8.05 4.09
CA GLN A 86 -0.69 -7.11 3.71
C GLN A 86 -1.19 -6.15 2.64
N ALA A 87 -0.56 -4.97 2.56
CA ALA A 87 -0.96 -3.98 1.57
C ALA A 87 0.25 -3.21 1.03
N LEU A 88 0.47 -3.34 -0.28
CA LEU A 88 1.60 -2.66 -0.92
C LEU A 88 1.10 -1.56 -1.85
N LEU A 89 1.97 -0.61 -2.14
CA LEU A 89 1.60 0.50 -3.03
C LEU A 89 2.85 1.21 -3.56
N GLN A 90 2.76 1.71 -4.78
CA GLN A 90 3.88 2.41 -5.40
C GLN A 90 3.64 3.93 -5.41
N TYR A 91 4.65 4.68 -4.99
CA TYR A 91 4.54 6.13 -4.95
C TYR A 91 5.11 6.75 -6.23
N ALA A 92 4.90 8.06 -6.38
CA ALA A 92 5.39 8.77 -7.56
C ALA A 92 6.82 9.23 -7.36
N ASP A 93 7.12 9.76 -6.17
CA ASP A 93 8.47 10.24 -5.86
C ASP A 93 8.96 9.65 -4.54
N PRO A 94 10.24 9.23 -4.49
CA PRO A 94 10.84 8.65 -3.29
C PRO A 94 10.71 9.57 -2.07
N VAL A 95 10.84 10.87 -2.30
CA VAL A 95 10.74 11.85 -1.22
C VAL A 95 9.41 11.73 -0.51
N SER A 96 8.35 11.46 -1.27
CA SER A 96 7.02 11.32 -0.72
C SER A 96 6.86 9.96 -0.04
N ALA A 97 7.71 9.01 -0.43
CA ALA A 97 7.66 7.67 0.14
C ALA A 97 8.43 7.61 1.45
N GLN A 98 9.56 8.32 1.51
CA GLN A 98 10.39 8.35 2.71
C GLN A 98 9.63 8.93 3.88
N HIS A 99 9.14 10.15 3.72
CA HIS A 99 8.39 10.82 4.78
C HIS A 99 7.15 10.02 5.17
N ALA A 100 6.36 9.64 4.16
CA ALA A 100 5.14 8.88 4.39
C ALA A 100 5.44 7.62 5.22
N LYS A 101 6.60 7.03 5.00
CA LYS A 101 7.01 5.83 5.72
C LYS A 101 7.05 6.08 7.22
N LEU A 102 7.76 7.14 7.62
CA LEU A 102 7.89 7.48 9.03
C LEU A 102 6.62 8.16 9.54
N SER A 103 5.90 8.80 8.63
CA SER A 103 4.67 9.49 8.99
C SER A 103 3.60 8.50 9.45
N LEU A 104 3.69 7.28 8.95
CA LEU A 104 2.72 6.23 9.30
C LEU A 104 3.44 4.99 9.83
N ASP A 105 4.72 5.14 10.14
CA ASP A 105 5.51 4.02 10.66
C ASP A 105 5.12 3.70 12.09
N GLY A 106 4.52 2.52 12.28
CA GLY A 106 4.10 2.11 13.61
C GLY A 106 2.88 2.87 14.09
N GLN A 107 2.09 3.36 13.14
CA GLN A 107 0.88 4.11 13.48
C GLN A 107 -0.37 3.25 13.31
N ASN A 108 -1.52 3.82 13.61
CA ASN A 108 -2.79 3.10 13.49
C ASN A 108 -3.65 3.68 12.38
N ILE A 109 -4.61 2.89 11.91
CA ILE A 109 -5.50 3.32 10.83
C ILE A 109 -6.77 3.95 11.40
N TYR A 110 -7.12 3.56 12.62
CA TYR A 110 -8.32 4.09 13.27
C TYR A 110 -7.96 4.77 14.58
N ASN A 111 -7.57 3.98 15.58
CA ASN A 111 -7.21 4.51 16.89
C ASN A 111 -6.66 3.40 17.79
N ALA A 112 -5.37 3.45 18.05
CA ALA A 112 -4.73 2.46 18.92
C ALA A 112 -5.09 1.04 18.48
N CYS A 113 -5.25 0.86 17.17
CA CYS A 113 -5.61 -0.44 16.62
C CYS A 113 -5.17 -0.56 15.16
N CYS A 114 -5.06 -1.79 14.67
CA CYS A 114 -4.66 -2.02 13.29
C CYS A 114 -3.19 -1.67 13.08
N THR A 115 -2.43 -1.67 14.16
CA THR A 115 -1.01 -1.36 14.10
C THR A 115 -0.38 -1.88 12.81
N LEU A 116 -0.12 -0.98 11.86
CA LEU A 116 0.47 -1.37 10.59
C LEU A 116 1.97 -1.04 10.57
N ARG A 117 2.71 -1.77 9.74
CA ARG A 117 4.15 -1.56 9.61
C ARG A 117 4.51 -1.17 8.19
N ILE A 118 4.88 0.10 8.00
CA ILE A 118 5.26 0.61 6.69
C ILE A 118 6.77 0.48 6.46
N ASP A 119 7.12 -0.04 5.29
CA ASP A 119 8.53 -0.21 4.93
C ASP A 119 8.68 -0.35 3.42
N PHE A 120 9.82 0.09 2.90
CA PHE A 120 10.09 0.01 1.48
C PHE A 120 10.01 -1.44 0.99
N SER A 121 9.36 -1.63 -0.16
CA SER A 121 9.21 -2.96 -0.73
C SER A 121 10.55 -3.68 -0.79
N LYS A 122 10.51 -4.99 -1.03
CA LYS A 122 11.72 -5.79 -1.11
C LYS A 122 12.34 -5.71 -2.49
N LEU A 123 11.51 -5.74 -3.52
CA LEU A 123 12.00 -5.67 -4.90
C LEU A 123 12.06 -4.23 -5.39
N THR A 124 11.81 -3.31 -4.48
CA THR A 124 11.83 -1.89 -4.80
C THR A 124 11.01 -1.62 -6.04
N SER A 125 10.07 -2.52 -6.32
CA SER A 125 9.21 -2.39 -7.48
C SER A 125 7.77 -2.77 -7.16
N LEU A 126 6.83 -2.15 -7.85
CA LEU A 126 5.41 -2.41 -7.64
C LEU A 126 4.60 -2.01 -8.88
N ASN A 127 4.11 -3.01 -9.60
CA ASN A 127 3.31 -2.77 -10.81
C ASN A 127 2.00 -3.54 -10.75
N VAL A 128 0.89 -2.81 -10.92
CA VAL A 128 -0.43 -3.42 -10.89
C VAL A 128 -0.68 -4.24 -12.15
N LYS A 129 -0.42 -5.55 -12.07
CA LYS A 129 -0.63 -6.44 -13.20
C LYS A 129 -2.01 -7.08 -13.12
N TYR A 130 -2.85 -6.54 -12.26
CA TYR A 130 -4.21 -7.06 -12.08
C TYR A 130 -5.08 -6.03 -11.36
N ASN A 131 -6.37 -6.02 -11.70
CA ASN A 131 -7.31 -5.08 -11.09
C ASN A 131 -8.58 -5.80 -10.64
N ASN A 132 -8.67 -6.10 -9.35
CA ASN A 132 -9.83 -6.78 -8.81
C ASN A 132 -9.72 -6.95 -7.30
N ASP A 133 -10.58 -6.22 -6.58
CA ASP A 133 -10.61 -6.28 -5.12
C ASP A 133 -9.21 -6.19 -4.50
N LYS A 134 -8.50 -7.31 -4.47
CA LYS A 134 -7.16 -7.35 -3.91
C LYS A 134 -6.21 -6.45 -4.69
N SER A 135 -6.56 -6.18 -5.93
CA SER A 135 -5.73 -5.33 -6.79
C SER A 135 -6.50 -4.10 -7.24
N ARG A 136 -5.87 -2.94 -7.10
CA ARG A 136 -6.49 -1.67 -7.49
C ARG A 136 -5.49 -0.77 -8.19
N ASP A 137 -5.90 -0.20 -9.32
CA ASP A 137 -5.04 0.69 -10.08
C ASP A 137 -5.56 2.12 -10.06
N TYR A 138 -4.66 3.07 -9.81
CA TYR A 138 -5.04 4.48 -9.77
C TYR A 138 -4.21 5.29 -10.76
N THR A 139 -3.92 4.70 -11.91
CA THR A 139 -3.14 5.36 -12.94
C THR A 139 -3.28 4.66 -14.29
N ARG A 140 -3.12 3.34 -14.28
CA ARG A 140 -3.23 2.56 -15.50
C ARG A 140 -4.50 1.70 -15.49
N PRO A 141 -5.59 2.22 -16.06
CA PRO A 141 -6.87 1.53 -16.13
C PRO A 141 -6.95 0.54 -17.29
N ASP A 142 -5.89 0.52 -18.10
CA ASP A 142 -5.82 -0.37 -19.26
C ASP A 142 -5.22 -1.72 -18.88
N LEU A 143 -5.41 -2.12 -17.63
CA LEU A 143 -4.89 -3.39 -17.16
C LEU A 143 -5.99 -4.45 -17.08
N PRO A 144 -5.60 -5.73 -17.11
CA PRO A 144 -6.56 -6.84 -17.05
C PRO A 144 -7.18 -7.00 -15.66
N SER A 145 -8.09 -7.95 -15.53
CA SER A 145 -8.75 -8.21 -14.27
C SER A 145 -8.47 -9.63 -13.77
N GLY A 146 -7.51 -10.28 -14.41
CA GLY A 146 -7.15 -11.64 -14.04
C GLY A 146 -5.87 -12.11 -14.71
N ASP A 147 -5.86 -12.09 -16.04
CA ASP A 147 -4.70 -12.51 -16.80
C ASP A 147 -4.69 -11.88 -18.19
N MET A 40 13.26 14.33 -13.07
CA MET A 40 13.75 12.97 -13.41
C MET A 40 13.51 12.00 -12.25
N ALA A 41 12.75 10.94 -12.50
CA ALA A 41 12.45 9.95 -11.48
C ALA A 41 13.71 9.52 -10.75
N GLY A 42 13.54 9.03 -9.52
CA GLY A 42 14.68 8.58 -8.74
C GLY A 42 14.31 7.49 -7.76
N GLN A 43 15.33 6.79 -7.26
CA GLN A 43 15.11 5.70 -6.30
C GLN A 43 13.91 4.86 -6.70
N SER A 44 13.46 4.00 -5.79
CA SER A 44 12.33 3.12 -6.06
C SER A 44 11.28 3.25 -4.96
N PRO A 45 10.24 4.07 -5.19
CA PRO A 45 9.16 4.28 -4.22
C PRO A 45 8.20 3.10 -4.17
N VAL A 46 8.51 2.13 -3.33
CA VAL A 46 7.67 0.94 -3.18
C VAL A 46 7.61 0.50 -1.73
N LEU A 47 6.50 0.81 -1.07
CA LEU A 47 6.31 0.46 0.33
C LEU A 47 5.26 -0.65 0.47
N ARG A 48 5.44 -1.48 1.50
CA ARG A 48 4.51 -2.58 1.76
C ARG A 48 3.95 -2.48 3.17
N ILE A 49 2.65 -2.25 3.28
CA ILE A 49 1.99 -2.12 4.56
C ILE A 49 1.61 -3.49 5.14
N ILE A 50 1.74 -3.62 6.45
CA ILE A 50 1.41 -4.87 7.13
C ILE A 50 0.71 -4.60 8.45
N VAL A 51 -0.52 -5.09 8.57
CA VAL A 51 -1.30 -4.89 9.79
C VAL A 51 -0.86 -5.86 10.89
N GLU A 52 -1.00 -5.42 12.13
CA GLU A 52 -0.62 -6.24 13.28
C GLU A 52 -1.75 -6.31 14.30
N ASN A 53 -2.28 -7.51 14.51
CA ASN A 53 -3.37 -7.70 15.47
C ASN A 53 -4.70 -7.27 14.86
N LEU A 54 -5.11 -7.95 13.78
CA LEU A 54 -6.36 -7.63 13.11
C LEU A 54 -7.49 -7.45 14.12
N PHE A 55 -8.17 -6.31 14.03
CA PHE A 55 -9.27 -5.99 14.93
C PHE A 55 -10.41 -5.31 14.18
N TYR A 56 -10.08 -4.26 13.45
CA TYR A 56 -11.07 -3.51 12.68
C TYR A 56 -10.95 -3.82 11.19
N PRO A 57 -12.10 -3.90 10.50
CA PRO A 57 -12.14 -4.19 9.06
C PRO A 57 -11.63 -3.03 8.22
N VAL A 58 -10.66 -3.29 7.36
CA VAL A 58 -10.09 -2.27 6.49
C VAL A 58 -10.25 -2.64 5.02
N THR A 59 -9.79 -1.76 4.15
CA THR A 59 -9.89 -1.99 2.71
C THR A 59 -8.89 -1.12 1.95
N LEU A 60 -8.88 -1.26 0.63
CA LEU A 60 -7.98 -0.49 -0.23
C LEU A 60 -8.39 0.97 -0.26
N ASP A 61 -9.68 1.21 -0.44
CA ASP A 61 -10.21 2.58 -0.49
C ASP A 61 -9.55 3.45 0.56
N VAL A 62 -9.24 2.86 1.71
CA VAL A 62 -8.59 3.57 2.80
C VAL A 62 -7.11 3.77 2.54
N LEU A 63 -6.42 2.67 2.24
CA LEU A 63 -4.98 2.72 1.96
C LEU A 63 -4.67 3.81 0.94
N HIS A 64 -5.44 3.84 -0.14
CA HIS A 64 -5.25 4.83 -1.19
C HIS A 64 -5.36 6.24 -0.64
N GLN A 65 -6.55 6.61 -0.17
CA GLN A 65 -6.80 7.92 0.39
C GLN A 65 -5.94 8.16 1.63
N ILE A 66 -5.33 7.09 2.13
CA ILE A 66 -4.48 7.18 3.32
C ILE A 66 -3.12 7.78 2.97
N PHE A 67 -2.34 7.04 2.18
CA PHE A 67 -1.02 7.50 1.78
C PHE A 67 -1.13 8.54 0.68
N SER A 68 -2.21 8.48 -0.07
CA SER A 68 -2.45 9.42 -1.17
C SER A 68 -2.17 10.84 -0.73
N LYS A 69 -2.27 11.09 0.58
CA LYS A 69 -2.02 12.42 1.13
C LYS A 69 -0.53 12.71 1.19
N PHE A 70 0.23 11.73 1.67
CA PHE A 70 1.68 11.88 1.77
C PHE A 70 2.32 11.85 0.38
N GLY A 71 1.50 11.53 -0.63
CA GLY A 71 2.01 11.47 -1.99
C GLY A 71 1.02 10.83 -2.94
N THR A 72 1.31 10.93 -4.24
CA THR A 72 0.44 10.36 -5.25
C THR A 72 0.60 8.84 -5.29
N VAL A 73 -0.49 8.14 -5.01
CA VAL A 73 -0.48 6.69 -5.01
C VAL A 73 -0.75 6.14 -6.41
N LEU A 74 0.30 5.64 -7.05
CA LEU A 74 0.18 5.09 -8.40
C LEU A 74 -0.69 3.83 -8.41
N LYS A 75 -0.32 2.85 -7.58
CA LYS A 75 -1.07 1.60 -7.50
C LYS A 75 -1.14 1.11 -6.06
N ILE A 76 -2.01 0.11 -5.83
CA ILE A 76 -2.18 -0.47 -4.51
C ILE A 76 -2.70 -1.90 -4.60
N ILE A 77 -2.10 -2.80 -3.83
CA ILE A 77 -2.51 -4.21 -3.83
C ILE A 77 -2.63 -4.74 -2.41
N THR A 78 -3.36 -5.84 -2.27
CA THR A 78 -3.56 -6.46 -0.97
C THR A 78 -3.68 -7.98 -1.09
N PHE A 79 -3.23 -8.68 -0.07
CA PHE A 79 -3.29 -10.14 -0.07
C PHE A 79 -3.00 -10.70 1.33
N THR A 80 -3.72 -11.75 1.69
CA THR A 80 -3.55 -12.38 3.00
C THR A 80 -2.79 -13.70 2.88
N LYS A 81 -1.57 -13.72 3.42
CA LYS A 81 -0.74 -14.91 3.37
C LYS A 81 -1.00 -15.80 4.57
N ASN A 82 -2.07 -16.59 4.50
CA ASN A 82 -2.45 -17.48 5.59
C ASN A 82 -2.89 -16.68 6.81
N ASN A 83 -3.70 -15.66 6.58
CA ASN A 83 -4.20 -14.82 7.66
C ASN A 83 -3.21 -13.69 7.96
N GLN A 84 -2.62 -13.15 6.91
CA GLN A 84 -1.65 -12.06 7.05
C GLN A 84 -1.93 -10.95 6.05
N PHE A 85 -2.72 -9.96 6.47
CA PHE A 85 -3.06 -8.84 5.60
C PHE A 85 -1.82 -8.02 5.24
N GLN A 86 -1.42 -8.09 3.98
CA GLN A 86 -0.25 -7.37 3.50
C GLN A 86 -0.56 -6.65 2.18
N ALA A 87 -0.49 -5.33 2.20
CA ALA A 87 -0.76 -4.54 1.00
C ALA A 87 0.50 -3.88 0.47
N LEU A 88 0.50 -3.56 -0.82
CA LEU A 88 1.64 -2.91 -1.45
C LEU A 88 1.34 -1.45 -1.76
N LEU A 89 2.38 -0.64 -1.88
CA LEU A 89 2.22 0.78 -2.17
C LEU A 89 3.30 1.28 -3.12
N GLN A 90 2.87 1.86 -4.24
CA GLN A 90 3.81 2.39 -5.24
C GLN A 90 3.64 3.89 -5.40
N TYR A 91 4.56 4.65 -4.81
CA TYR A 91 4.51 6.10 -4.89
C TYR A 91 5.11 6.60 -6.20
N ALA A 92 4.90 7.87 -6.50
CA ALA A 92 5.42 8.47 -7.72
C ALA A 92 6.86 8.93 -7.53
N ASP A 93 7.23 9.19 -6.28
CA ASP A 93 8.58 9.63 -5.96
C ASP A 93 9.01 9.15 -4.58
N PRO A 94 10.26 8.70 -4.44
CA PRO A 94 10.80 8.19 -3.18
C PRO A 94 10.63 9.20 -2.04
N VAL A 95 10.62 10.48 -2.39
CA VAL A 95 10.47 11.54 -1.40
C VAL A 95 9.14 11.41 -0.66
N SER A 96 8.08 11.08 -1.40
CA SER A 96 6.76 10.92 -0.81
C SER A 96 6.66 9.60 -0.05
N ALA A 97 7.55 8.68 -0.36
CA ALA A 97 7.57 7.38 0.30
C ALA A 97 8.38 7.42 1.59
N GLN A 98 9.45 8.21 1.58
CA GLN A 98 10.31 8.34 2.76
C GLN A 98 9.53 8.95 3.92
N HIS A 99 8.96 10.13 3.71
CA HIS A 99 8.19 10.81 4.74
C HIS A 99 6.96 10.00 5.13
N ALA A 100 6.19 9.60 4.13
CA ALA A 100 4.98 8.82 4.36
C ALA A 100 5.25 7.66 5.31
N LYS A 101 6.34 6.95 5.07
CA LYS A 101 6.71 5.81 5.90
C LYS A 101 6.83 6.23 7.37
N LEU A 102 7.46 7.37 7.60
CA LEU A 102 7.64 7.88 8.96
C LEU A 102 6.34 8.45 9.50
N SER A 103 5.47 8.88 8.60
CA SER A 103 4.18 9.46 8.99
C SER A 103 3.16 8.37 9.29
N LEU A 104 3.51 7.13 8.97
CA LEU A 104 2.62 6.00 9.22
C LEU A 104 3.40 4.78 9.69
N ASP A 105 4.66 5.00 10.05
CA ASP A 105 5.52 3.92 10.52
C ASP A 105 5.01 3.33 11.84
N GLY A 106 4.32 2.20 11.76
CA GLY A 106 3.79 1.56 12.94
C GLY A 106 2.79 2.42 13.68
N GLN A 107 1.88 3.04 12.94
CA GLN A 107 0.86 3.90 13.54
C GLN A 107 -0.50 3.21 13.55
N ASN A 108 -1.52 3.92 13.99
CA ASN A 108 -2.88 3.38 14.05
C ASN A 108 -3.77 4.04 12.99
N ILE A 109 -4.95 3.47 12.79
CA ILE A 109 -5.90 3.99 11.81
C ILE A 109 -7.14 4.56 12.50
N TYR A 110 -7.53 3.95 13.60
CA TYR A 110 -8.69 4.40 14.36
C TYR A 110 -8.54 4.09 15.84
N ASN A 111 -9.22 4.87 16.67
CA ASN A 111 -9.16 4.69 18.12
C ASN A 111 -7.72 4.46 18.58
N ALA A 112 -7.32 3.19 18.62
CA ALA A 112 -5.97 2.83 19.04
C ALA A 112 -5.66 1.38 18.69
N CYS A 113 -5.93 1.00 17.44
CA CYS A 113 -5.67 -0.36 16.99
C CYS A 113 -5.37 -0.38 15.49
N CYS A 114 -5.21 -1.58 14.94
CA CYS A 114 -4.92 -1.74 13.53
C CYS A 114 -3.51 -1.23 13.20
N THR A 115 -2.57 -1.53 14.07
CA THR A 115 -1.18 -1.11 13.88
C THR A 115 -0.81 -1.13 12.40
N LEU A 116 -0.20 -0.05 11.93
CA LEU A 116 0.22 0.05 10.54
C LEU A 116 1.74 0.14 10.43
N ARG A 117 2.34 -0.91 9.87
CA ARG A 117 3.79 -0.95 9.70
C ARG A 117 4.17 -0.92 8.22
N ILE A 118 4.81 0.16 7.81
CA ILE A 118 5.22 0.32 6.41
C ILE A 118 6.72 0.11 6.25
N ASP A 119 7.11 -0.54 5.15
CA ASP A 119 8.52 -0.80 4.88
C ASP A 119 8.77 -0.86 3.38
N PHE A 120 9.96 -0.44 2.96
CA PHE A 120 10.32 -0.45 1.56
C PHE A 120 10.28 -1.87 0.99
N SER A 121 9.65 -2.02 -0.17
CA SER A 121 9.53 -3.32 -0.82
C SER A 121 10.88 -4.00 -0.92
N LYS A 122 10.87 -5.31 -1.18
CA LYS A 122 12.10 -6.08 -1.29
C LYS A 122 12.54 -6.20 -2.74
N LEU A 123 11.59 -6.40 -3.64
CA LEU A 123 11.90 -6.52 -5.07
C LEU A 123 12.03 -5.15 -5.71
N THR A 124 11.98 -4.12 -4.89
CA THR A 124 12.09 -2.75 -5.37
C THR A 124 11.15 -2.52 -6.53
N SER A 125 10.10 -3.34 -6.59
CA SER A 125 9.11 -3.24 -7.65
C SER A 125 7.73 -3.69 -7.19
N LEU A 126 6.69 -3.03 -7.70
CA LEU A 126 5.32 -3.37 -7.36
C LEU A 126 4.36 -2.66 -8.30
N ASN A 127 3.73 -3.43 -9.18
CA ASN A 127 2.79 -2.87 -10.15
C ASN A 127 1.44 -3.56 -10.04
N VAL A 128 0.52 -3.20 -10.94
CA VAL A 128 -0.81 -3.79 -10.94
C VAL A 128 -1.02 -4.67 -12.16
N LYS A 129 -0.74 -5.96 -12.01
CA LYS A 129 -0.91 -6.91 -13.10
C LYS A 129 -2.37 -7.34 -13.19
N TYR A 130 -3.17 -6.89 -12.24
CA TYR A 130 -4.59 -7.20 -12.20
C TYR A 130 -5.35 -6.11 -11.45
N ASN A 131 -6.63 -5.95 -11.76
CA ASN A 131 -7.45 -4.93 -11.12
C ASN A 131 -8.79 -5.49 -10.66
N ASN A 132 -8.86 -5.89 -9.38
CA ASN A 132 -10.10 -6.44 -8.84
C ASN A 132 -9.93 -6.89 -7.40
N ASP A 133 -10.54 -6.16 -6.48
CA ASP A 133 -10.50 -6.48 -5.05
C ASP A 133 -9.08 -6.58 -4.52
N LYS A 134 -8.37 -7.65 -4.91
CA LYS A 134 -7.01 -7.87 -4.45
C LYS A 134 -6.08 -6.78 -4.94
N SER A 135 -6.49 -6.09 -6.00
CA SER A 135 -5.68 -5.02 -6.56
C SER A 135 -6.53 -3.80 -6.89
N ARG A 136 -5.86 -2.68 -7.17
CA ARG A 136 -6.54 -1.44 -7.51
C ARG A 136 -5.57 -0.46 -8.16
N ASP A 137 -6.02 0.15 -9.26
CA ASP A 137 -5.18 1.12 -9.98
C ASP A 137 -5.84 2.50 -9.99
N TYR A 138 -5.01 3.53 -9.89
CA TYR A 138 -5.51 4.91 -9.90
C TYR A 138 -4.80 5.74 -10.97
N THR A 139 -4.67 5.16 -12.16
CA THR A 139 -4.01 5.84 -13.27
C THR A 139 -4.33 5.15 -14.60
N ARG A 140 -4.25 3.83 -14.60
CA ARG A 140 -4.53 3.05 -15.81
C ARG A 140 -5.35 1.82 -15.48
N PRO A 141 -6.69 1.94 -15.51
CA PRO A 141 -7.60 0.84 -15.22
C PRO A 141 -7.82 -0.07 -16.42
N ASP A 142 -6.93 0.02 -17.40
CA ASP A 142 -7.03 -0.81 -18.60
C ASP A 142 -6.28 -2.13 -18.42
N LEU A 143 -6.25 -2.61 -17.18
CA LEU A 143 -5.57 -3.86 -16.87
C LEU A 143 -6.52 -5.05 -16.99
N PRO A 144 -5.97 -6.25 -17.21
CA PRO A 144 -6.77 -7.47 -17.34
C PRO A 144 -7.49 -7.84 -16.05
N SER A 145 -8.53 -8.65 -16.17
CA SER A 145 -9.30 -9.08 -15.01
C SER A 145 -9.34 -10.61 -14.92
N GLY A 146 -8.31 -11.25 -15.46
CA GLY A 146 -8.26 -12.70 -15.43
C GLY A 146 -8.34 -13.32 -16.82
N ASP A 147 -9.16 -14.35 -16.96
CA ASP A 147 -9.32 -15.02 -18.25
C ASP A 147 -8.00 -15.60 -18.73
N MET A 40 19.29 6.52 -12.12
CA MET A 40 19.52 5.68 -10.91
C MET A 40 18.85 4.33 -11.04
N ALA A 41 19.66 3.28 -11.13
CA ALA A 41 19.15 1.92 -11.25
C ALA A 41 17.95 1.70 -10.34
N GLY A 42 18.16 1.87 -9.03
CA GLY A 42 17.10 1.68 -8.07
C GLY A 42 15.99 2.70 -8.23
N GLN A 43 15.69 3.43 -7.17
CA GLN A 43 14.64 4.45 -7.20
C GLN A 43 13.28 3.80 -7.38
N SER A 44 12.81 3.10 -6.35
CA SER A 44 11.51 2.43 -6.40
C SER A 44 10.66 2.83 -5.21
N PRO A 45 9.71 3.76 -5.40
CA PRO A 45 8.82 4.24 -4.34
C PRO A 45 7.68 3.27 -4.06
N VAL A 46 7.94 2.31 -3.16
CA VAL A 46 6.93 1.33 -2.80
C VAL A 46 6.95 1.05 -1.30
N LEU A 47 5.77 1.04 -0.69
CA LEU A 47 5.65 0.78 0.73
C LEU A 47 4.90 -0.52 1.00
N ARG A 48 5.33 -1.24 2.03
CA ARG A 48 4.70 -2.50 2.40
C ARG A 48 4.03 -2.39 3.76
N ILE A 49 2.72 -2.10 3.75
CA ILE A 49 1.96 -1.96 4.97
C ILE A 49 1.52 -3.32 5.50
N ILE A 50 1.99 -3.67 6.70
CA ILE A 50 1.64 -4.95 7.32
C ILE A 50 0.87 -4.73 8.61
N VAL A 51 -0.36 -5.24 8.65
CA VAL A 51 -1.20 -5.11 9.83
C VAL A 51 -0.88 -6.18 10.87
N GLU A 52 -0.64 -5.75 12.10
CA GLU A 52 -0.31 -6.67 13.17
C GLU A 52 -1.43 -6.68 14.22
N ASN A 53 -2.08 -7.82 14.38
CA ASN A 53 -3.16 -7.96 15.35
C ASN A 53 -4.46 -7.40 14.78
N LEU A 54 -4.92 -7.99 13.68
CA LEU A 54 -6.16 -7.56 13.03
C LEU A 54 -7.26 -7.34 14.05
N PHE A 55 -7.86 -6.15 14.01
CA PHE A 55 -8.95 -5.81 14.92
C PHE A 55 -10.18 -5.36 14.15
N TYR A 56 -9.96 -4.60 13.08
CA TYR A 56 -11.06 -4.11 12.26
C TYR A 56 -10.80 -4.41 10.78
N PRO A 57 -11.85 -4.82 10.04
CA PRO A 57 -11.74 -5.14 8.62
C PRO A 57 -11.56 -3.89 7.76
N VAL A 58 -10.36 -3.72 7.20
CA VAL A 58 -10.06 -2.58 6.36
C VAL A 58 -10.12 -2.96 4.89
N THR A 59 -9.88 -1.98 4.02
CA THR A 59 -9.92 -2.22 2.58
C THR A 59 -8.90 -1.38 1.83
N LEU A 60 -9.14 -1.24 0.53
CA LEU A 60 -8.26 -0.45 -0.32
C LEU A 60 -8.63 1.03 -0.29
N ASP A 61 -9.94 1.30 -0.30
CA ASP A 61 -10.43 2.67 -0.26
C ASP A 61 -9.80 3.44 0.89
N VAL A 62 -9.47 2.73 1.96
CA VAL A 62 -8.87 3.35 3.13
C VAL A 62 -7.34 3.44 2.99
N LEU A 63 -6.73 2.36 2.54
CA LEU A 63 -5.28 2.32 2.37
C LEU A 63 -4.84 3.32 1.31
N HIS A 64 -5.69 3.54 0.31
CA HIS A 64 -5.39 4.48 -0.77
C HIS A 64 -5.49 5.92 -0.28
N GLN A 65 -6.63 6.27 0.29
CA GLN A 65 -6.85 7.61 0.79
C GLN A 65 -5.85 7.95 1.90
N ILE A 66 -5.35 6.92 2.57
CA ILE A 66 -4.39 7.10 3.65
C ILE A 66 -3.07 7.68 3.12
N PHE A 67 -2.38 6.90 2.31
CA PHE A 67 -1.10 7.33 1.75
C PHE A 67 -1.32 8.37 0.65
N SER A 68 -2.39 8.20 -0.11
CA SER A 68 -2.70 9.13 -1.19
C SER A 68 -2.50 10.57 -0.76
N LYS A 69 -2.62 10.81 0.54
CA LYS A 69 -2.45 12.15 1.09
C LYS A 69 -0.98 12.55 1.09
N PHE A 70 -0.11 11.63 1.49
CA PHE A 70 1.31 11.88 1.52
C PHE A 70 1.87 11.92 0.11
N GLY A 71 1.02 11.60 -0.87
CA GLY A 71 1.45 11.60 -2.25
C GLY A 71 0.53 10.80 -3.15
N THR A 72 0.69 10.96 -4.46
CA THR A 72 -0.14 10.25 -5.43
C THR A 72 0.20 8.76 -5.44
N VAL A 73 -0.81 7.93 -5.27
CA VAL A 73 -0.62 6.48 -5.26
C VAL A 73 -0.84 5.90 -6.65
N LEU A 74 0.25 5.55 -7.31
CA LEU A 74 0.19 4.97 -8.65
C LEU A 74 -0.62 3.67 -8.66
N LYS A 75 -0.31 2.79 -7.71
CA LYS A 75 -1.00 1.52 -7.62
C LYS A 75 -1.20 1.11 -6.16
N ILE A 76 -1.90 -0.01 -5.96
CA ILE A 76 -2.16 -0.52 -4.62
C ILE A 76 -2.50 -2.00 -4.65
N ILE A 77 -1.76 -2.79 -3.85
CA ILE A 77 -1.99 -4.23 -3.79
C ILE A 77 -2.29 -4.67 -2.37
N THR A 78 -3.17 -5.66 -2.23
CA THR A 78 -3.54 -6.17 -0.92
C THR A 78 -3.74 -7.68 -0.96
N PHE A 79 -3.43 -8.34 0.15
CA PHE A 79 -3.57 -9.80 0.24
C PHE A 79 -3.45 -10.27 1.69
N THR A 80 -3.51 -11.57 1.88
CA THR A 80 -3.41 -12.16 3.22
C THR A 80 -2.54 -13.40 3.20
N LYS A 81 -1.34 -13.29 3.76
CA LYS A 81 -0.40 -14.41 3.81
C LYS A 81 -0.85 -15.42 4.87
N ASN A 82 -1.99 -16.05 4.63
CA ASN A 82 -2.53 -17.02 5.56
C ASN A 82 -3.10 -16.32 6.79
N ASN A 83 -3.96 -15.34 6.54
CA ASN A 83 -4.59 -14.57 7.61
C ASN A 83 -3.69 -13.40 8.02
N GLN A 84 -2.79 -13.01 7.12
CA GLN A 84 -1.87 -11.90 7.39
C GLN A 84 -2.10 -10.76 6.41
N PHE A 85 -2.90 -9.79 6.81
CA PHE A 85 -3.21 -8.64 5.96
C PHE A 85 -1.94 -7.86 5.62
N GLN A 86 -1.69 -7.69 4.33
CA GLN A 86 -0.51 -6.96 3.87
C GLN A 86 -0.80 -6.21 2.58
N ALA A 87 -0.60 -4.89 2.60
CA ALA A 87 -0.86 -4.06 1.43
C ALA A 87 0.41 -3.37 0.96
N LEU A 88 0.78 -3.60 -0.29
CA LEU A 88 1.96 -2.98 -0.87
C LEU A 88 1.59 -2.02 -1.99
N LEU A 89 1.82 -0.74 -1.76
CA LEU A 89 1.50 0.28 -2.76
C LEU A 89 2.75 0.95 -3.29
N GLN A 90 2.62 1.61 -4.44
CA GLN A 90 3.74 2.30 -5.06
C GLN A 90 3.47 3.80 -5.16
N TYR A 91 4.50 4.60 -4.92
CA TYR A 91 4.37 6.06 -4.98
C TYR A 91 4.92 6.61 -6.29
N ALA A 92 4.67 7.88 -6.54
CA ALA A 92 5.14 8.54 -7.75
C ALA A 92 6.62 8.90 -7.64
N ASP A 93 7.05 9.22 -6.42
CA ASP A 93 8.44 9.59 -6.17
C ASP A 93 8.88 9.13 -4.79
N PRO A 94 10.13 8.65 -4.68
CA PRO A 94 10.69 8.17 -3.40
C PRO A 94 10.59 9.21 -2.29
N VAL A 95 10.53 10.49 -2.69
CA VAL A 95 10.44 11.57 -1.72
C VAL A 95 9.14 11.49 -0.92
N SER A 96 8.04 11.25 -1.61
CA SER A 96 6.73 11.15 -0.96
C SER A 96 6.61 9.83 -0.21
N ALA A 97 7.45 8.87 -0.55
CA ALA A 97 7.43 7.57 0.09
C ALA A 97 8.28 7.56 1.36
N GLN A 98 9.38 8.32 1.34
CA GLN A 98 10.27 8.40 2.48
C GLN A 98 9.55 9.03 3.67
N HIS A 99 9.01 10.22 3.47
CA HIS A 99 8.30 10.92 4.53
C HIS A 99 7.03 10.16 4.94
N ALA A 100 6.28 9.69 3.95
CA ALA A 100 5.06 8.95 4.20
C ALA A 100 5.31 7.80 5.17
N LYS A 101 6.29 6.96 4.85
CA LYS A 101 6.64 5.82 5.69
C LYS A 101 6.76 6.24 7.15
N LEU A 102 7.64 7.19 7.42
CA LEU A 102 7.85 7.67 8.78
C LEU A 102 6.59 8.36 9.31
N SER A 103 5.77 8.87 8.39
CA SER A 103 4.54 9.55 8.77
C SER A 103 3.46 8.55 9.15
N LEU A 104 3.70 7.28 8.85
CA LEU A 104 2.74 6.23 9.17
C LEU A 104 3.45 5.00 9.72
N ASP A 105 4.72 5.16 10.08
CA ASP A 105 5.51 4.06 10.62
C ASP A 105 5.30 3.94 12.12
N GLY A 106 4.20 3.32 12.51
CA GLY A 106 3.90 3.15 13.92
C GLY A 106 2.66 3.91 14.36
N GLN A 107 1.70 4.06 13.44
CA GLN A 107 0.47 4.77 13.74
C GLN A 107 -0.73 3.87 13.52
N ASN A 108 -1.75 4.02 14.38
CA ASN A 108 -2.96 3.22 14.29
C ASN A 108 -3.90 3.77 13.22
N ILE A 109 -4.88 2.97 12.82
CA ILE A 109 -5.84 3.40 11.81
C ILE A 109 -7.15 3.83 12.44
N TYR A 110 -7.72 2.96 13.29
CA TYR A 110 -8.97 3.25 13.96
C TYR A 110 -8.78 3.31 15.48
N ASN A 111 -8.54 4.51 15.99
CA ASN A 111 -8.33 4.69 17.43
C ASN A 111 -7.58 3.52 18.03
N ALA A 112 -6.25 3.63 18.04
CA ALA A 112 -5.40 2.57 18.59
C ALA A 112 -5.70 1.22 17.92
N CYS A 113 -4.74 0.32 18.00
CA CYS A 113 -4.90 -1.01 17.40
C CYS A 113 -4.66 -0.96 15.89
N CYS A 114 -4.83 -2.10 15.24
CA CYS A 114 -4.64 -2.19 13.79
C CYS A 114 -3.23 -1.72 13.40
N THR A 115 -2.34 -1.71 14.39
CA THR A 115 -0.96 -1.29 14.15
C THR A 115 -0.48 -1.72 12.76
N LEU A 116 -0.04 -0.76 11.96
CA LEU A 116 0.43 -1.04 10.62
C LEU A 116 1.95 -0.88 10.52
N ARG A 117 2.58 -1.69 9.68
CA ARG A 117 4.02 -1.64 9.51
C ARG A 117 4.38 -1.42 8.04
N ILE A 118 4.82 -0.21 7.72
CA ILE A 118 5.19 0.14 6.36
C ILE A 118 6.69 -0.02 6.14
N ASP A 119 7.07 -0.63 5.02
CA ASP A 119 8.48 -0.83 4.70
C ASP A 119 8.68 -0.87 3.19
N PHE A 120 9.84 -0.39 2.74
CA PHE A 120 10.16 -0.37 1.32
C PHE A 120 10.13 -1.78 0.73
N SER A 121 9.36 -1.95 -0.33
CA SER A 121 9.24 -3.25 -0.99
C SER A 121 10.62 -3.75 -1.43
N LYS A 122 10.72 -5.05 -1.66
CA LYS A 122 11.98 -5.66 -2.07
C LYS A 122 12.05 -5.79 -3.59
N LEU A 123 10.91 -5.99 -4.23
CA LEU A 123 10.86 -6.13 -5.68
C LEU A 123 10.87 -4.77 -6.36
N THR A 124 11.05 -3.73 -5.58
CA THR A 124 11.08 -2.37 -6.09
C THR A 124 9.81 -2.07 -6.87
N SER A 125 8.79 -2.88 -6.63
CA SER A 125 7.51 -2.71 -7.30
C SER A 125 6.57 -3.88 -7.01
N LEU A 126 5.27 -3.61 -7.05
CA LEU A 126 4.26 -4.63 -6.78
C LEU A 126 3.62 -5.11 -8.09
N ASN A 127 3.52 -6.42 -8.25
CA ASN A 127 2.93 -7.00 -9.45
C ASN A 127 1.48 -6.55 -9.60
N VAL A 128 1.29 -5.43 -10.31
CA VAL A 128 -0.05 -4.89 -10.52
C VAL A 128 -0.47 -5.06 -11.98
N LYS A 129 -1.28 -6.07 -12.24
CA LYS A 129 -1.76 -6.35 -13.59
C LYS A 129 -3.22 -6.81 -13.57
N TYR A 130 -3.93 -6.44 -12.51
CA TYR A 130 -5.32 -6.82 -12.36
C TYR A 130 -6.10 -5.74 -11.62
N ASN A 131 -7.28 -5.41 -12.15
CA ASN A 131 -8.13 -4.38 -11.54
C ASN A 131 -9.51 -4.95 -11.19
N ASN A 132 -9.64 -5.42 -9.96
CA ASN A 132 -10.91 -6.00 -9.50
C ASN A 132 -11.20 -5.59 -8.06
N ASP A 133 -10.29 -5.94 -7.16
CA ASP A 133 -10.47 -5.61 -5.74
C ASP A 133 -9.19 -5.93 -4.96
N LYS A 134 -8.53 -7.02 -5.33
CA LYS A 134 -7.30 -7.42 -4.66
C LYS A 134 -6.16 -6.46 -5.00
N SER A 135 -6.29 -5.75 -6.11
CA SER A 135 -5.27 -4.80 -6.54
C SER A 135 -5.92 -3.56 -7.16
N ARG A 136 -5.13 -2.49 -7.28
CA ARG A 136 -5.62 -1.25 -7.86
C ARG A 136 -4.50 -0.51 -8.58
N ASP A 137 -4.71 -0.26 -9.88
CA ASP A 137 -3.72 0.44 -10.69
C ASP A 137 -4.21 1.83 -11.07
N TYR A 138 -3.75 2.83 -10.34
CA TYR A 138 -4.14 4.22 -10.60
C TYR A 138 -3.21 4.86 -11.62
N THR A 139 -2.47 4.03 -12.35
CA THR A 139 -1.54 4.52 -13.36
C THR A 139 -1.65 3.71 -14.65
N ARG A 140 -2.70 2.92 -14.77
CA ARG A 140 -2.92 2.09 -15.94
C ARG A 140 -4.22 1.31 -15.84
N PRO A 141 -5.27 1.79 -16.52
CA PRO A 141 -6.58 1.16 -16.52
C PRO A 141 -6.72 0.11 -17.62
N ASP A 142 -5.62 -0.20 -18.28
CA ASP A 142 -5.62 -1.18 -19.36
C ASP A 142 -5.35 -2.58 -18.82
N LEU A 143 -5.76 -2.82 -17.59
CA LEU A 143 -5.57 -4.13 -16.95
C LEU A 143 -6.88 -4.87 -16.81
N PRO A 144 -6.84 -6.20 -16.86
CA PRO A 144 -8.03 -7.05 -16.75
C PRO A 144 -8.64 -7.00 -15.34
N SER A 145 -9.80 -7.61 -15.19
CA SER A 145 -10.48 -7.65 -13.90
C SER A 145 -10.82 -9.08 -13.49
N GLY A 146 -9.93 -10.01 -13.82
CA GLY A 146 -10.15 -11.40 -13.49
C GLY A 146 -10.77 -12.18 -14.62
N ASP A 147 -11.88 -12.86 -14.34
CA ASP A 147 -12.58 -13.65 -15.34
C ASP A 147 -14.07 -13.34 -15.34
N MET A 40 19.29 6.52 -12.12
CA MET A 40 19.52 5.68 -10.91
C MET A 40 18.85 4.33 -11.04
N ALA A 41 19.66 3.28 -11.13
CA ALA A 41 19.15 1.92 -11.25
C ALA A 41 17.95 1.70 -10.34
N GLY A 42 18.16 1.87 -9.03
CA GLY A 42 17.10 1.68 -8.07
C GLY A 42 15.99 2.70 -8.23
N GLN A 43 15.69 3.43 -7.17
CA GLN A 43 14.64 4.45 -7.20
C GLN A 43 13.28 3.80 -7.38
N SER A 44 12.81 3.10 -6.35
CA SER A 44 11.51 2.43 -6.40
C SER A 44 10.66 2.83 -5.21
N PRO A 45 9.71 3.76 -5.40
CA PRO A 45 8.82 4.24 -4.34
C PRO A 45 7.68 3.27 -4.06
N VAL A 46 7.94 2.31 -3.16
CA VAL A 46 6.93 1.33 -2.80
C VAL A 46 6.95 1.05 -1.30
N LEU A 47 5.77 1.04 -0.69
CA LEU A 47 5.65 0.78 0.73
C LEU A 47 4.90 -0.52 1.00
N ARG A 48 5.33 -1.24 2.03
CA ARG A 48 4.70 -2.50 2.40
C ARG A 48 4.03 -2.39 3.76
N ILE A 49 2.72 -2.10 3.75
CA ILE A 49 1.96 -1.96 4.97
C ILE A 49 1.52 -3.32 5.50
N ILE A 50 1.99 -3.67 6.70
CA ILE A 50 1.64 -4.95 7.32
C ILE A 50 0.87 -4.73 8.61
N VAL A 51 -0.36 -5.24 8.65
CA VAL A 51 -1.20 -5.11 9.83
C VAL A 51 -0.88 -6.18 10.87
N GLU A 52 -0.64 -5.75 12.10
CA GLU A 52 -0.31 -6.67 13.17
C GLU A 52 -1.43 -6.68 14.22
N ASN A 53 -2.08 -7.82 14.38
CA ASN A 53 -3.16 -7.96 15.35
C ASN A 53 -4.46 -7.40 14.78
N LEU A 54 -4.92 -7.99 13.68
CA LEU A 54 -6.16 -7.56 13.03
C LEU A 54 -7.26 -7.34 14.05
N PHE A 55 -7.86 -6.15 14.01
CA PHE A 55 -8.95 -5.81 14.92
C PHE A 55 -10.18 -5.36 14.15
N TYR A 56 -9.96 -4.60 13.08
CA TYR A 56 -11.06 -4.11 12.26
C TYR A 56 -10.80 -4.41 10.78
N PRO A 57 -11.85 -4.82 10.04
CA PRO A 57 -11.74 -5.14 8.62
C PRO A 57 -11.56 -3.89 7.76
N VAL A 58 -10.36 -3.72 7.20
CA VAL A 58 -10.06 -2.58 6.36
C VAL A 58 -10.12 -2.96 4.89
N THR A 59 -9.88 -1.98 4.02
CA THR A 59 -9.92 -2.22 2.58
C THR A 59 -8.90 -1.38 1.83
N LEU A 60 -9.14 -1.24 0.53
CA LEU A 60 -8.26 -0.45 -0.32
C LEU A 60 -8.63 1.03 -0.29
N ASP A 61 -9.94 1.30 -0.30
CA ASP A 61 -10.43 2.67 -0.26
C ASP A 61 -9.80 3.44 0.89
N VAL A 62 -9.47 2.73 1.96
CA VAL A 62 -8.87 3.35 3.13
C VAL A 62 -7.34 3.44 2.99
N LEU A 63 -6.73 2.36 2.54
CA LEU A 63 -5.28 2.32 2.37
C LEU A 63 -4.84 3.32 1.31
N HIS A 64 -5.69 3.54 0.31
CA HIS A 64 -5.39 4.48 -0.77
C HIS A 64 -5.49 5.92 -0.28
N GLN A 65 -6.63 6.27 0.29
CA GLN A 65 -6.85 7.61 0.79
C GLN A 65 -5.85 7.95 1.90
N ILE A 66 -5.35 6.92 2.57
CA ILE A 66 -4.39 7.10 3.65
C ILE A 66 -3.07 7.68 3.12
N PHE A 67 -2.38 6.90 2.31
CA PHE A 67 -1.10 7.33 1.75
C PHE A 67 -1.32 8.37 0.65
N SER A 68 -2.39 8.20 -0.11
CA SER A 68 -2.70 9.13 -1.19
C SER A 68 -2.50 10.57 -0.76
N LYS A 69 -2.62 10.81 0.54
CA LYS A 69 -2.45 12.15 1.09
C LYS A 69 -0.98 12.55 1.09
N PHE A 70 -0.11 11.63 1.49
CA PHE A 70 1.31 11.88 1.52
C PHE A 70 1.87 11.92 0.11
N GLY A 71 1.02 11.60 -0.87
CA GLY A 71 1.45 11.60 -2.25
C GLY A 71 0.53 10.80 -3.15
N THR A 72 0.69 10.96 -4.46
CA THR A 72 -0.14 10.25 -5.43
C THR A 72 0.20 8.76 -5.44
N VAL A 73 -0.81 7.93 -5.27
CA VAL A 73 -0.62 6.48 -5.26
C VAL A 73 -0.84 5.90 -6.65
N LEU A 74 0.25 5.55 -7.31
CA LEU A 74 0.19 4.97 -8.65
C LEU A 74 -0.62 3.67 -8.66
N LYS A 75 -0.31 2.79 -7.71
CA LYS A 75 -1.00 1.52 -7.62
C LYS A 75 -1.20 1.11 -6.16
N ILE A 76 -1.90 -0.01 -5.96
CA ILE A 76 -2.16 -0.52 -4.62
C ILE A 76 -2.50 -2.00 -4.65
N ILE A 77 -1.76 -2.79 -3.85
CA ILE A 77 -1.99 -4.23 -3.79
C ILE A 77 -2.29 -4.67 -2.37
N THR A 78 -3.17 -5.66 -2.23
CA THR A 78 -3.54 -6.17 -0.92
C THR A 78 -3.74 -7.68 -0.96
N PHE A 79 -3.43 -8.34 0.15
CA PHE A 79 -3.57 -9.80 0.24
C PHE A 79 -3.45 -10.27 1.69
N THR A 80 -3.51 -11.57 1.88
CA THR A 80 -3.41 -12.16 3.22
C THR A 80 -2.54 -13.40 3.20
N LYS A 81 -1.34 -13.29 3.76
CA LYS A 81 -0.40 -14.41 3.81
C LYS A 81 -0.85 -15.42 4.87
N ASN A 82 -1.99 -16.05 4.63
CA ASN A 82 -2.53 -17.02 5.56
C ASN A 82 -3.10 -16.32 6.79
N ASN A 83 -3.96 -15.34 6.54
CA ASN A 83 -4.59 -14.57 7.61
C ASN A 83 -3.69 -13.40 8.02
N GLN A 84 -2.79 -13.01 7.12
CA GLN A 84 -1.87 -11.90 7.39
C GLN A 84 -2.10 -10.76 6.41
N PHE A 85 -2.90 -9.79 6.81
CA PHE A 85 -3.21 -8.64 5.96
C PHE A 85 -1.94 -7.86 5.62
N GLN A 86 -1.69 -7.69 4.33
CA GLN A 86 -0.51 -6.96 3.87
C GLN A 86 -0.80 -6.21 2.58
N ALA A 87 -0.60 -4.89 2.60
CA ALA A 87 -0.86 -4.06 1.43
C ALA A 87 0.41 -3.37 0.96
N LEU A 88 0.78 -3.60 -0.29
CA LEU A 88 1.96 -2.98 -0.87
C LEU A 88 1.59 -2.02 -1.99
N LEU A 89 1.82 -0.74 -1.76
CA LEU A 89 1.50 0.28 -2.76
C LEU A 89 2.75 0.95 -3.29
N GLN A 90 2.62 1.61 -4.44
CA GLN A 90 3.74 2.30 -5.06
C GLN A 90 3.47 3.80 -5.16
N TYR A 91 4.50 4.60 -4.92
CA TYR A 91 4.37 6.06 -4.98
C TYR A 91 4.92 6.61 -6.29
N ALA A 92 4.67 7.88 -6.54
CA ALA A 92 5.14 8.54 -7.75
C ALA A 92 6.62 8.90 -7.64
N ASP A 93 7.05 9.22 -6.42
CA ASP A 93 8.44 9.59 -6.17
C ASP A 93 8.88 9.13 -4.79
N PRO A 94 10.13 8.65 -4.68
CA PRO A 94 10.69 8.17 -3.40
C PRO A 94 10.59 9.21 -2.29
N VAL A 95 10.53 10.49 -2.69
CA VAL A 95 10.44 11.57 -1.72
C VAL A 95 9.14 11.49 -0.92
N SER A 96 8.04 11.25 -1.61
CA SER A 96 6.73 11.15 -0.96
C SER A 96 6.61 9.83 -0.21
N ALA A 97 7.45 8.87 -0.55
CA ALA A 97 7.43 7.57 0.09
C ALA A 97 8.28 7.56 1.36
N GLN A 98 9.38 8.32 1.34
CA GLN A 98 10.27 8.40 2.48
C GLN A 98 9.55 9.03 3.67
N HIS A 99 9.01 10.22 3.47
CA HIS A 99 8.30 10.92 4.53
C HIS A 99 7.03 10.16 4.94
N ALA A 100 6.28 9.69 3.95
CA ALA A 100 5.06 8.95 4.20
C ALA A 100 5.31 7.80 5.17
N LYS A 101 6.29 6.96 4.85
CA LYS A 101 6.64 5.82 5.69
C LYS A 101 6.76 6.24 7.15
N LEU A 102 7.64 7.19 7.42
CA LEU A 102 7.85 7.67 8.78
C LEU A 102 6.59 8.36 9.31
N SER A 103 5.77 8.87 8.39
CA SER A 103 4.54 9.55 8.77
C SER A 103 3.46 8.55 9.15
N LEU A 104 3.70 7.28 8.85
CA LEU A 104 2.74 6.23 9.17
C LEU A 104 3.45 5.00 9.72
N ASP A 105 4.72 5.16 10.08
CA ASP A 105 5.51 4.06 10.62
C ASP A 105 5.30 3.94 12.12
N GLY A 106 4.20 3.32 12.51
CA GLY A 106 3.90 3.15 13.92
C GLY A 106 2.66 3.91 14.36
N GLN A 107 1.70 4.06 13.44
CA GLN A 107 0.47 4.77 13.74
C GLN A 107 -0.73 3.87 13.52
N ASN A 108 -1.75 4.02 14.38
CA ASN A 108 -2.96 3.22 14.29
C ASN A 108 -3.90 3.77 13.22
N ILE A 109 -4.88 2.97 12.82
CA ILE A 109 -5.84 3.40 11.81
C ILE A 109 -7.15 3.83 12.44
N TYR A 110 -7.72 2.96 13.29
CA TYR A 110 -8.97 3.25 13.96
C TYR A 110 -8.78 3.31 15.48
N ASN A 111 -8.54 4.51 15.99
CA ASN A 111 -8.33 4.69 17.43
C ASN A 111 -7.58 3.52 18.03
N ALA A 112 -6.25 3.63 18.04
CA ALA A 112 -5.40 2.57 18.59
C ALA A 112 -5.70 1.22 17.92
N CYS A 113 -4.74 0.32 18.00
CA CYS A 113 -4.90 -1.01 17.40
C CYS A 113 -4.66 -0.96 15.89
N CYS A 114 -4.83 -2.10 15.24
CA CYS A 114 -4.64 -2.19 13.79
C CYS A 114 -3.23 -1.72 13.40
N THR A 115 -2.34 -1.71 14.39
CA THR A 115 -0.96 -1.29 14.15
C THR A 115 -0.48 -1.72 12.76
N LEU A 116 -0.04 -0.76 11.96
CA LEU A 116 0.43 -1.04 10.62
C LEU A 116 1.95 -0.88 10.52
N ARG A 117 2.58 -1.69 9.68
CA ARG A 117 4.02 -1.64 9.51
C ARG A 117 4.38 -1.42 8.04
N ILE A 118 4.82 -0.21 7.72
CA ILE A 118 5.19 0.14 6.36
C ILE A 118 6.69 -0.02 6.14
N ASP A 119 7.07 -0.63 5.02
CA ASP A 119 8.48 -0.83 4.70
C ASP A 119 8.68 -0.87 3.19
N PHE A 120 9.84 -0.39 2.74
CA PHE A 120 10.16 -0.37 1.32
C PHE A 120 10.13 -1.78 0.73
N SER A 121 9.36 -1.95 -0.33
CA SER A 121 9.24 -3.25 -0.99
C SER A 121 10.62 -3.75 -1.43
N LYS A 122 10.72 -5.05 -1.66
CA LYS A 122 11.98 -5.66 -2.07
C LYS A 122 12.05 -5.79 -3.59
N LEU A 123 10.91 -5.99 -4.23
CA LEU A 123 10.86 -6.13 -5.68
C LEU A 123 10.87 -4.77 -6.36
N THR A 124 11.05 -3.73 -5.58
CA THR A 124 11.08 -2.37 -6.09
C THR A 124 9.81 -2.07 -6.87
N SER A 125 8.79 -2.88 -6.63
CA SER A 125 7.51 -2.71 -7.30
C SER A 125 6.57 -3.88 -7.01
N LEU A 126 5.27 -3.61 -7.05
CA LEU A 126 4.26 -4.63 -6.78
C LEU A 126 3.62 -5.11 -8.09
N ASN A 127 3.52 -6.42 -8.25
CA ASN A 127 2.93 -7.00 -9.45
C ASN A 127 1.48 -6.55 -9.60
N VAL A 128 1.29 -5.43 -10.31
CA VAL A 128 -0.05 -4.89 -10.52
C VAL A 128 -0.47 -5.06 -11.98
N LYS A 129 -1.28 -6.07 -12.24
CA LYS A 129 -1.76 -6.35 -13.59
C LYS A 129 -3.22 -6.81 -13.57
N TYR A 130 -3.93 -6.44 -12.51
CA TYR A 130 -5.32 -6.82 -12.36
C TYR A 130 -6.10 -5.74 -11.62
N ASN A 131 -7.28 -5.41 -12.15
CA ASN A 131 -8.13 -4.38 -11.54
C ASN A 131 -9.51 -4.95 -11.19
N ASN A 132 -9.64 -5.42 -9.96
CA ASN A 132 -10.91 -6.00 -9.50
C ASN A 132 -11.20 -5.59 -8.06
N ASP A 133 -10.29 -5.94 -7.16
CA ASP A 133 -10.47 -5.61 -5.74
C ASP A 133 -9.19 -5.93 -4.96
N LYS A 134 -8.53 -7.02 -5.33
CA LYS A 134 -7.30 -7.42 -4.66
C LYS A 134 -6.16 -6.46 -5.00
N SER A 135 -6.29 -5.75 -6.11
CA SER A 135 -5.27 -4.80 -6.54
C SER A 135 -5.92 -3.56 -7.16
N ARG A 136 -5.13 -2.49 -7.28
CA ARG A 136 -5.62 -1.25 -7.86
C ARG A 136 -4.50 -0.51 -8.58
N ASP A 137 -4.71 -0.26 -9.88
CA ASP A 137 -3.72 0.44 -10.69
C ASP A 137 -4.21 1.83 -11.07
N TYR A 138 -3.75 2.83 -10.34
CA TYR A 138 -4.14 4.22 -10.60
C TYR A 138 -3.21 4.86 -11.62
N THR A 139 -2.47 4.03 -12.35
CA THR A 139 -1.54 4.52 -13.36
C THR A 139 -1.65 3.71 -14.65
N ARG A 140 -2.70 2.92 -14.77
CA ARG A 140 -2.92 2.09 -15.94
C ARG A 140 -4.22 1.31 -15.84
N PRO A 141 -5.27 1.79 -16.52
CA PRO A 141 -6.58 1.16 -16.52
C PRO A 141 -6.72 0.11 -17.62
N ASP A 142 -5.62 -0.20 -18.28
CA ASP A 142 -5.62 -1.18 -19.36
C ASP A 142 -5.35 -2.58 -18.82
N LEU A 143 -5.76 -2.82 -17.59
CA LEU A 143 -5.57 -4.13 -16.95
C LEU A 143 -6.88 -4.87 -16.81
N PRO A 144 -6.84 -6.20 -16.86
CA PRO A 144 -8.03 -7.05 -16.75
C PRO A 144 -8.64 -7.00 -15.34
N SER A 145 -9.80 -7.61 -15.19
CA SER A 145 -10.48 -7.65 -13.90
C SER A 145 -10.82 -9.08 -13.49
N GLY A 146 -9.93 -10.01 -13.82
CA GLY A 146 -10.15 -11.40 -13.49
C GLY A 146 -10.77 -12.18 -14.62
N ASP A 147 -11.88 -12.86 -14.34
CA ASP A 147 -12.58 -13.65 -15.34
C ASP A 147 -14.07 -13.34 -15.34
N MET A 40 18.57 5.89 -2.90
CA MET A 40 18.00 4.97 -1.88
C MET A 40 17.41 3.73 -2.53
N ALA A 41 18.28 2.76 -2.85
CA ALA A 41 17.85 1.53 -3.47
C ALA A 41 17.38 1.75 -4.90
N GLY A 42 18.22 2.40 -5.70
CA GLY A 42 17.88 2.67 -7.08
C GLY A 42 16.65 3.54 -7.21
N GLN A 43 16.43 4.40 -6.21
CA GLN A 43 15.27 5.30 -6.21
C GLN A 43 14.00 4.53 -6.55
N SER A 44 13.63 3.60 -5.68
CA SER A 44 12.43 2.79 -5.88
C SER A 44 11.38 3.13 -4.83
N PRO A 45 10.40 3.99 -5.18
CA PRO A 45 9.33 4.39 -4.28
C PRO A 45 8.23 3.35 -4.20
N VAL A 46 8.40 2.37 -3.32
CA VAL A 46 7.41 1.31 -3.14
C VAL A 46 7.27 0.94 -1.67
N LEU A 47 6.14 1.32 -1.08
CA LEU A 47 5.89 1.02 0.33
C LEU A 47 5.06 -0.24 0.49
N ARG A 48 5.18 -0.89 1.64
CA ARG A 48 4.43 -2.11 1.92
C ARG A 48 3.82 -2.07 3.32
N ILE A 49 2.51 -1.85 3.37
CA ILE A 49 1.79 -1.78 4.63
C ILE A 49 1.41 -3.17 5.12
N ILE A 50 1.50 -3.36 6.43
CA ILE A 50 1.17 -4.65 7.03
C ILE A 50 0.43 -4.46 8.36
N VAL A 51 -0.67 -5.19 8.52
CA VAL A 51 -1.47 -5.09 9.73
C VAL A 51 -0.94 -6.03 10.82
N GLU A 52 -1.18 -5.68 12.07
CA GLU A 52 -0.72 -6.47 13.20
C GLU A 52 -1.84 -6.67 14.22
N ASN A 53 -2.31 -7.90 14.34
CA ASN A 53 -3.39 -8.22 15.28
C ASN A 53 -4.75 -7.84 14.71
N LEU A 54 -5.24 -8.65 13.78
CA LEU A 54 -6.53 -8.40 13.16
C LEU A 54 -7.59 -8.04 14.21
N PHE A 55 -8.21 -6.89 14.04
CA PHE A 55 -9.24 -6.43 14.97
C PHE A 55 -10.45 -5.89 14.22
N TYR A 56 -10.19 -5.10 13.18
CA TYR A 56 -11.27 -4.52 12.38
C TYR A 56 -11.03 -4.77 10.90
N PRO A 57 -12.11 -4.93 10.13
CA PRO A 57 -12.04 -5.18 8.69
C PRO A 57 -11.60 -3.94 7.91
N VAL A 58 -10.42 -4.02 7.30
CA VAL A 58 -9.88 -2.91 6.53
C VAL A 58 -10.14 -3.11 5.04
N THR A 59 -9.65 -2.16 4.23
CA THR A 59 -9.85 -2.22 2.80
C THR A 59 -8.83 -1.34 2.07
N LEU A 60 -8.89 -1.34 0.75
CA LEU A 60 -7.98 -0.54 -0.06
C LEU A 60 -8.36 0.94 -0.01
N ASP A 61 -9.62 1.23 -0.28
CA ASP A 61 -10.11 2.61 -0.26
C ASP A 61 -9.51 3.37 0.93
N VAL A 62 -9.20 2.64 2.00
CA VAL A 62 -8.63 3.26 3.19
C VAL A 62 -7.13 3.48 3.02
N LEU A 63 -6.42 2.41 2.71
CA LEU A 63 -4.97 2.49 2.52
C LEU A 63 -4.61 3.53 1.46
N HIS A 64 -5.47 3.65 0.46
CA HIS A 64 -5.24 4.61 -0.62
C HIS A 64 -5.34 6.04 -0.10
N GLN A 65 -6.51 6.39 0.44
CA GLN A 65 -6.73 7.73 0.98
C GLN A 65 -5.76 8.03 2.12
N ILE A 66 -5.10 6.99 2.62
CA ILE A 66 -4.15 7.14 3.71
C ILE A 66 -2.83 7.74 3.21
N PHE A 67 -2.12 6.97 2.39
CA PHE A 67 -0.84 7.41 1.86
C PHE A 67 -1.05 8.42 0.73
N SER A 68 -2.13 8.23 -0.01
CA SER A 68 -2.44 9.13 -1.12
C SER A 68 -2.23 10.58 -0.73
N LYS A 69 -2.33 10.87 0.56
CA LYS A 69 -2.14 12.22 1.07
C LYS A 69 -0.68 12.61 1.04
N PHE A 70 0.18 11.68 1.45
CA PHE A 70 1.61 11.92 1.47
C PHE A 70 2.17 11.95 0.06
N GLY A 71 1.31 11.62 -0.91
CA GLY A 71 1.73 11.62 -2.30
C GLY A 71 0.78 10.85 -3.20
N THR A 72 0.93 11.02 -4.51
CA THR A 72 0.08 10.35 -5.48
C THR A 72 0.40 8.85 -5.53
N VAL A 73 -0.63 8.04 -5.33
CA VAL A 73 -0.46 6.59 -5.35
C VAL A 73 -0.75 6.03 -6.74
N LEU A 74 0.30 5.66 -7.45
CA LEU A 74 0.17 5.12 -8.79
C LEU A 74 -0.67 3.85 -8.79
N LYS A 75 -0.39 2.95 -7.86
CA LYS A 75 -1.13 1.70 -7.76
C LYS A 75 -1.25 1.25 -6.31
N ILE A 76 -2.05 0.20 -6.09
CA ILE A 76 -2.26 -0.34 -4.75
C ILE A 76 -2.74 -1.78 -4.82
N ILE A 77 -2.20 -2.63 -3.94
CA ILE A 77 -2.58 -4.04 -3.91
C ILE A 77 -2.67 -4.55 -2.47
N THR A 78 -3.39 -5.65 -2.28
CA THR A 78 -3.56 -6.23 -0.96
C THR A 78 -3.67 -7.76 -1.04
N PHE A 79 -3.24 -8.42 0.03
CA PHE A 79 -3.29 -9.88 0.08
C PHE A 79 -3.03 -10.38 1.50
N THR A 80 -3.52 -11.58 1.80
CA THR A 80 -3.35 -12.16 3.11
C THR A 80 -2.30 -13.27 3.08
N LYS A 81 -1.15 -12.99 3.67
CA LYS A 81 -0.06 -13.96 3.72
C LYS A 81 -0.15 -14.76 5.01
N ASN A 82 -1.03 -15.75 5.02
CA ASN A 82 -1.24 -16.56 6.20
C ASN A 82 -2.00 -15.76 7.25
N ASN A 83 -3.25 -15.43 6.92
CA ASN A 83 -4.10 -14.65 7.80
C ASN A 83 -3.41 -13.34 8.20
N GLN A 84 -2.80 -12.68 7.21
CA GLN A 84 -2.10 -11.43 7.45
C GLN A 84 -2.42 -10.41 6.37
N PHE A 85 -3.34 -9.50 6.67
CA PHE A 85 -3.75 -8.48 5.72
C PHE A 85 -2.58 -7.54 5.39
N GLN A 86 -2.15 -7.57 4.13
CA GLN A 86 -1.05 -6.74 3.67
C GLN A 86 -1.50 -5.83 2.54
N ALA A 87 -1.00 -4.59 2.55
CA ALA A 87 -1.37 -3.62 1.52
C ALA A 87 -0.16 -2.81 1.07
N LEU A 88 0.27 -3.05 -0.16
CA LEU A 88 1.42 -2.34 -0.72
C LEU A 88 0.96 -1.25 -1.68
N LEU A 89 1.86 -0.32 -2.00
CA LEU A 89 1.54 0.76 -2.92
C LEU A 89 2.79 1.42 -3.47
N GLN A 90 2.68 2.01 -4.66
CA GLN A 90 3.80 2.68 -5.30
C GLN A 90 3.59 4.19 -5.32
N TYR A 91 4.67 4.94 -5.23
CA TYR A 91 4.59 6.40 -5.24
C TYR A 91 5.21 6.97 -6.51
N ALA A 92 4.85 8.21 -6.82
CA ALA A 92 5.37 8.88 -8.01
C ALA A 92 6.69 9.59 -7.69
N ASP A 93 7.00 9.71 -6.41
CA ASP A 93 8.23 10.36 -5.97
C ASP A 93 8.72 9.75 -4.66
N PRO A 94 9.97 9.28 -4.64
CA PRO A 94 10.58 8.66 -3.46
C PRO A 94 10.46 9.54 -2.22
N VAL A 95 10.49 10.86 -2.43
CA VAL A 95 10.38 11.81 -1.32
C VAL A 95 9.09 11.58 -0.54
N SER A 96 8.05 11.12 -1.23
CA SER A 96 6.76 10.86 -0.59
C SER A 96 6.77 9.51 0.12
N ALA A 97 7.45 8.54 -0.48
CA ALA A 97 7.53 7.20 0.09
C ALA A 97 8.40 7.19 1.35
N GLN A 98 9.54 7.87 1.28
CA GLN A 98 10.45 7.94 2.42
C GLN A 98 9.76 8.57 3.62
N HIS A 99 9.25 9.78 3.44
CA HIS A 99 8.56 10.49 4.51
C HIS A 99 7.29 9.76 4.93
N ALA A 100 6.47 9.40 3.95
CA ALA A 100 5.23 8.69 4.22
C ALA A 100 5.47 7.47 5.10
N LYS A 101 6.64 6.85 4.93
CA LYS A 101 7.00 5.67 5.71
C LYS A 101 7.10 6.01 7.19
N LEU A 102 7.96 6.97 7.51
CA LEU A 102 8.15 7.39 8.90
C LEU A 102 6.92 8.13 9.42
N SER A 103 6.16 8.72 8.50
CA SER A 103 4.95 9.46 8.88
C SER A 103 3.88 8.52 9.40
N LEU A 104 3.87 7.29 8.92
CA LEU A 104 2.89 6.30 9.34
C LEU A 104 3.58 5.05 9.89
N ASP A 105 4.87 5.17 10.17
CA ASP A 105 5.64 4.05 10.71
C ASP A 105 5.21 3.72 12.13
N GLY A 106 4.88 2.45 12.37
CA GLY A 106 4.45 2.03 13.68
C GLY A 106 3.31 2.88 14.22
N GLN A 107 2.34 3.17 13.36
CA GLN A 107 1.20 3.97 13.76
C GLN A 107 -0.10 3.17 13.65
N ASN A 108 -1.20 3.77 14.10
CA ASN A 108 -2.50 3.11 14.05
C ASN A 108 -3.36 3.69 12.93
N ILE A 109 -4.52 3.07 12.72
CA ILE A 109 -5.45 3.52 11.67
C ILE A 109 -6.61 4.31 12.28
N TYR A 110 -7.28 3.70 13.25
CA TYR A 110 -8.42 4.34 13.90
C TYR A 110 -8.01 4.90 15.27
N ASN A 111 -7.56 4.00 16.15
CA ASN A 111 -7.15 4.40 17.49
C ASN A 111 -6.55 3.22 18.24
N ALA A 112 -5.23 3.28 18.47
CA ALA A 112 -4.53 2.21 19.18
C ALA A 112 -5.07 0.84 18.77
N CYS A 113 -5.26 0.65 17.46
CA CYS A 113 -5.75 -0.62 16.95
C CYS A 113 -5.36 -0.80 15.49
N CYS A 114 -5.13 -2.04 15.09
CA CYS A 114 -4.74 -2.35 13.72
C CYS A 114 -3.33 -1.86 13.43
N THR A 115 -2.51 -1.77 14.47
CA THR A 115 -1.13 -1.32 14.33
C THR A 115 -0.52 -1.81 13.02
N LEU A 116 -0.43 -0.92 12.04
CA LEU A 116 0.13 -1.27 10.75
C LEU A 116 1.55 -0.75 10.60
N ARG A 117 2.43 -1.57 10.03
CA ARG A 117 3.82 -1.19 9.83
C ARG A 117 4.11 -0.97 8.34
N ILE A 118 4.78 0.14 8.03
CA ILE A 118 5.11 0.46 6.65
C ILE A 118 6.60 0.27 6.38
N ASP A 119 6.91 -0.24 5.19
CA ASP A 119 8.30 -0.47 4.80
C ASP A 119 8.41 -0.66 3.28
N PHE A 120 9.56 -0.32 2.74
CA PHE A 120 9.80 -0.45 1.30
C PHE A 120 9.64 -1.90 0.85
N SER A 121 8.84 -2.10 -0.19
CA SER A 121 8.61 -3.44 -0.72
C SER A 121 9.92 -4.17 -0.97
N LYS A 122 9.83 -5.44 -1.35
CA LYS A 122 11.02 -6.24 -1.61
C LYS A 122 11.38 -6.22 -3.09
N LEU A 123 10.35 -6.31 -3.94
CA LEU A 123 10.57 -6.30 -5.39
C LEU A 123 10.97 -4.92 -5.88
N THR A 124 10.98 -3.98 -4.96
CA THR A 124 11.33 -2.60 -5.29
C THR A 124 10.50 -2.10 -6.46
N SER A 125 9.39 -2.77 -6.69
CA SER A 125 8.48 -2.41 -7.78
C SER A 125 7.04 -2.74 -7.45
N LEU A 126 6.12 -1.91 -7.94
CA LEU A 126 4.69 -2.11 -7.70
C LEU A 126 3.88 -1.73 -8.92
N ASN A 127 3.29 -2.73 -9.57
CA ASN A 127 2.48 -2.49 -10.76
C ASN A 127 1.22 -3.36 -10.76
N VAL A 128 0.06 -2.72 -10.82
CA VAL A 128 -1.21 -3.44 -10.83
C VAL A 128 -1.55 -3.95 -12.22
N LYS A 129 -1.40 -5.25 -12.42
CA LYS A 129 -1.70 -5.86 -13.72
C LYS A 129 -3.03 -6.58 -13.67
N TYR A 130 -3.83 -6.29 -12.66
CA TYR A 130 -5.14 -6.90 -12.49
C TYR A 130 -6.00 -6.12 -11.52
N ASN A 131 -7.22 -5.81 -11.94
CA ASN A 131 -8.15 -5.06 -11.10
C ASN A 131 -9.23 -5.96 -10.52
N ASN A 132 -9.66 -5.66 -9.30
CA ASN A 132 -10.69 -6.45 -8.61
C ASN A 132 -10.08 -7.63 -7.86
N ASP A 133 -8.94 -8.11 -8.35
CA ASP A 133 -8.25 -9.23 -7.72
C ASP A 133 -7.44 -8.77 -6.51
N LYS A 134 -8.09 -8.04 -5.62
CA LYS A 134 -7.45 -7.52 -4.42
C LYS A 134 -6.42 -6.46 -4.78
N SER A 135 -6.59 -5.86 -5.95
CA SER A 135 -5.67 -4.82 -6.41
C SER A 135 -6.44 -3.61 -6.95
N ARG A 136 -5.71 -2.54 -7.23
CA ARG A 136 -6.34 -1.33 -7.75
C ARG A 136 -5.30 -0.42 -8.41
N ASP A 137 -5.64 0.08 -9.59
CA ASP A 137 -4.75 0.96 -10.34
C ASP A 137 -5.33 2.36 -10.46
N TYR A 138 -4.53 3.37 -10.15
CA TYR A 138 -4.97 4.75 -10.23
C TYR A 138 -4.28 5.48 -11.38
N THR A 139 -3.86 4.72 -12.39
CA THR A 139 -3.19 5.29 -13.55
C THR A 139 -3.69 4.64 -14.84
N ARG A 140 -3.78 3.32 -14.84
CA ARG A 140 -4.24 2.58 -16.01
C ARG A 140 -5.48 1.76 -15.68
N PRO A 141 -6.67 2.36 -15.82
CA PRO A 141 -7.93 1.68 -15.53
C PRO A 141 -8.39 0.79 -16.68
N ASP A 142 -7.67 0.86 -17.79
CA ASP A 142 -8.00 0.07 -18.98
C ASP A 142 -7.48 -1.36 -18.84
N LEU A 143 -6.97 -1.70 -17.66
CA LEU A 143 -6.44 -3.03 -17.41
C LEU A 143 -7.56 -4.03 -17.15
N PRO A 144 -7.30 -5.32 -17.39
CA PRO A 144 -8.29 -6.38 -17.18
C PRO A 144 -8.58 -6.63 -15.71
N SER A 145 -9.50 -7.54 -15.44
CA SER A 145 -9.88 -7.86 -14.07
C SER A 145 -9.34 -9.24 -13.67
N GLY A 146 -8.25 -9.65 -14.31
CA GLY A 146 -7.65 -10.94 -14.02
C GLY A 146 -7.99 -11.99 -15.05
N ASP A 147 -7.67 -11.70 -16.31
CA ASP A 147 -7.95 -12.62 -17.40
C ASP A 147 -9.32 -13.28 -17.22
N MET A 40 21.68 12.71 -9.45
CA MET A 40 21.00 12.32 -8.19
C MET A 40 19.56 11.87 -8.46
N ALA A 41 19.41 10.66 -9.00
CA ALA A 41 18.09 10.12 -9.31
C ALA A 41 18.18 8.64 -9.67
N GLY A 42 17.05 7.95 -9.62
CA GLY A 42 17.02 6.55 -9.95
C GLY A 42 16.57 5.68 -8.79
N GLN A 43 15.78 6.25 -7.90
CA GLN A 43 15.27 5.53 -6.73
C GLN A 43 14.03 4.71 -7.09
N SER A 44 13.36 4.20 -6.06
CA SER A 44 12.16 3.40 -6.27
C SER A 44 11.17 3.60 -5.13
N PRO A 45 10.18 4.47 -5.34
CA PRO A 45 9.16 4.77 -4.33
C PRO A 45 8.09 3.67 -4.24
N VAL A 46 8.37 2.67 -3.42
CA VAL A 46 7.43 1.56 -3.24
C VAL A 46 7.38 1.11 -1.78
N LEU A 47 6.26 1.39 -1.12
CA LEU A 47 6.09 1.02 0.28
C LEU A 47 5.21 -0.22 0.42
N ARG A 48 5.41 -0.94 1.51
CA ARG A 48 4.64 -2.16 1.78
C ARG A 48 3.99 -2.09 3.16
N ILE A 49 2.68 -1.88 3.19
CA ILE A 49 1.95 -1.80 4.44
C ILE A 49 1.56 -3.18 4.95
N ILE A 50 1.59 -3.36 6.27
CA ILE A 50 1.24 -4.63 6.88
C ILE A 50 0.43 -4.42 8.16
N VAL A 51 -0.80 -4.92 8.17
CA VAL A 51 -1.67 -4.79 9.33
C VAL A 51 -1.59 -6.01 10.22
N GLU A 52 -1.47 -5.78 11.53
CA GLU A 52 -1.39 -6.87 12.49
C GLU A 52 -2.53 -6.81 13.49
N ASN A 53 -2.50 -7.68 14.49
CA ASN A 53 -3.54 -7.72 15.51
C ASN A 53 -4.93 -7.71 14.87
N LEU A 54 -5.25 -8.77 14.16
CA LEU A 54 -6.55 -8.88 13.49
C LEU A 54 -7.68 -8.52 14.45
N PHE A 55 -8.38 -7.44 14.14
CA PHE A 55 -9.50 -6.99 14.98
C PHE A 55 -10.60 -6.37 14.12
N TYR A 56 -10.24 -5.36 13.33
CA TYR A 56 -11.19 -4.70 12.46
C TYR A 56 -10.84 -4.89 11.00
N PRO A 57 -11.85 -5.08 10.14
CA PRO A 57 -11.66 -5.28 8.71
C PRO A 57 -11.43 -3.97 7.96
N VAL A 58 -10.71 -4.05 6.84
CA VAL A 58 -10.41 -2.88 6.03
C VAL A 58 -10.32 -3.24 4.55
N THR A 59 -10.06 -2.24 3.73
CA THR A 59 -9.96 -2.45 2.30
C THR A 59 -8.91 -1.56 1.65
N LEU A 60 -9.04 -1.39 0.34
CA LEU A 60 -8.11 -0.57 -0.41
C LEU A 60 -8.48 0.91 -0.33
N ASP A 61 -9.74 1.21 -0.66
CA ASP A 61 -10.22 2.59 -0.61
C ASP A 61 -9.71 3.30 0.63
N VAL A 62 -9.46 2.54 1.69
CA VAL A 62 -8.96 3.10 2.94
C VAL A 62 -7.44 3.27 2.90
N LEU A 63 -6.73 2.19 2.60
CA LEU A 63 -5.28 2.22 2.53
C LEU A 63 -4.80 3.28 1.55
N HIS A 64 -5.52 3.42 0.45
CA HIS A 64 -5.18 4.39 -0.58
C HIS A 64 -5.33 5.82 -0.06
N GLN A 65 -6.57 6.20 0.25
CA GLN A 65 -6.85 7.54 0.76
C GLN A 65 -5.82 7.95 1.81
N ILE A 66 -5.23 6.95 2.47
CA ILE A 66 -4.22 7.20 3.50
C ILE A 66 -2.91 7.68 2.88
N PHE A 67 -2.27 6.80 2.12
CA PHE A 67 -0.99 7.12 1.50
C PHE A 67 -1.18 8.16 0.40
N SER A 68 -2.43 8.39 0.00
CA SER A 68 -2.73 9.37 -1.03
C SER A 68 -2.56 10.79 -0.50
N LYS A 69 -2.24 10.90 0.78
CA LYS A 69 -2.05 12.21 1.41
C LYS A 69 -0.58 12.63 1.34
N PHE A 70 0.30 11.72 1.72
CA PHE A 70 1.73 12.00 1.70
C PHE A 70 2.23 12.02 0.27
N GLY A 71 1.39 11.59 -0.67
CA GLY A 71 1.79 11.58 -2.06
C GLY A 71 0.79 10.85 -2.95
N THR A 72 0.96 10.98 -4.26
CA THR A 72 0.06 10.32 -5.21
C THR A 72 0.30 8.82 -5.25
N VAL A 73 -0.76 8.06 -5.08
CA VAL A 73 -0.68 6.60 -5.09
C VAL A 73 -0.99 6.05 -6.47
N LEU A 74 0.06 5.60 -7.16
CA LEU A 74 -0.09 5.04 -8.50
C LEU A 74 -0.92 3.76 -8.48
N LYS A 75 -0.51 2.81 -7.66
CA LYS A 75 -1.21 1.54 -7.56
C LYS A 75 -1.30 1.06 -6.11
N ILE A 76 -2.09 0.00 -5.89
CA ILE A 76 -2.27 -0.55 -4.55
C ILE A 76 -2.79 -1.98 -4.62
N ILE A 77 -2.54 -2.74 -3.55
CA ILE A 77 -2.99 -4.12 -3.48
C ILE A 77 -3.10 -4.59 -2.02
N THR A 78 -3.83 -5.67 -1.81
CA THR A 78 -4.01 -6.21 -0.46
C THR A 78 -4.16 -7.74 -0.50
N PHE A 79 -3.67 -8.39 0.55
CA PHE A 79 -3.75 -9.85 0.64
C PHE A 79 -3.40 -10.32 2.05
N THR A 80 -3.78 -11.56 2.35
CA THR A 80 -3.51 -12.14 3.67
C THR A 80 -2.78 -13.47 3.52
N LYS A 81 -1.52 -13.50 3.95
CA LYS A 81 -0.71 -14.71 3.87
C LYS A 81 -1.20 -15.76 4.86
N ASN A 82 -2.47 -16.16 4.71
CA ASN A 82 -3.06 -17.15 5.60
C ASN A 82 -3.65 -16.50 6.85
N ASN A 83 -3.18 -15.29 7.14
CA ASN A 83 -3.65 -14.56 8.31
C ASN A 83 -2.74 -13.38 8.62
N GLN A 84 -2.26 -12.72 7.56
CA GLN A 84 -1.37 -11.58 7.71
C GLN A 84 -1.64 -10.54 6.63
N PHE A 85 -2.30 -9.45 7.00
CA PHE A 85 -2.62 -8.40 6.06
C PHE A 85 -1.37 -7.78 5.48
N GLN A 86 -1.35 -7.57 4.17
CA GLN A 86 -0.21 -6.98 3.50
C GLN A 86 -0.64 -6.25 2.23
N ALA A 87 -0.45 -4.94 2.21
CA ALA A 87 -0.82 -4.13 1.05
C ALA A 87 0.38 -3.35 0.53
N LEU A 88 0.59 -3.42 -0.78
CA LEU A 88 1.70 -2.72 -1.42
C LEU A 88 1.20 -1.56 -2.26
N LEU A 89 1.99 -0.49 -2.34
CA LEU A 89 1.63 0.69 -3.11
C LEU A 89 2.86 1.37 -3.69
N GLN A 90 2.70 1.98 -4.86
CA GLN A 90 3.80 2.67 -5.52
C GLN A 90 3.54 4.17 -5.58
N TYR A 91 4.35 4.94 -4.87
CA TYR A 91 4.21 6.39 -4.85
C TYR A 91 4.67 7.01 -6.17
N ALA A 92 4.46 8.31 -6.31
CA ALA A 92 4.85 9.02 -7.52
C ALA A 92 6.26 9.59 -7.40
N ASP A 93 6.74 9.68 -6.16
CA ASP A 93 8.07 10.21 -5.89
C ASP A 93 8.65 9.62 -4.61
N PRO A 94 9.95 9.35 -4.59
CA PRO A 94 10.64 8.79 -3.42
C PRO A 94 10.61 9.73 -2.22
N VAL A 95 10.48 11.02 -2.49
CA VAL A 95 10.44 12.02 -1.43
C VAL A 95 9.25 11.79 -0.51
N SER A 96 8.11 11.48 -1.10
CA SER A 96 6.89 11.25 -0.33
C SER A 96 6.95 9.89 0.37
N ALA A 97 7.46 8.89 -0.33
CA ALA A 97 7.58 7.55 0.23
C ALA A 97 8.48 7.55 1.45
N GLN A 98 9.49 8.41 1.44
CA GLN A 98 10.44 8.51 2.55
C GLN A 98 9.73 9.00 3.82
N HIS A 99 9.09 10.16 3.71
CA HIS A 99 8.38 10.73 4.85
C HIS A 99 7.19 9.86 5.24
N ALA A 100 6.36 9.52 4.26
CA ALA A 100 5.17 8.70 4.51
C ALA A 100 5.52 7.52 5.42
N LYS A 101 6.73 7.01 5.29
CA LYS A 101 7.18 5.88 6.10
C LYS A 101 7.40 6.31 7.55
N LEU A 102 8.27 7.28 7.76
CA LEU A 102 8.57 7.78 9.10
C LEU A 102 7.31 8.33 9.76
N SER A 103 6.36 8.79 8.94
CA SER A 103 5.11 9.34 9.45
C SER A 103 4.11 8.22 9.77
N LEU A 104 3.86 7.37 8.80
CA LEU A 104 2.92 6.27 8.96
C LEU A 104 3.53 5.17 9.84
N ASP A 105 4.66 4.63 9.39
CA ASP A 105 5.34 3.57 10.13
C ASP A 105 5.30 3.83 11.62
N GLY A 106 4.35 3.20 12.31
CA GLY A 106 4.22 3.38 13.74
C GLY A 106 2.91 4.04 14.13
N GLN A 107 1.95 4.02 13.21
CA GLN A 107 0.64 4.61 13.46
C GLN A 107 -0.45 3.56 13.38
N ASN A 108 -1.70 4.00 13.57
CA ASN A 108 -2.84 3.09 13.53
C ASN A 108 -3.81 3.48 12.41
N ILE A 109 -4.95 2.81 12.36
CA ILE A 109 -5.96 3.08 11.34
C ILE A 109 -7.21 3.70 11.96
N TYR A 110 -7.47 3.36 13.21
CA TYR A 110 -8.63 3.88 13.92
C TYR A 110 -8.21 4.70 15.14
N ASN A 111 -8.04 4.01 16.27
CA ASN A 111 -7.63 4.67 17.51
C ASN A 111 -6.40 4.00 18.10
N ALA A 112 -6.46 2.67 18.24
CA ALA A 112 -5.35 1.92 18.80
C ALA A 112 -5.46 0.45 18.43
N CYS A 113 -5.90 0.18 17.20
CA CYS A 113 -6.05 -1.19 16.73
C CYS A 113 -5.69 -1.29 15.24
N CYS A 114 -5.33 -2.49 14.81
CA CYS A 114 -4.96 -2.72 13.42
C CYS A 114 -3.61 -2.08 13.10
N THR A 115 -2.70 -2.15 14.05
CA THR A 115 -1.37 -1.57 13.88
C THR A 115 -0.82 -1.87 12.49
N LEU A 116 -0.53 -0.81 11.73
CA LEU A 116 -0.01 -0.97 10.38
C LEU A 116 1.47 -0.62 10.33
N ARG A 117 2.25 -1.44 9.62
CA ARG A 117 3.68 -1.22 9.50
C ARG A 117 4.07 -0.98 8.04
N ILE A 118 4.86 0.06 7.81
CA ILE A 118 5.29 0.40 6.46
C ILE A 118 6.77 0.06 6.26
N ASP A 119 7.11 -0.36 5.04
CA ASP A 119 8.49 -0.72 4.71
C ASP A 119 8.71 -0.67 3.20
N PHE A 120 9.93 -0.32 2.81
CA PHE A 120 10.27 -0.23 1.39
C PHE A 120 10.15 -1.60 0.73
N SER A 121 9.50 -1.64 -0.43
CA SER A 121 9.31 -2.88 -1.16
C SER A 121 10.64 -3.60 -1.35
N LYS A 122 10.56 -4.90 -1.66
CA LYS A 122 11.76 -5.71 -1.87
C LYS A 122 12.15 -5.77 -3.33
N LEU A 123 11.15 -5.91 -4.20
CA LEU A 123 11.40 -5.98 -5.64
C LEU A 123 11.39 -4.60 -6.27
N THR A 124 11.51 -3.59 -5.43
CA THR A 124 11.52 -2.21 -5.89
C THR A 124 10.24 -1.90 -6.65
N SER A 125 9.22 -2.72 -6.42
CA SER A 125 7.93 -2.55 -7.08
C SER A 125 6.94 -3.61 -6.61
N LEU A 126 5.66 -3.38 -6.89
CA LEU A 126 4.61 -4.31 -6.50
C LEU A 126 4.05 -5.03 -7.72
N ASN A 127 3.25 -6.06 -7.47
CA ASN A 127 2.64 -6.83 -8.55
C ASN A 127 1.25 -6.30 -8.89
N VAL A 128 1.20 -5.14 -9.54
CA VAL A 128 -0.06 -4.52 -9.93
C VAL A 128 -0.24 -4.54 -11.44
N LYS A 129 -1.13 -5.39 -11.92
CA LYS A 129 -1.40 -5.49 -13.36
C LYS A 129 -2.78 -6.08 -13.61
N TYR A 130 -3.66 -5.95 -12.64
CA TYR A 130 -5.02 -6.48 -12.76
C TYR A 130 -5.97 -5.74 -11.82
N ASN A 131 -7.09 -5.28 -12.37
CA ASN A 131 -8.09 -4.57 -11.58
C ASN A 131 -9.25 -5.48 -11.20
N ASN A 132 -9.17 -6.06 -10.01
CA ASN A 132 -10.22 -6.96 -9.53
C ASN A 132 -10.75 -6.50 -8.17
N ASP A 133 -10.16 -7.02 -7.10
CA ASP A 133 -10.58 -6.68 -5.75
C ASP A 133 -9.38 -6.55 -4.81
N LYS A 134 -8.43 -7.46 -4.97
CA LYS A 134 -7.23 -7.45 -4.14
C LYS A 134 -6.28 -6.34 -4.56
N SER A 135 -6.14 -6.15 -5.87
CA SER A 135 -5.26 -5.12 -6.42
C SER A 135 -6.06 -3.89 -6.82
N ARG A 136 -5.35 -2.81 -7.15
CA ARG A 136 -5.99 -1.57 -7.57
C ARG A 136 -4.99 -0.62 -8.20
N ASP A 137 -5.00 -0.55 -9.53
CA ASP A 137 -4.09 0.31 -10.26
C ASP A 137 -4.75 1.65 -10.57
N TYR A 138 -4.14 2.72 -10.06
CA TYR A 138 -4.67 4.07 -10.27
C TYR A 138 -3.99 4.73 -11.46
N THR A 139 -2.82 4.24 -11.83
CA THR A 139 -2.07 4.80 -12.95
C THR A 139 -2.74 4.44 -14.28
N ARG A 140 -3.48 3.34 -14.29
CA ARG A 140 -4.16 2.90 -15.49
C ARG A 140 -5.37 2.03 -15.14
N PRO A 141 -6.58 2.54 -15.37
CA PRO A 141 -7.82 1.82 -15.08
C PRO A 141 -8.25 0.90 -16.23
N ASP A 142 -7.43 0.85 -17.28
CA ASP A 142 -7.73 0.02 -18.43
C ASP A 142 -7.13 -1.37 -18.27
N LEU A 143 -7.06 -1.83 -17.03
CA LEU A 143 -6.50 -3.15 -16.73
C LEU A 143 -7.62 -4.13 -16.37
N PRO A 144 -7.51 -5.37 -16.86
CA PRO A 144 -8.51 -6.42 -16.59
C PRO A 144 -8.50 -6.86 -15.14
N SER A 145 -9.53 -7.62 -14.75
CA SER A 145 -9.64 -8.11 -13.38
C SER A 145 -8.95 -9.47 -13.24
N GLY A 146 -7.96 -9.71 -14.08
CA GLY A 146 -7.23 -10.97 -14.03
C GLY A 146 -7.89 -12.05 -14.87
N ASP A 147 -8.79 -12.80 -14.24
CA ASP A 147 -9.49 -13.87 -14.94
C ASP A 147 -10.11 -13.38 -16.24
N MET A 40 22.71 -0.61 -5.62
CA MET A 40 23.18 0.71 -6.15
C MET A 40 22.08 1.76 -6.06
N ALA A 41 21.49 1.88 -4.88
CA ALA A 41 20.43 2.86 -4.66
C ALA A 41 19.41 2.82 -5.79
N GLY A 42 18.42 3.71 -5.71
CA GLY A 42 17.39 3.77 -6.74
C GLY A 42 16.12 4.44 -6.25
N GLN A 43 15.77 5.56 -6.89
CA GLN A 43 14.58 6.30 -6.51
C GLN A 43 13.32 5.48 -6.79
N SER A 44 13.20 4.34 -6.13
CA SER A 44 12.04 3.46 -6.31
C SER A 44 11.06 3.62 -5.15
N PRO A 45 10.01 4.43 -5.35
CA PRO A 45 8.99 4.65 -4.32
C PRO A 45 8.00 3.50 -4.24
N VAL A 46 8.34 2.49 -3.44
CA VAL A 46 7.48 1.33 -3.27
C VAL A 46 7.49 0.84 -1.82
N LEU A 47 6.41 1.11 -1.11
CA LEU A 47 6.30 0.70 0.29
C LEU A 47 5.38 -0.51 0.43
N ARG A 48 5.46 -1.18 1.58
CA ARG A 48 4.64 -2.35 1.85
C ARG A 48 4.04 -2.28 3.24
N ILE A 49 2.73 -2.05 3.31
CA ILE A 49 2.03 -1.95 4.58
C ILE A 49 1.65 -3.33 5.10
N ILE A 50 1.68 -3.48 6.42
CA ILE A 50 1.34 -4.76 7.05
C ILE A 50 0.43 -4.54 8.25
N VAL A 51 -0.87 -4.81 8.07
CA VAL A 51 -1.84 -4.65 9.15
C VAL A 51 -1.81 -5.84 10.09
N GLU A 52 -1.77 -5.56 11.40
CA GLU A 52 -1.74 -6.60 12.41
C GLU A 52 -2.95 -6.49 13.33
N ASN A 53 -3.16 -7.52 14.15
CA ASN A 53 -4.28 -7.54 15.08
C ASN A 53 -5.60 -7.28 14.35
N LEU A 54 -6.44 -8.30 14.27
CA LEU A 54 -7.73 -8.19 13.60
C LEU A 54 -8.60 -7.13 14.27
N PHE A 55 -9.35 -6.39 13.46
CA PHE A 55 -10.22 -5.35 13.98
C PHE A 55 -11.44 -5.15 13.06
N TYR A 56 -11.17 -4.96 11.78
CA TYR A 56 -12.24 -4.76 10.80
C TYR A 56 -11.75 -5.09 9.39
N PRO A 57 -12.70 -5.35 8.47
CA PRO A 57 -12.38 -5.69 7.09
C PRO A 57 -12.02 -4.47 6.26
N VAL A 58 -10.72 -4.21 6.12
CA VAL A 58 -10.24 -3.07 5.35
C VAL A 58 -10.16 -3.41 3.87
N THR A 59 -9.71 -2.45 3.07
CA THR A 59 -9.60 -2.66 1.63
C THR A 59 -8.62 -1.65 1.02
N LEU A 60 -8.68 -1.49 -0.30
CA LEU A 60 -7.81 -0.57 -1.00
C LEU A 60 -8.26 0.87 -0.79
N ASP A 61 -9.56 1.11 -0.94
CA ASP A 61 -10.13 2.45 -0.76
C ASP A 61 -9.49 3.14 0.44
N VAL A 62 -9.44 2.46 1.57
CA VAL A 62 -8.87 3.01 2.79
C VAL A 62 -7.36 3.21 2.64
N LEU A 63 -6.69 2.20 2.09
CA LEU A 63 -5.25 2.26 1.89
C LEU A 63 -4.88 3.33 0.86
N HIS A 64 -5.86 3.70 0.03
CA HIS A 64 -5.64 4.71 -1.00
C HIS A 64 -5.72 6.11 -0.40
N GLN A 65 -6.84 6.43 0.24
CA GLN A 65 -7.04 7.73 0.85
C GLN A 65 -5.98 7.99 1.93
N ILE A 66 -5.28 6.94 2.32
CA ILE A 66 -4.25 7.06 3.35
C ILE A 66 -2.95 7.56 2.75
N PHE A 67 -2.33 6.74 1.90
CA PHE A 67 -1.07 7.11 1.26
C PHE A 67 -1.30 8.18 0.20
N SER A 68 -2.55 8.40 -0.15
CA SER A 68 -2.90 9.41 -1.15
C SER A 68 -2.79 10.81 -0.57
N LYS A 69 -2.42 10.89 0.70
CA LYS A 69 -2.28 12.19 1.37
C LYS A 69 -0.84 12.69 1.28
N PHE A 70 0.11 11.81 1.60
CA PHE A 70 1.51 12.16 1.54
C PHE A 70 2.00 12.22 0.09
N GLY A 71 1.14 11.78 -0.82
CA GLY A 71 1.50 11.80 -2.23
C GLY A 71 0.56 10.97 -3.09
N THR A 72 0.67 11.13 -4.40
CA THR A 72 -0.16 10.38 -5.33
C THR A 72 0.15 8.89 -5.27
N VAL A 73 -0.90 8.09 -5.06
CA VAL A 73 -0.75 6.64 -4.98
C VAL A 73 -0.94 6.02 -6.35
N LEU A 74 0.17 5.59 -6.94
CA LEU A 74 0.14 4.97 -8.27
C LEU A 74 -0.69 3.69 -8.26
N LYS A 75 -0.39 2.81 -7.30
CA LYS A 75 -1.12 1.55 -7.20
C LYS A 75 -1.17 1.05 -5.76
N ILE A 76 -2.04 0.07 -5.51
CA ILE A 76 -2.18 -0.51 -4.18
C ILE A 76 -2.57 -1.98 -4.26
N ILE A 77 -2.14 -2.76 -3.28
CA ILE A 77 -2.44 -4.19 -3.25
C ILE A 77 -2.66 -4.67 -1.82
N THR A 78 -3.36 -5.79 -1.69
CA THR A 78 -3.65 -6.35 -0.37
C THR A 78 -3.68 -7.88 -0.43
N PHE A 79 -3.28 -8.51 0.66
CA PHE A 79 -3.26 -9.97 0.74
C PHE A 79 -3.04 -10.44 2.17
N THR A 80 -3.33 -11.71 2.42
CA THR A 80 -3.16 -12.29 3.75
C THR A 80 -2.40 -13.61 3.69
N LYS A 81 -1.16 -13.59 4.17
CA LYS A 81 -0.33 -14.79 4.17
C LYS A 81 -0.53 -15.59 5.46
N ASN A 82 -1.35 -16.63 5.37
CA ASN A 82 -1.63 -17.47 6.53
C ASN A 82 -2.16 -16.64 7.70
N ASN A 83 -3.02 -15.67 7.38
CA ASN A 83 -3.60 -14.80 8.39
C ASN A 83 -2.67 -13.62 8.70
N GLN A 84 -2.10 -13.05 7.64
CA GLN A 84 -1.19 -11.91 7.79
C GLN A 84 -1.51 -10.83 6.77
N PHE A 85 -2.26 -9.82 7.19
CA PHE A 85 -2.64 -8.72 6.32
C PHE A 85 -1.40 -7.97 5.82
N GLN A 86 -1.29 -7.85 4.51
CA GLN A 86 -0.16 -7.16 3.90
C GLN A 86 -0.57 -6.49 2.59
N ALA A 87 -0.43 -5.17 2.53
CA ALA A 87 -0.79 -4.42 1.34
C ALA A 87 0.39 -3.62 0.81
N LEU A 88 0.66 -3.76 -0.48
CA LEU A 88 1.76 -3.05 -1.12
C LEU A 88 1.37 -1.61 -1.44
N LEU A 89 2.38 -0.77 -1.70
CA LEU A 89 2.13 0.62 -2.02
C LEU A 89 3.08 1.11 -3.10
N GLN A 90 2.60 2.03 -3.93
CA GLN A 90 3.41 2.58 -5.01
C GLN A 90 3.20 4.09 -5.13
N TYR A 91 4.22 4.86 -4.79
CA TYR A 91 4.14 6.31 -4.86
C TYR A 91 4.67 6.82 -6.19
N ALA A 92 4.47 8.11 -6.45
CA ALA A 92 4.94 8.73 -7.69
C ALA A 92 6.31 9.37 -7.50
N ASP A 93 6.70 9.57 -6.25
CA ASP A 93 7.99 10.17 -5.93
C ASP A 93 8.55 9.59 -4.64
N PRO A 94 9.87 9.35 -4.61
CA PRO A 94 10.55 8.80 -3.43
C PRO A 94 10.50 9.74 -2.23
N VAL A 95 10.45 11.04 -2.50
CA VAL A 95 10.40 12.05 -1.45
C VAL A 95 9.15 11.87 -0.60
N SER A 96 8.03 11.60 -1.26
CA SER A 96 6.76 11.41 -0.56
C SER A 96 6.73 10.08 0.18
N ALA A 97 7.39 9.08 -0.41
CA ALA A 97 7.44 7.75 0.19
C ALA A 97 8.28 7.76 1.46
N GLN A 98 9.42 8.44 1.40
CA GLN A 98 10.32 8.52 2.56
C GLN A 98 9.58 9.07 3.77
N HIS A 99 9.05 10.28 3.65
CA HIS A 99 8.32 10.91 4.74
C HIS A 99 7.13 10.06 5.17
N ALA A 100 6.30 9.69 4.20
CA ALA A 100 5.13 8.86 4.48
C ALA A 100 5.51 7.59 5.23
N LYS A 101 6.65 7.01 4.84
CA LYS A 101 7.13 5.78 5.48
C LYS A 101 7.15 5.94 7.00
N LEU A 102 7.94 6.88 7.50
CA LEU A 102 8.04 7.12 8.93
C LEU A 102 6.80 7.83 9.46
N SER A 103 6.13 8.57 8.58
CA SER A 103 4.93 9.29 8.95
C SER A 103 3.76 8.34 9.13
N LEU A 104 3.95 7.09 8.74
CA LEU A 104 2.89 6.08 8.87
C LEU A 104 3.45 4.77 9.40
N ASP A 105 4.71 4.79 9.86
CA ASP A 105 5.35 3.61 10.40
C ASP A 105 5.20 3.55 11.91
N GLY A 106 4.29 2.70 12.38
CA GLY A 106 4.07 2.56 13.81
C GLY A 106 2.79 3.25 14.26
N GLN A 107 2.06 3.83 13.32
CA GLN A 107 0.81 4.52 13.63
C GLN A 107 -0.39 3.61 13.40
N ASN A 108 -1.58 4.13 13.68
CA ASN A 108 -2.80 3.36 13.50
C ASN A 108 -3.69 3.97 12.42
N ILE A 109 -4.86 3.38 12.20
CA ILE A 109 -5.78 3.88 11.20
C ILE A 109 -7.14 4.20 11.82
N TYR A 110 -7.61 3.33 12.71
CA TYR A 110 -8.89 3.52 13.37
C TYR A 110 -8.70 4.08 14.78
N ASN A 111 -7.48 4.53 15.06
CA ASN A 111 -7.17 5.09 16.37
C ASN A 111 -7.04 3.98 17.42
N ALA A 112 -5.80 3.66 17.78
CA ALA A 112 -5.55 2.62 18.77
C ALA A 112 -5.99 1.26 18.26
N CYS A 113 -5.47 0.87 17.10
CA CYS A 113 -5.81 -0.42 16.49
C CYS A 113 -5.52 -0.41 15.00
N CYS A 114 -5.42 -1.60 14.42
CA CYS A 114 -5.15 -1.74 12.99
C CYS A 114 -3.69 -1.40 12.68
N THR A 115 -2.82 -1.63 13.65
CA THR A 115 -1.40 -1.34 13.48
C THR A 115 -0.95 -1.63 12.04
N LEU A 116 -0.19 -0.71 11.47
CA LEU A 116 0.30 -0.86 10.10
C LEU A 116 1.81 -0.71 10.05
N ARG A 117 2.48 -1.68 9.43
CA ARG A 117 3.94 -1.66 9.30
C ARG A 117 4.34 -1.44 7.84
N ILE A 118 4.86 -0.25 7.55
CA ILE A 118 5.28 0.08 6.19
C ILE A 118 6.77 -0.19 6.00
N ASP A 119 7.14 -0.56 4.79
CA ASP A 119 8.53 -0.85 4.46
C ASP A 119 8.78 -0.73 2.96
N PHE A 120 10.02 -0.37 2.60
CA PHE A 120 10.38 -0.22 1.19
C PHE A 120 10.42 -1.58 0.50
N SER A 121 9.56 -1.75 -0.50
CA SER A 121 9.50 -3.00 -1.25
C SER A 121 10.88 -3.41 -1.75
N LYS A 122 11.13 -4.71 -1.82
CA LYS A 122 12.41 -5.23 -2.27
C LYS A 122 12.38 -5.56 -3.76
N LEU A 123 11.18 -5.70 -4.31
CA LEU A 123 11.03 -6.01 -5.73
C LEU A 123 11.04 -4.74 -6.56
N THR A 124 11.45 -3.64 -5.94
CA THR A 124 11.51 -2.36 -6.63
C THR A 124 10.14 -1.96 -7.16
N SER A 125 9.12 -2.62 -6.66
CA SER A 125 7.74 -2.35 -7.07
C SER A 125 6.80 -3.45 -6.60
N LEU A 126 5.51 -3.23 -6.82
CA LEU A 126 4.50 -4.20 -6.42
C LEU A 126 3.91 -4.91 -7.64
N ASN A 127 3.15 -5.98 -7.39
CA ASN A 127 2.52 -6.74 -8.46
C ASN A 127 1.11 -6.24 -8.73
N VAL A 128 0.98 -5.34 -9.71
CA VAL A 128 -0.32 -4.78 -10.07
C VAL A 128 -0.57 -4.89 -11.57
N LYS A 129 -1.45 -5.80 -11.95
CA LYS A 129 -1.78 -6.00 -13.37
C LYS A 129 -3.26 -6.35 -13.52
N TYR A 130 -4.06 -5.98 -12.54
CA TYR A 130 -5.49 -6.26 -12.57
C TYR A 130 -6.27 -5.20 -11.78
N ASN A 131 -7.57 -5.11 -12.05
CA ASN A 131 -8.42 -4.14 -11.36
C ASN A 131 -9.71 -4.81 -10.87
N ASN A 132 -9.77 -5.06 -9.57
CA ASN A 132 -10.94 -5.69 -8.97
C ASN A 132 -11.02 -5.38 -7.48
N ASP A 133 -10.28 -6.15 -6.68
CA ASP A 133 -10.27 -5.97 -5.24
C ASP A 133 -8.89 -6.26 -4.66
N LYS A 134 -8.25 -7.30 -5.17
CA LYS A 134 -6.92 -7.69 -4.70
C LYS A 134 -5.86 -6.71 -5.22
N SER A 135 -6.15 -6.09 -6.36
CA SER A 135 -5.22 -5.14 -6.95
C SER A 135 -5.95 -3.87 -7.39
N ARG A 136 -5.52 -2.73 -6.85
CA ARG A 136 -6.13 -1.46 -7.18
C ARG A 136 -5.09 -0.47 -7.72
N ASP A 137 -5.19 -0.17 -9.01
CA ASP A 137 -4.26 0.75 -9.65
C ASP A 137 -4.93 2.10 -9.93
N TYR A 138 -4.14 3.17 -9.90
CA TYR A 138 -4.65 4.50 -10.15
C TYR A 138 -3.85 5.20 -11.25
N THR A 139 -3.71 4.53 -12.39
CA THR A 139 -2.96 5.08 -13.52
C THR A 139 -3.59 4.66 -14.84
N ARG A 140 -3.93 3.38 -14.96
CA ARG A 140 -4.53 2.86 -16.17
C ARG A 140 -5.65 1.87 -15.84
N PRO A 141 -6.66 2.33 -15.10
CA PRO A 141 -7.79 1.49 -14.69
C PRO A 141 -8.23 0.53 -15.79
N ASP A 142 -7.99 0.91 -17.04
CA ASP A 142 -8.35 0.08 -18.18
C ASP A 142 -8.08 -1.40 -17.87
N LEU A 143 -7.10 -1.66 -17.02
CA LEU A 143 -6.76 -3.03 -16.65
C LEU A 143 -8.01 -3.89 -16.51
N PRO A 144 -7.86 -5.21 -16.70
CA PRO A 144 -8.98 -6.14 -16.60
C PRO A 144 -9.48 -6.32 -15.17
N SER A 145 -10.51 -7.12 -15.00
CA SER A 145 -11.07 -7.38 -13.67
C SER A 145 -11.16 -8.87 -13.40
N GLY A 146 -10.07 -9.59 -13.66
CA GLY A 146 -10.05 -11.03 -13.44
C GLY A 146 -10.57 -11.39 -12.06
N ASP A 147 -11.89 -11.60 -11.96
CA ASP A 147 -12.51 -11.97 -10.70
C ASP A 147 -12.61 -10.76 -9.77
N MET A 40 22.71 -0.61 -5.62
CA MET A 40 23.18 0.71 -6.15
C MET A 40 22.08 1.76 -6.06
N ALA A 41 21.49 1.88 -4.88
CA ALA A 41 20.43 2.86 -4.66
C ALA A 41 19.41 2.82 -5.79
N GLY A 42 18.42 3.71 -5.71
CA GLY A 42 17.39 3.77 -6.74
C GLY A 42 16.12 4.44 -6.25
N GLN A 43 15.77 5.56 -6.89
CA GLN A 43 14.58 6.30 -6.51
C GLN A 43 13.32 5.48 -6.79
N SER A 44 13.20 4.34 -6.13
CA SER A 44 12.04 3.46 -6.31
C SER A 44 11.06 3.62 -5.15
N PRO A 45 10.01 4.43 -5.35
CA PRO A 45 8.99 4.65 -4.32
C PRO A 45 8.00 3.50 -4.24
N VAL A 46 8.34 2.49 -3.44
CA VAL A 46 7.48 1.33 -3.27
C VAL A 46 7.49 0.84 -1.82
N LEU A 47 6.41 1.11 -1.11
CA LEU A 47 6.30 0.70 0.29
C LEU A 47 5.38 -0.51 0.43
N ARG A 48 5.46 -1.18 1.58
CA ARG A 48 4.64 -2.35 1.85
C ARG A 48 4.04 -2.28 3.24
N ILE A 49 2.73 -2.05 3.31
CA ILE A 49 2.03 -1.95 4.58
C ILE A 49 1.65 -3.33 5.10
N ILE A 50 1.68 -3.48 6.42
CA ILE A 50 1.34 -4.76 7.05
C ILE A 50 0.43 -4.54 8.25
N VAL A 51 -0.87 -4.81 8.07
CA VAL A 51 -1.84 -4.65 9.15
C VAL A 51 -1.81 -5.84 10.09
N GLU A 52 -1.77 -5.56 11.40
CA GLU A 52 -1.74 -6.60 12.41
C GLU A 52 -2.95 -6.49 13.33
N ASN A 53 -3.16 -7.52 14.15
CA ASN A 53 -4.28 -7.54 15.08
C ASN A 53 -5.60 -7.28 14.35
N LEU A 54 -6.44 -8.30 14.27
CA LEU A 54 -7.73 -8.19 13.60
C LEU A 54 -8.60 -7.13 14.27
N PHE A 55 -9.35 -6.39 13.46
CA PHE A 55 -10.22 -5.35 13.98
C PHE A 55 -11.44 -5.15 13.06
N TYR A 56 -11.17 -4.96 11.78
CA TYR A 56 -12.24 -4.76 10.80
C TYR A 56 -11.75 -5.09 9.39
N PRO A 57 -12.70 -5.35 8.47
CA PRO A 57 -12.38 -5.69 7.09
C PRO A 57 -12.02 -4.47 6.26
N VAL A 58 -10.72 -4.21 6.12
CA VAL A 58 -10.24 -3.07 5.35
C VAL A 58 -10.16 -3.41 3.87
N THR A 59 -9.71 -2.45 3.07
CA THR A 59 -9.60 -2.66 1.63
C THR A 59 -8.62 -1.65 1.02
N LEU A 60 -8.68 -1.49 -0.30
CA LEU A 60 -7.81 -0.57 -1.00
C LEU A 60 -8.26 0.87 -0.79
N ASP A 61 -9.56 1.11 -0.94
CA ASP A 61 -10.13 2.45 -0.76
C ASP A 61 -9.49 3.14 0.44
N VAL A 62 -9.44 2.46 1.57
CA VAL A 62 -8.87 3.01 2.79
C VAL A 62 -7.36 3.21 2.64
N LEU A 63 -6.69 2.20 2.09
CA LEU A 63 -5.25 2.26 1.89
C LEU A 63 -4.88 3.33 0.86
N HIS A 64 -5.86 3.70 0.03
CA HIS A 64 -5.64 4.71 -1.00
C HIS A 64 -5.72 6.11 -0.40
N GLN A 65 -6.84 6.43 0.24
CA GLN A 65 -7.04 7.73 0.85
C GLN A 65 -5.98 7.99 1.93
N ILE A 66 -5.28 6.94 2.32
CA ILE A 66 -4.25 7.06 3.35
C ILE A 66 -2.95 7.56 2.75
N PHE A 67 -2.33 6.74 1.90
CA PHE A 67 -1.07 7.11 1.26
C PHE A 67 -1.30 8.18 0.20
N SER A 68 -2.55 8.40 -0.15
CA SER A 68 -2.90 9.41 -1.15
C SER A 68 -2.79 10.81 -0.57
N LYS A 69 -2.42 10.89 0.70
CA LYS A 69 -2.28 12.19 1.37
C LYS A 69 -0.84 12.69 1.28
N PHE A 70 0.11 11.81 1.60
CA PHE A 70 1.51 12.16 1.54
C PHE A 70 2.00 12.22 0.09
N GLY A 71 1.14 11.78 -0.82
CA GLY A 71 1.50 11.80 -2.23
C GLY A 71 0.56 10.97 -3.09
N THR A 72 0.67 11.13 -4.40
CA THR A 72 -0.16 10.38 -5.33
C THR A 72 0.15 8.89 -5.27
N VAL A 73 -0.90 8.09 -5.06
CA VAL A 73 -0.75 6.64 -4.98
C VAL A 73 -0.94 6.02 -6.35
N LEU A 74 0.17 5.59 -6.94
CA LEU A 74 0.14 4.97 -8.27
C LEU A 74 -0.69 3.69 -8.26
N LYS A 75 -0.39 2.81 -7.30
CA LYS A 75 -1.12 1.55 -7.20
C LYS A 75 -1.17 1.05 -5.76
N ILE A 76 -2.04 0.07 -5.51
CA ILE A 76 -2.18 -0.51 -4.18
C ILE A 76 -2.57 -1.98 -4.26
N ILE A 77 -2.14 -2.76 -3.28
CA ILE A 77 -2.44 -4.19 -3.25
C ILE A 77 -2.66 -4.67 -1.82
N THR A 78 -3.36 -5.79 -1.69
CA THR A 78 -3.65 -6.35 -0.37
C THR A 78 -3.68 -7.88 -0.43
N PHE A 79 -3.28 -8.51 0.66
CA PHE A 79 -3.26 -9.97 0.74
C PHE A 79 -3.04 -10.44 2.17
N THR A 80 -3.33 -11.71 2.42
CA THR A 80 -3.16 -12.29 3.75
C THR A 80 -2.40 -13.61 3.69
N LYS A 81 -1.16 -13.59 4.17
CA LYS A 81 -0.33 -14.79 4.17
C LYS A 81 -0.53 -15.59 5.46
N ASN A 82 -1.35 -16.63 5.37
CA ASN A 82 -1.63 -17.47 6.53
C ASN A 82 -2.16 -16.64 7.70
N ASN A 83 -3.02 -15.67 7.38
CA ASN A 83 -3.60 -14.80 8.39
C ASN A 83 -2.67 -13.62 8.70
N GLN A 84 -2.10 -13.05 7.64
CA GLN A 84 -1.19 -11.91 7.79
C GLN A 84 -1.51 -10.83 6.77
N PHE A 85 -2.26 -9.82 7.19
CA PHE A 85 -2.64 -8.72 6.32
C PHE A 85 -1.40 -7.97 5.82
N GLN A 86 -1.29 -7.85 4.51
CA GLN A 86 -0.16 -7.16 3.90
C GLN A 86 -0.57 -6.49 2.59
N ALA A 87 -0.43 -5.17 2.53
CA ALA A 87 -0.79 -4.42 1.34
C ALA A 87 0.39 -3.62 0.81
N LEU A 88 0.66 -3.76 -0.48
CA LEU A 88 1.76 -3.05 -1.12
C LEU A 88 1.37 -1.61 -1.44
N LEU A 89 2.38 -0.77 -1.70
CA LEU A 89 2.13 0.62 -2.02
C LEU A 89 3.08 1.11 -3.10
N GLN A 90 2.60 2.03 -3.93
CA GLN A 90 3.41 2.58 -5.01
C GLN A 90 3.20 4.09 -5.13
N TYR A 91 4.22 4.86 -4.79
CA TYR A 91 4.14 6.31 -4.86
C TYR A 91 4.67 6.82 -6.19
N ALA A 92 4.47 8.11 -6.45
CA ALA A 92 4.94 8.73 -7.69
C ALA A 92 6.31 9.37 -7.50
N ASP A 93 6.70 9.57 -6.25
CA ASP A 93 7.99 10.17 -5.93
C ASP A 93 8.55 9.59 -4.64
N PRO A 94 9.87 9.35 -4.61
CA PRO A 94 10.55 8.80 -3.43
C PRO A 94 10.50 9.74 -2.23
N VAL A 95 10.45 11.04 -2.50
CA VAL A 95 10.40 12.05 -1.45
C VAL A 95 9.15 11.87 -0.60
N SER A 96 8.03 11.60 -1.26
CA SER A 96 6.76 11.41 -0.56
C SER A 96 6.73 10.08 0.18
N ALA A 97 7.39 9.08 -0.41
CA ALA A 97 7.44 7.75 0.19
C ALA A 97 8.28 7.76 1.46
N GLN A 98 9.42 8.44 1.40
CA GLN A 98 10.32 8.52 2.56
C GLN A 98 9.58 9.07 3.77
N HIS A 99 9.05 10.28 3.65
CA HIS A 99 8.32 10.91 4.74
C HIS A 99 7.13 10.06 5.17
N ALA A 100 6.30 9.69 4.20
CA ALA A 100 5.13 8.86 4.48
C ALA A 100 5.51 7.59 5.23
N LYS A 101 6.65 7.01 4.84
CA LYS A 101 7.13 5.78 5.48
C LYS A 101 7.15 5.94 7.00
N LEU A 102 7.94 6.88 7.50
CA LEU A 102 8.04 7.12 8.93
C LEU A 102 6.80 7.83 9.46
N SER A 103 6.13 8.57 8.58
CA SER A 103 4.93 9.29 8.95
C SER A 103 3.76 8.34 9.13
N LEU A 104 3.95 7.09 8.74
CA LEU A 104 2.89 6.08 8.87
C LEU A 104 3.45 4.77 9.40
N ASP A 105 4.71 4.79 9.86
CA ASP A 105 5.35 3.61 10.40
C ASP A 105 5.20 3.55 11.91
N GLY A 106 4.29 2.70 12.38
CA GLY A 106 4.07 2.56 13.81
C GLY A 106 2.79 3.25 14.26
N GLN A 107 2.06 3.83 13.32
CA GLN A 107 0.81 4.52 13.63
C GLN A 107 -0.39 3.61 13.40
N ASN A 108 -1.58 4.13 13.68
CA ASN A 108 -2.80 3.36 13.50
C ASN A 108 -3.69 3.97 12.42
N ILE A 109 -4.86 3.38 12.20
CA ILE A 109 -5.78 3.88 11.20
C ILE A 109 -7.14 4.20 11.82
N TYR A 110 -7.61 3.33 12.71
CA TYR A 110 -8.89 3.52 13.37
C TYR A 110 -8.70 4.08 14.78
N ASN A 111 -7.48 4.53 15.06
CA ASN A 111 -7.17 5.09 16.37
C ASN A 111 -7.04 3.98 17.42
N ALA A 112 -5.80 3.66 17.78
CA ALA A 112 -5.55 2.62 18.77
C ALA A 112 -5.99 1.26 18.26
N CYS A 113 -5.47 0.87 17.10
CA CYS A 113 -5.81 -0.42 16.49
C CYS A 113 -5.52 -0.41 15.00
N CYS A 114 -5.42 -1.60 14.42
CA CYS A 114 -5.15 -1.74 12.99
C CYS A 114 -3.69 -1.40 12.68
N THR A 115 -2.82 -1.63 13.65
CA THR A 115 -1.40 -1.34 13.48
C THR A 115 -0.95 -1.63 12.04
N LEU A 116 -0.19 -0.71 11.47
CA LEU A 116 0.30 -0.86 10.10
C LEU A 116 1.81 -0.71 10.05
N ARG A 117 2.48 -1.68 9.43
CA ARG A 117 3.94 -1.66 9.30
C ARG A 117 4.34 -1.44 7.84
N ILE A 118 4.86 -0.25 7.55
CA ILE A 118 5.28 0.08 6.19
C ILE A 118 6.77 -0.19 6.00
N ASP A 119 7.14 -0.56 4.79
CA ASP A 119 8.53 -0.85 4.46
C ASP A 119 8.78 -0.73 2.96
N PHE A 120 10.02 -0.37 2.60
CA PHE A 120 10.38 -0.22 1.19
C PHE A 120 10.42 -1.58 0.50
N SER A 121 9.56 -1.75 -0.50
CA SER A 121 9.50 -3.00 -1.25
C SER A 121 10.88 -3.41 -1.75
N LYS A 122 11.13 -4.71 -1.82
CA LYS A 122 12.41 -5.23 -2.27
C LYS A 122 12.38 -5.56 -3.76
N LEU A 123 11.18 -5.70 -4.31
CA LEU A 123 11.03 -6.01 -5.73
C LEU A 123 11.04 -4.74 -6.56
N THR A 124 11.45 -3.64 -5.94
CA THR A 124 11.51 -2.36 -6.63
C THR A 124 10.14 -1.96 -7.16
N SER A 125 9.12 -2.62 -6.66
CA SER A 125 7.74 -2.35 -7.07
C SER A 125 6.80 -3.45 -6.60
N LEU A 126 5.51 -3.23 -6.82
CA LEU A 126 4.50 -4.20 -6.42
C LEU A 126 3.91 -4.91 -7.64
N ASN A 127 3.15 -5.98 -7.39
CA ASN A 127 2.52 -6.74 -8.46
C ASN A 127 1.11 -6.24 -8.73
N VAL A 128 0.98 -5.34 -9.71
CA VAL A 128 -0.32 -4.78 -10.07
C VAL A 128 -0.57 -4.89 -11.57
N LYS A 129 -1.45 -5.80 -11.95
CA LYS A 129 -1.78 -6.00 -13.37
C LYS A 129 -3.26 -6.35 -13.52
N TYR A 130 -4.06 -5.98 -12.54
CA TYR A 130 -5.49 -6.26 -12.57
C TYR A 130 -6.27 -5.20 -11.78
N ASN A 131 -7.57 -5.11 -12.05
CA ASN A 131 -8.42 -4.14 -11.36
C ASN A 131 -9.71 -4.81 -10.87
N ASN A 132 -9.77 -5.06 -9.57
CA ASN A 132 -10.94 -5.69 -8.97
C ASN A 132 -11.02 -5.38 -7.48
N ASP A 133 -10.28 -6.15 -6.68
CA ASP A 133 -10.27 -5.97 -5.24
C ASP A 133 -8.89 -6.26 -4.66
N LYS A 134 -8.25 -7.30 -5.17
CA LYS A 134 -6.92 -7.69 -4.70
C LYS A 134 -5.86 -6.71 -5.22
N SER A 135 -6.15 -6.09 -6.36
CA SER A 135 -5.22 -5.14 -6.95
C SER A 135 -5.95 -3.87 -7.39
N ARG A 136 -5.52 -2.73 -6.85
CA ARG A 136 -6.13 -1.46 -7.18
C ARG A 136 -5.09 -0.47 -7.72
N ASP A 137 -5.19 -0.17 -9.01
CA ASP A 137 -4.26 0.75 -9.65
C ASP A 137 -4.93 2.10 -9.93
N TYR A 138 -4.14 3.17 -9.90
CA TYR A 138 -4.65 4.50 -10.15
C TYR A 138 -3.85 5.20 -11.25
N THR A 139 -3.71 4.53 -12.39
CA THR A 139 -2.96 5.08 -13.52
C THR A 139 -3.59 4.66 -14.84
N ARG A 140 -3.93 3.38 -14.96
CA ARG A 140 -4.53 2.86 -16.17
C ARG A 140 -5.65 1.87 -15.84
N PRO A 141 -6.66 2.33 -15.10
CA PRO A 141 -7.79 1.49 -14.69
C PRO A 141 -8.23 0.53 -15.79
N ASP A 142 -7.99 0.91 -17.04
CA ASP A 142 -8.35 0.08 -18.18
C ASP A 142 -8.08 -1.40 -17.87
N LEU A 143 -7.10 -1.66 -17.02
CA LEU A 143 -6.76 -3.03 -16.65
C LEU A 143 -8.01 -3.89 -16.51
N PRO A 144 -7.86 -5.21 -16.70
CA PRO A 144 -8.98 -6.14 -16.60
C PRO A 144 -9.48 -6.32 -15.17
N SER A 145 -10.51 -7.12 -15.00
CA SER A 145 -11.07 -7.38 -13.67
C SER A 145 -11.16 -8.87 -13.40
N GLY A 146 -10.07 -9.59 -13.66
CA GLY A 146 -10.05 -11.03 -13.44
C GLY A 146 -10.57 -11.39 -12.06
N ASP A 147 -11.89 -11.60 -11.96
CA ASP A 147 -12.51 -11.97 -10.70
C ASP A 147 -12.61 -10.76 -9.77
N MET A 40 21.85 5.54 1.69
CA MET A 40 20.88 4.42 1.72
C MET A 40 19.49 4.89 1.31
N ALA A 41 19.28 5.08 0.01
CA ALA A 41 18.00 5.53 -0.50
C ALA A 41 17.92 5.37 -2.02
N GLY A 42 17.19 4.36 -2.46
CA GLY A 42 17.05 4.11 -3.89
C GLY A 42 15.95 4.94 -4.52
N GLN A 43 16.09 5.23 -5.82
CA GLN A 43 15.10 6.02 -6.53
C GLN A 43 13.90 5.16 -6.92
N SER A 44 13.32 4.48 -5.93
CA SER A 44 12.16 3.63 -6.15
C SER A 44 11.16 3.74 -5.01
N PRO A 45 10.12 4.57 -5.18
CA PRO A 45 9.09 4.77 -4.16
C PRO A 45 8.11 3.60 -4.08
N VAL A 46 8.46 2.61 -3.28
CA VAL A 46 7.61 1.43 -3.11
C VAL A 46 7.60 0.96 -1.67
N LEU A 47 6.49 1.19 -0.98
CA LEU A 47 6.36 0.79 0.41
C LEU A 47 5.46 -0.43 0.55
N ARG A 48 5.68 -1.20 1.61
CA ARG A 48 4.89 -2.40 1.86
C ARG A 48 4.26 -2.35 3.25
N ILE A 49 2.95 -2.11 3.29
CA ILE A 49 2.22 -2.02 4.54
C ILE A 49 1.83 -3.41 5.05
N ILE A 50 1.79 -3.56 6.38
CA ILE A 50 1.43 -4.83 6.98
C ILE A 50 0.53 -4.62 8.20
N VAL A 51 -0.76 -4.91 8.03
CA VAL A 51 -1.72 -4.74 9.12
C VAL A 51 -1.62 -5.90 10.12
N GLU A 52 -1.59 -5.56 11.40
CA GLU A 52 -1.50 -6.56 12.45
C GLU A 52 -2.64 -6.40 13.44
N ASN A 53 -3.29 -7.50 13.79
CA ASN A 53 -4.40 -7.48 14.73
C ASN A 53 -5.70 -7.07 14.03
N LEU A 54 -6.57 -8.05 13.77
CA LEU A 54 -7.83 -7.79 13.11
C LEU A 54 -8.93 -7.49 14.13
N PHE A 55 -9.30 -6.21 14.22
CA PHE A 55 -10.34 -5.79 15.16
C PHE A 55 -11.48 -5.10 14.41
N TYR A 56 -11.13 -4.19 13.52
CA TYR A 56 -12.13 -3.45 12.75
C TYR A 56 -12.03 -3.78 11.27
N PRO A 57 -13.15 -3.77 10.55
CA PRO A 57 -13.19 -4.07 9.11
C PRO A 57 -12.55 -2.96 8.28
N VAL A 58 -11.69 -3.35 7.34
CA VAL A 58 -11.02 -2.40 6.48
C VAL A 58 -10.84 -2.95 5.08
N THR A 59 -10.30 -2.13 4.20
CA THR A 59 -10.10 -2.51 2.81
C THR A 59 -9.06 -1.61 2.14
N LEU A 60 -9.02 -1.64 0.81
CA LEU A 60 -8.08 -0.82 0.05
C LEU A 60 -8.45 0.66 0.16
N ASP A 61 -9.71 0.98 -0.12
CA ASP A 61 -10.18 2.35 -0.06
C ASP A 61 -9.60 3.08 1.15
N VAL A 62 -9.30 2.31 2.20
CA VAL A 62 -8.73 2.88 3.42
C VAL A 62 -7.23 3.11 3.28
N LEU A 63 -6.52 2.06 2.89
CA LEU A 63 -5.07 2.14 2.71
C LEU A 63 -4.71 3.20 1.68
N HIS A 64 -5.55 3.33 0.66
CA HIS A 64 -5.31 4.30 -0.41
C HIS A 64 -5.44 5.72 0.13
N GLN A 65 -6.60 6.04 0.67
CA GLN A 65 -6.85 7.37 1.23
C GLN A 65 -5.77 7.75 2.22
N ILE A 66 -5.07 6.74 2.75
CA ILE A 66 -4.01 6.97 3.72
C ILE A 66 -2.75 7.50 3.04
N PHE A 67 -2.14 6.66 2.21
CA PHE A 67 -0.92 7.04 1.50
C PHE A 67 -1.23 8.03 0.39
N SER A 68 -2.51 8.16 0.07
CA SER A 68 -2.93 9.09 -0.98
C SER A 68 -2.91 10.53 -0.47
N LYS A 69 -2.51 10.69 0.79
CA LYS A 69 -2.45 12.01 1.40
C LYS A 69 -1.04 12.58 1.30
N PHE A 70 -0.06 11.77 1.68
CA PHE A 70 1.33 12.18 1.63
C PHE A 70 1.82 12.21 0.19
N GLY A 71 1.02 11.68 -0.73
CA GLY A 71 1.39 11.67 -2.13
C GLY A 71 0.46 10.84 -2.99
N THR A 72 0.55 11.02 -4.29
CA THR A 72 -0.28 10.28 -5.23
C THR A 72 0.09 8.81 -5.25
N VAL A 73 -0.91 7.94 -5.13
CA VAL A 73 -0.68 6.51 -5.14
C VAL A 73 -0.92 5.93 -6.53
N LEU A 74 0.16 5.60 -7.21
CA LEU A 74 0.09 5.05 -8.55
C LEU A 74 -0.67 3.73 -8.57
N LYS A 75 -0.32 2.83 -7.65
CA LYS A 75 -0.98 1.53 -7.57
C LYS A 75 -1.03 1.03 -6.13
N ILE A 76 -1.81 -0.03 -5.91
CA ILE A 76 -1.95 -0.61 -4.58
C ILE A 76 -2.43 -2.05 -4.67
N ILE A 77 -2.03 -2.87 -3.68
CA ILE A 77 -2.42 -4.27 -3.65
C ILE A 77 -2.65 -4.74 -2.22
N THR A 78 -3.57 -5.68 -2.05
CA THR A 78 -3.89 -6.20 -0.72
C THR A 78 -4.16 -7.70 -0.79
N PHE A 79 -3.83 -8.41 0.29
CA PHE A 79 -4.04 -9.85 0.36
C PHE A 79 -3.84 -10.35 1.78
N THR A 80 -3.85 -11.67 1.94
CA THR A 80 -3.67 -12.29 3.25
C THR A 80 -2.78 -13.53 3.16
N LYS A 81 -1.57 -13.41 3.71
CA LYS A 81 -0.62 -14.52 3.70
C LYS A 81 -0.77 -15.38 4.94
N ASN A 82 -1.53 -16.46 4.82
CA ASN A 82 -1.74 -17.36 5.95
C ASN A 82 -2.41 -16.62 7.11
N ASN A 83 -3.34 -15.74 6.78
CA ASN A 83 -4.04 -14.96 7.80
C ASN A 83 -3.24 -13.71 8.17
N GLN A 84 -2.69 -13.04 7.17
CA GLN A 84 -1.91 -11.83 7.41
C GLN A 84 -2.25 -10.76 6.39
N PHE A 85 -3.08 -9.81 6.78
CA PHE A 85 -3.49 -8.72 5.90
C PHE A 85 -2.29 -7.85 5.52
N GLN A 86 -2.07 -7.70 4.22
CA GLN A 86 -0.96 -6.90 3.72
C GLN A 86 -1.45 -5.89 2.69
N ALA A 87 -0.71 -4.79 2.54
CA ALA A 87 -1.06 -3.76 1.59
C ALA A 87 0.18 -3.04 1.05
N LEU A 88 0.47 -3.25 -0.22
CA LEU A 88 1.63 -2.63 -0.85
C LEU A 88 1.20 -1.51 -1.79
N LEU A 89 2.14 -0.63 -2.15
CA LEU A 89 1.84 0.48 -3.04
C LEU A 89 3.13 1.05 -3.64
N GLN A 90 2.96 1.89 -4.67
CA GLN A 90 4.11 2.51 -5.33
C GLN A 90 3.87 3.99 -5.54
N TYR A 91 4.39 4.82 -4.64
CA TYR A 91 4.22 6.27 -4.74
C TYR A 91 4.70 6.77 -6.09
N ALA A 92 4.46 8.05 -6.35
CA ALA A 92 4.86 8.66 -7.61
C ALA A 92 6.28 9.23 -7.51
N ASP A 93 6.81 9.26 -6.30
CA ASP A 93 8.16 9.77 -6.06
C ASP A 93 8.69 9.32 -4.70
N PRO A 94 9.99 9.02 -4.62
CA PRO A 94 10.63 8.57 -3.38
C PRO A 94 10.57 9.63 -2.28
N VAL A 95 10.30 10.87 -2.68
CA VAL A 95 10.21 11.97 -1.73
C VAL A 95 8.99 11.84 -0.84
N SER A 96 7.89 11.35 -1.42
CA SER A 96 6.65 11.17 -0.68
C SER A 96 6.70 9.88 0.15
N ALA A 97 7.40 8.88 -0.35
CA ALA A 97 7.53 7.60 0.34
C ALA A 97 8.40 7.73 1.58
N GLN A 98 9.45 8.53 1.47
CA GLN A 98 10.37 8.74 2.59
C GLN A 98 9.67 9.46 3.74
N HIS A 99 9.05 10.60 3.43
CA HIS A 99 8.36 11.38 4.44
C HIS A 99 7.14 10.61 4.98
N ALA A 100 6.39 10.00 4.07
CA ALA A 100 5.21 9.24 4.43
C ALA A 100 5.57 8.05 5.33
N LYS A 101 6.43 7.19 4.82
CA LYS A 101 6.87 6.01 5.57
C LYS A 101 7.14 6.36 7.03
N LEU A 102 7.76 7.51 7.25
CA LEU A 102 8.07 7.97 8.60
C LEU A 102 6.86 8.64 9.24
N SER A 103 5.97 9.16 8.41
CA SER A 103 4.77 9.83 8.89
C SER A 103 3.84 8.85 9.59
N LEU A 104 3.93 7.58 9.21
CA LEU A 104 3.09 6.54 9.81
C LEU A 104 3.95 5.51 10.54
N ASP A 105 4.68 4.70 9.78
CA ASP A 105 5.55 3.67 10.36
C ASP A 105 4.94 3.09 11.63
N GLY A 106 4.27 1.96 11.49
CA GLY A 106 3.65 1.31 12.64
C GLY A 106 2.49 2.10 13.22
N GLN A 107 2.11 3.18 12.53
CA GLN A 107 1.01 4.01 12.98
C GLN A 107 -0.32 3.27 12.90
N ASN A 108 -1.09 3.35 13.98
CA ASN A 108 -2.39 2.68 14.04
C ASN A 108 -3.41 3.41 13.16
N ILE A 109 -4.39 2.66 12.64
CA ILE A 109 -5.41 3.23 11.80
C ILE A 109 -6.68 3.54 12.58
N TYR A 110 -6.74 3.02 13.82
CA TYR A 110 -7.89 3.24 14.68
C TYR A 110 -7.48 3.88 16.00
N ASN A 111 -7.01 3.05 16.93
CA ASN A 111 -6.58 3.53 18.23
C ASN A 111 -5.32 2.80 18.69
N ALA A 112 -5.38 1.47 18.69
CA ALA A 112 -4.25 0.65 19.12
C ALA A 112 -4.50 -0.82 18.81
N CYS A 113 -4.33 -1.20 17.55
CA CYS A 113 -4.53 -2.58 17.14
C CYS A 113 -4.10 -2.78 15.68
N CYS A 114 -4.83 -2.13 14.77
CA CYS A 114 -4.52 -2.24 13.34
C CYS A 114 -3.17 -1.62 13.02
N THR A 115 -2.11 -2.15 13.64
CA THR A 115 -0.77 -1.65 13.42
C THR A 115 -0.45 -1.57 11.93
N LEU A 116 0.20 -0.49 11.52
CA LEU A 116 0.56 -0.30 10.12
C LEU A 116 2.07 -0.34 9.94
N ARG A 117 2.60 -1.52 9.62
CA ARG A 117 4.03 -1.69 9.41
C ARG A 117 4.40 -1.45 7.95
N ILE A 118 5.05 -0.31 7.68
CA ILE A 118 5.45 0.04 6.33
C ILE A 118 6.96 -0.12 6.14
N ASP A 119 7.35 -0.57 4.95
CA ASP A 119 8.77 -0.76 4.64
C ASP A 119 8.99 -0.83 3.13
N PHE A 120 10.14 -0.36 2.69
CA PHE A 120 10.47 -0.37 1.26
C PHE A 120 10.56 -1.79 0.73
N SER A 121 9.82 -2.06 -0.35
CA SER A 121 9.81 -3.38 -0.96
C SER A 121 11.22 -3.86 -1.27
N LYS A 122 11.36 -5.12 -1.64
CA LYS A 122 12.66 -5.70 -1.96
C LYS A 122 12.93 -5.65 -3.46
N LEU A 123 11.89 -5.87 -4.25
CA LEU A 123 12.02 -5.85 -5.70
C LEU A 123 11.95 -4.43 -6.25
N THR A 124 12.02 -3.46 -5.35
CA THR A 124 11.97 -2.05 -5.73
C THR A 124 10.72 -1.78 -6.55
N SER A 125 9.75 -2.68 -6.43
CA SER A 125 8.48 -2.56 -7.15
C SER A 125 7.55 -3.71 -6.81
N LEU A 126 6.25 -3.52 -7.07
CA LEU A 126 5.26 -4.54 -6.81
C LEU A 126 4.67 -5.08 -8.11
N ASN A 127 3.94 -6.19 -8.00
CA ASN A 127 3.32 -6.80 -9.17
C ASN A 127 1.87 -6.35 -9.31
N VAL A 128 1.66 -5.30 -10.10
CA VAL A 128 0.32 -4.77 -10.32
C VAL A 128 0.01 -4.66 -11.82
N LYS A 129 -0.77 -5.61 -12.32
CA LYS A 129 -1.14 -5.62 -13.74
C LYS A 129 -2.58 -6.12 -13.91
N TYR A 130 -3.41 -5.88 -12.91
CA TYR A 130 -4.80 -6.31 -12.95
C TYR A 130 -5.66 -5.48 -12.00
N ASN A 131 -6.92 -5.31 -12.36
CA ASN A 131 -7.84 -4.52 -11.54
C ASN A 131 -9.10 -5.33 -11.22
N ASN A 132 -9.28 -5.65 -9.95
CA ASN A 132 -10.44 -6.42 -9.51
C ASN A 132 -10.90 -5.98 -8.12
N ASP A 133 -10.37 -6.62 -7.09
CA ASP A 133 -10.72 -6.31 -5.71
C ASP A 133 -9.49 -6.39 -4.81
N LYS A 134 -8.69 -7.42 -5.00
CA LYS A 134 -7.48 -7.61 -4.20
C LYS A 134 -6.41 -6.58 -4.56
N SER A 135 -6.40 -6.18 -5.83
CA SER A 135 -5.44 -5.20 -6.31
C SER A 135 -6.14 -3.91 -6.73
N ARG A 136 -5.35 -2.88 -7.03
CA ARG A 136 -5.89 -1.60 -7.45
C ARG A 136 -4.82 -0.74 -8.10
N ASP A 137 -4.91 -0.58 -9.41
CA ASP A 137 -3.94 0.23 -10.15
C ASP A 137 -4.50 1.60 -10.49
N TYR A 138 -3.85 2.64 -9.99
CA TYR A 138 -4.28 4.01 -10.24
C TYR A 138 -3.52 4.62 -11.40
N THR A 139 -3.00 3.77 -12.27
CA THR A 139 -2.24 4.23 -13.44
C THR A 139 -3.02 4.00 -14.73
N ARG A 140 -3.80 2.92 -14.75
CA ARG A 140 -4.60 2.59 -15.93
C ARG A 140 -5.88 1.87 -15.53
N PRO A 141 -7.04 2.41 -15.93
CA PRO A 141 -8.35 1.82 -15.62
C PRO A 141 -8.73 0.72 -16.59
N ASP A 142 -7.98 0.60 -17.69
CA ASP A 142 -8.24 -0.42 -18.69
C ASP A 142 -7.49 -1.70 -18.38
N LEU A 143 -7.26 -1.95 -17.10
CA LEU A 143 -6.56 -3.16 -16.66
C LEU A 143 -7.50 -4.34 -16.55
N PRO A 144 -7.04 -5.54 -16.93
CA PRO A 144 -7.85 -6.76 -16.87
C PRO A 144 -8.12 -7.20 -15.44
N SER A 145 -8.90 -8.27 -15.30
CA SER A 145 -9.24 -8.80 -13.98
C SER A 145 -8.29 -9.94 -13.58
N GLY A 146 -7.17 -10.03 -14.28
CA GLY A 146 -6.20 -11.08 -14.00
C GLY A 146 -6.81 -12.46 -14.05
N ASP A 147 -7.37 -12.81 -15.19
CA ASP A 147 -7.99 -14.13 -15.37
C ASP A 147 -8.61 -14.25 -16.76
N MET A 40 21.85 5.54 1.69
CA MET A 40 20.88 4.42 1.72
C MET A 40 19.49 4.89 1.31
N ALA A 41 19.28 5.08 0.01
CA ALA A 41 18.00 5.53 -0.50
C ALA A 41 17.92 5.37 -2.02
N GLY A 42 17.19 4.36 -2.46
CA GLY A 42 17.05 4.11 -3.89
C GLY A 42 15.95 4.94 -4.52
N GLN A 43 16.09 5.23 -5.82
CA GLN A 43 15.10 6.02 -6.53
C GLN A 43 13.90 5.16 -6.92
N SER A 44 13.32 4.48 -5.93
CA SER A 44 12.16 3.63 -6.15
C SER A 44 11.16 3.74 -5.01
N PRO A 45 10.12 4.57 -5.18
CA PRO A 45 9.09 4.77 -4.16
C PRO A 45 8.11 3.60 -4.08
N VAL A 46 8.46 2.61 -3.28
CA VAL A 46 7.61 1.43 -3.11
C VAL A 46 7.60 0.96 -1.67
N LEU A 47 6.49 1.19 -0.98
CA LEU A 47 6.36 0.79 0.41
C LEU A 47 5.46 -0.43 0.55
N ARG A 48 5.68 -1.20 1.61
CA ARG A 48 4.89 -2.40 1.86
C ARG A 48 4.26 -2.35 3.25
N ILE A 49 2.95 -2.11 3.29
CA ILE A 49 2.22 -2.02 4.54
C ILE A 49 1.83 -3.41 5.05
N ILE A 50 1.79 -3.56 6.38
CA ILE A 50 1.43 -4.83 6.98
C ILE A 50 0.53 -4.62 8.20
N VAL A 51 -0.76 -4.91 8.03
CA VAL A 51 -1.72 -4.74 9.12
C VAL A 51 -1.62 -5.90 10.12
N GLU A 52 -1.59 -5.56 11.40
CA GLU A 52 -1.50 -6.56 12.45
C GLU A 52 -2.64 -6.40 13.44
N ASN A 53 -3.29 -7.50 13.79
CA ASN A 53 -4.40 -7.48 14.73
C ASN A 53 -5.70 -7.07 14.03
N LEU A 54 -6.57 -8.05 13.77
CA LEU A 54 -7.83 -7.79 13.11
C LEU A 54 -8.93 -7.49 14.13
N PHE A 55 -9.30 -6.21 14.22
CA PHE A 55 -10.34 -5.79 15.16
C PHE A 55 -11.48 -5.10 14.41
N TYR A 56 -11.13 -4.19 13.52
CA TYR A 56 -12.13 -3.45 12.75
C TYR A 56 -12.03 -3.78 11.27
N PRO A 57 -13.15 -3.77 10.55
CA PRO A 57 -13.19 -4.07 9.11
C PRO A 57 -12.55 -2.96 8.28
N VAL A 58 -11.69 -3.35 7.34
CA VAL A 58 -11.02 -2.40 6.48
C VAL A 58 -10.84 -2.95 5.08
N THR A 59 -10.30 -2.13 4.20
CA THR A 59 -10.10 -2.51 2.81
C THR A 59 -9.06 -1.61 2.14
N LEU A 60 -9.02 -1.64 0.81
CA LEU A 60 -8.08 -0.82 0.05
C LEU A 60 -8.45 0.66 0.16
N ASP A 61 -9.71 0.98 -0.12
CA ASP A 61 -10.18 2.35 -0.06
C ASP A 61 -9.60 3.08 1.15
N VAL A 62 -9.30 2.31 2.20
CA VAL A 62 -8.73 2.88 3.42
C VAL A 62 -7.23 3.11 3.28
N LEU A 63 -6.52 2.06 2.89
CA LEU A 63 -5.07 2.14 2.71
C LEU A 63 -4.71 3.20 1.68
N HIS A 64 -5.55 3.33 0.66
CA HIS A 64 -5.31 4.30 -0.41
C HIS A 64 -5.44 5.72 0.13
N GLN A 65 -6.60 6.04 0.67
CA GLN A 65 -6.85 7.37 1.23
C GLN A 65 -5.77 7.75 2.22
N ILE A 66 -5.07 6.74 2.75
CA ILE A 66 -4.01 6.97 3.72
C ILE A 66 -2.75 7.50 3.04
N PHE A 67 -2.14 6.66 2.21
CA PHE A 67 -0.92 7.04 1.50
C PHE A 67 -1.23 8.03 0.39
N SER A 68 -2.51 8.16 0.07
CA SER A 68 -2.93 9.09 -0.98
C SER A 68 -2.91 10.53 -0.47
N LYS A 69 -2.51 10.69 0.79
CA LYS A 69 -2.45 12.01 1.40
C LYS A 69 -1.04 12.58 1.30
N PHE A 70 -0.06 11.77 1.68
CA PHE A 70 1.33 12.18 1.63
C PHE A 70 1.82 12.21 0.19
N GLY A 71 1.02 11.68 -0.73
CA GLY A 71 1.39 11.67 -2.13
C GLY A 71 0.46 10.84 -2.99
N THR A 72 0.55 11.02 -4.29
CA THR A 72 -0.28 10.28 -5.23
C THR A 72 0.09 8.81 -5.25
N VAL A 73 -0.91 7.94 -5.13
CA VAL A 73 -0.68 6.51 -5.14
C VAL A 73 -0.92 5.93 -6.53
N LEU A 74 0.16 5.60 -7.21
CA LEU A 74 0.09 5.05 -8.55
C LEU A 74 -0.67 3.73 -8.57
N LYS A 75 -0.32 2.83 -7.65
CA LYS A 75 -0.98 1.53 -7.57
C LYS A 75 -1.03 1.03 -6.13
N ILE A 76 -1.81 -0.03 -5.91
CA ILE A 76 -1.95 -0.61 -4.58
C ILE A 76 -2.43 -2.05 -4.67
N ILE A 77 -2.03 -2.87 -3.68
CA ILE A 77 -2.42 -4.27 -3.65
C ILE A 77 -2.65 -4.74 -2.22
N THR A 78 -3.57 -5.68 -2.05
CA THR A 78 -3.89 -6.20 -0.72
C THR A 78 -4.16 -7.70 -0.79
N PHE A 79 -3.83 -8.41 0.29
CA PHE A 79 -4.04 -9.85 0.36
C PHE A 79 -3.84 -10.35 1.78
N THR A 80 -3.85 -11.67 1.94
CA THR A 80 -3.67 -12.29 3.25
C THR A 80 -2.78 -13.53 3.16
N LYS A 81 -1.57 -13.41 3.71
CA LYS A 81 -0.62 -14.52 3.70
C LYS A 81 -0.77 -15.38 4.94
N ASN A 82 -1.53 -16.46 4.82
CA ASN A 82 -1.74 -17.36 5.95
C ASN A 82 -2.41 -16.62 7.11
N ASN A 83 -3.34 -15.74 6.78
CA ASN A 83 -4.04 -14.96 7.80
C ASN A 83 -3.24 -13.71 8.17
N GLN A 84 -2.69 -13.04 7.17
CA GLN A 84 -1.91 -11.83 7.41
C GLN A 84 -2.25 -10.76 6.39
N PHE A 85 -3.08 -9.81 6.78
CA PHE A 85 -3.49 -8.72 5.90
C PHE A 85 -2.29 -7.85 5.52
N GLN A 86 -2.07 -7.70 4.22
CA GLN A 86 -0.96 -6.90 3.72
C GLN A 86 -1.45 -5.89 2.69
N ALA A 87 -0.71 -4.79 2.54
CA ALA A 87 -1.06 -3.76 1.59
C ALA A 87 0.18 -3.04 1.05
N LEU A 88 0.47 -3.25 -0.22
CA LEU A 88 1.63 -2.63 -0.85
C LEU A 88 1.20 -1.51 -1.79
N LEU A 89 2.14 -0.63 -2.15
CA LEU A 89 1.84 0.48 -3.04
C LEU A 89 3.13 1.05 -3.64
N GLN A 90 2.96 1.89 -4.67
CA GLN A 90 4.11 2.51 -5.33
C GLN A 90 3.87 3.99 -5.54
N TYR A 91 4.39 4.82 -4.64
CA TYR A 91 4.22 6.27 -4.74
C TYR A 91 4.70 6.77 -6.09
N ALA A 92 4.46 8.05 -6.35
CA ALA A 92 4.86 8.66 -7.61
C ALA A 92 6.28 9.23 -7.51
N ASP A 93 6.81 9.26 -6.30
CA ASP A 93 8.16 9.77 -6.06
C ASP A 93 8.69 9.32 -4.70
N PRO A 94 9.99 9.02 -4.62
CA PRO A 94 10.63 8.57 -3.38
C PRO A 94 10.57 9.63 -2.28
N VAL A 95 10.30 10.87 -2.68
CA VAL A 95 10.21 11.97 -1.73
C VAL A 95 8.99 11.84 -0.84
N SER A 96 7.89 11.35 -1.42
CA SER A 96 6.65 11.17 -0.68
C SER A 96 6.70 9.88 0.15
N ALA A 97 7.40 8.88 -0.35
CA ALA A 97 7.53 7.60 0.34
C ALA A 97 8.40 7.73 1.58
N GLN A 98 9.45 8.53 1.47
CA GLN A 98 10.37 8.74 2.59
C GLN A 98 9.67 9.46 3.74
N HIS A 99 9.05 10.60 3.43
CA HIS A 99 8.36 11.38 4.44
C HIS A 99 7.14 10.61 4.98
N ALA A 100 6.39 10.00 4.07
CA ALA A 100 5.21 9.24 4.43
C ALA A 100 5.57 8.05 5.33
N LYS A 101 6.43 7.19 4.82
CA LYS A 101 6.87 6.01 5.57
C LYS A 101 7.14 6.36 7.03
N LEU A 102 7.76 7.51 7.25
CA LEU A 102 8.07 7.97 8.60
C LEU A 102 6.86 8.64 9.24
N SER A 103 5.97 9.16 8.41
CA SER A 103 4.77 9.83 8.89
C SER A 103 3.84 8.85 9.59
N LEU A 104 3.93 7.58 9.21
CA LEU A 104 3.09 6.54 9.81
C LEU A 104 3.95 5.51 10.54
N ASP A 105 4.68 4.70 9.78
CA ASP A 105 5.55 3.67 10.36
C ASP A 105 4.94 3.09 11.63
N GLY A 106 4.27 1.96 11.49
CA GLY A 106 3.65 1.31 12.64
C GLY A 106 2.49 2.10 13.22
N GLN A 107 2.11 3.18 12.53
CA GLN A 107 1.01 4.01 12.98
C GLN A 107 -0.32 3.27 12.90
N ASN A 108 -1.09 3.35 13.98
CA ASN A 108 -2.39 2.68 14.04
C ASN A 108 -3.41 3.41 13.16
N ILE A 109 -4.39 2.66 12.64
CA ILE A 109 -5.41 3.23 11.80
C ILE A 109 -6.68 3.54 12.58
N TYR A 110 -6.74 3.02 13.82
CA TYR A 110 -7.89 3.24 14.68
C TYR A 110 -7.48 3.88 16.00
N ASN A 111 -7.01 3.05 16.93
CA ASN A 111 -6.58 3.53 18.23
C ASN A 111 -5.32 2.80 18.69
N ALA A 112 -5.38 1.47 18.69
CA ALA A 112 -4.25 0.65 19.12
C ALA A 112 -4.50 -0.82 18.81
N CYS A 113 -4.33 -1.20 17.55
CA CYS A 113 -4.53 -2.58 17.14
C CYS A 113 -4.10 -2.78 15.68
N CYS A 114 -4.83 -2.13 14.77
CA CYS A 114 -4.52 -2.24 13.34
C CYS A 114 -3.17 -1.62 13.02
N THR A 115 -2.11 -2.15 13.64
CA THR A 115 -0.77 -1.65 13.42
C THR A 115 -0.45 -1.57 11.93
N LEU A 116 0.20 -0.49 11.52
CA LEU A 116 0.56 -0.30 10.12
C LEU A 116 2.07 -0.34 9.94
N ARG A 117 2.60 -1.52 9.62
CA ARG A 117 4.03 -1.69 9.41
C ARG A 117 4.40 -1.45 7.95
N ILE A 118 5.05 -0.31 7.68
CA ILE A 118 5.45 0.04 6.33
C ILE A 118 6.96 -0.12 6.14
N ASP A 119 7.35 -0.57 4.95
CA ASP A 119 8.77 -0.76 4.64
C ASP A 119 8.99 -0.83 3.13
N PHE A 120 10.14 -0.36 2.69
CA PHE A 120 10.47 -0.37 1.26
C PHE A 120 10.56 -1.79 0.73
N SER A 121 9.82 -2.06 -0.35
CA SER A 121 9.81 -3.38 -0.96
C SER A 121 11.22 -3.86 -1.27
N LYS A 122 11.36 -5.12 -1.64
CA LYS A 122 12.66 -5.70 -1.96
C LYS A 122 12.93 -5.65 -3.46
N LEU A 123 11.89 -5.87 -4.25
CA LEU A 123 12.02 -5.85 -5.70
C LEU A 123 11.95 -4.43 -6.25
N THR A 124 12.02 -3.46 -5.35
CA THR A 124 11.97 -2.05 -5.73
C THR A 124 10.72 -1.78 -6.55
N SER A 125 9.75 -2.68 -6.43
CA SER A 125 8.48 -2.56 -7.15
C SER A 125 7.55 -3.71 -6.81
N LEU A 126 6.25 -3.52 -7.07
CA LEU A 126 5.26 -4.54 -6.81
C LEU A 126 4.67 -5.08 -8.11
N ASN A 127 3.94 -6.19 -8.00
CA ASN A 127 3.32 -6.80 -9.17
C ASN A 127 1.87 -6.35 -9.31
N VAL A 128 1.66 -5.30 -10.10
CA VAL A 128 0.32 -4.77 -10.32
C VAL A 128 0.01 -4.66 -11.82
N LYS A 129 -0.77 -5.61 -12.32
CA LYS A 129 -1.14 -5.62 -13.74
C LYS A 129 -2.58 -6.12 -13.91
N TYR A 130 -3.41 -5.88 -12.91
CA TYR A 130 -4.80 -6.31 -12.95
C TYR A 130 -5.66 -5.48 -12.00
N ASN A 131 -6.92 -5.31 -12.36
CA ASN A 131 -7.84 -4.52 -11.54
C ASN A 131 -9.10 -5.33 -11.22
N ASN A 132 -9.28 -5.65 -9.95
CA ASN A 132 -10.44 -6.42 -9.51
C ASN A 132 -10.90 -5.98 -8.12
N ASP A 133 -10.37 -6.62 -7.09
CA ASP A 133 -10.72 -6.31 -5.71
C ASP A 133 -9.49 -6.39 -4.81
N LYS A 134 -8.69 -7.42 -5.00
CA LYS A 134 -7.48 -7.61 -4.20
C LYS A 134 -6.41 -6.58 -4.56
N SER A 135 -6.40 -6.18 -5.83
CA SER A 135 -5.44 -5.20 -6.31
C SER A 135 -6.14 -3.91 -6.73
N ARG A 136 -5.35 -2.88 -7.03
CA ARG A 136 -5.89 -1.60 -7.45
C ARG A 136 -4.82 -0.74 -8.10
N ASP A 137 -4.91 -0.58 -9.41
CA ASP A 137 -3.94 0.23 -10.15
C ASP A 137 -4.50 1.60 -10.49
N TYR A 138 -3.85 2.64 -9.99
CA TYR A 138 -4.28 4.01 -10.24
C TYR A 138 -3.52 4.62 -11.40
N THR A 139 -3.00 3.77 -12.27
CA THR A 139 -2.24 4.23 -13.44
C THR A 139 -3.02 4.00 -14.73
N ARG A 140 -3.80 2.92 -14.75
CA ARG A 140 -4.60 2.59 -15.93
C ARG A 140 -5.88 1.87 -15.53
N PRO A 141 -7.04 2.41 -15.93
CA PRO A 141 -8.35 1.82 -15.62
C PRO A 141 -8.73 0.72 -16.59
N ASP A 142 -7.98 0.60 -17.69
CA ASP A 142 -8.24 -0.42 -18.69
C ASP A 142 -7.49 -1.70 -18.38
N LEU A 143 -7.26 -1.95 -17.10
CA LEU A 143 -6.56 -3.16 -16.66
C LEU A 143 -7.50 -4.34 -16.55
N PRO A 144 -7.04 -5.54 -16.93
CA PRO A 144 -7.85 -6.76 -16.87
C PRO A 144 -8.12 -7.20 -15.44
N SER A 145 -8.90 -8.27 -15.30
CA SER A 145 -9.24 -8.80 -13.98
C SER A 145 -8.29 -9.94 -13.58
N GLY A 146 -7.17 -10.03 -14.28
CA GLY A 146 -6.20 -11.08 -14.00
C GLY A 146 -6.81 -12.46 -14.05
N ASP A 147 -7.37 -12.81 -15.19
CA ASP A 147 -7.99 -14.13 -15.37
C ASP A 147 -8.61 -14.25 -16.76
N MET A 40 22.81 2.09 -12.75
CA MET A 40 22.45 3.52 -12.88
C MET A 40 20.99 3.75 -12.57
N ALA A 41 20.55 5.00 -12.68
CA ALA A 41 19.16 5.35 -12.41
C ALA A 41 18.62 4.55 -11.23
N GLY A 42 18.66 5.16 -10.05
CA GLY A 42 18.17 4.49 -8.85
C GLY A 42 16.94 5.17 -8.27
N GLN A 43 16.51 4.70 -7.11
CA GLN A 43 15.35 5.25 -6.43
C GLN A 43 14.06 4.57 -6.89
N SER A 44 13.28 4.08 -5.93
CA SER A 44 12.03 3.40 -6.23
C SER A 44 11.00 3.63 -5.13
N PRO A 45 10.01 4.49 -5.39
CA PRO A 45 8.96 4.81 -4.41
C PRO A 45 7.92 3.69 -4.31
N VAL A 46 8.19 2.72 -3.47
CA VAL A 46 7.28 1.60 -3.27
C VAL A 46 7.24 1.18 -1.80
N LEU A 47 6.12 1.47 -1.15
CA LEU A 47 5.96 1.14 0.27
C LEU A 47 5.03 -0.06 0.44
N ARG A 48 5.44 -0.99 1.30
CA ARG A 48 4.65 -2.18 1.58
C ARG A 48 4.04 -2.12 2.97
N ILE A 49 2.73 -1.96 3.04
CA ILE A 49 2.04 -1.88 4.32
C ILE A 49 1.72 -3.27 4.86
N ILE A 50 1.75 -3.40 6.19
CA ILE A 50 1.47 -4.67 6.84
C ILE A 50 0.58 -4.47 8.07
N VAL A 51 -0.66 -4.96 7.99
CA VAL A 51 -1.60 -4.83 9.08
C VAL A 51 -1.44 -5.96 10.09
N GLU A 52 -1.59 -5.64 11.37
CA GLU A 52 -1.45 -6.63 12.43
C GLU A 52 -2.65 -6.59 13.37
N ASN A 53 -2.58 -7.33 14.46
CA ASN A 53 -3.66 -7.38 15.44
C ASN A 53 -5.01 -7.41 14.74
N LEU A 54 -5.55 -8.61 14.54
CA LEU A 54 -6.85 -8.78 13.89
C LEU A 54 -7.96 -8.14 14.72
N PHE A 55 -8.99 -7.66 14.04
CA PHE A 55 -10.12 -7.03 14.71
C PHE A 55 -11.20 -6.63 13.70
N TYR A 56 -10.96 -5.53 13.00
CA TYR A 56 -11.92 -5.04 12.00
C TYR A 56 -11.37 -5.25 10.59
N PRO A 57 -12.28 -5.39 9.61
CA PRO A 57 -11.90 -5.60 8.20
C PRO A 57 -11.36 -4.33 7.56
N VAL A 58 -10.48 -4.50 6.59
CA VAL A 58 -9.88 -3.36 5.89
C VAL A 58 -10.10 -3.47 4.39
N THR A 59 -9.62 -2.46 3.65
CA THR A 59 -9.77 -2.44 2.21
C THR A 59 -8.76 -1.50 1.57
N LEU A 60 -8.80 -1.41 0.24
CA LEU A 60 -7.89 -0.55 -0.50
C LEU A 60 -8.29 0.92 -0.35
N ASP A 61 -9.58 1.19 -0.55
CA ASP A 61 -10.09 2.55 -0.44
C ASP A 61 -9.48 3.26 0.76
N VAL A 62 -9.11 2.49 1.77
CA VAL A 62 -8.51 3.05 2.99
C VAL A 62 -7.01 3.24 2.81
N LEU A 63 -6.33 2.20 2.35
CA LEU A 63 -4.89 2.26 2.14
C LEU A 63 -4.52 3.38 1.17
N HIS A 64 -5.37 3.59 0.17
CA HIS A 64 -5.13 4.62 -0.83
C HIS A 64 -5.35 6.01 -0.23
N GLN A 65 -6.55 6.26 0.27
CA GLN A 65 -6.88 7.55 0.87
C GLN A 65 -5.88 7.91 1.96
N ILE A 66 -5.16 6.90 2.46
CA ILE A 66 -4.18 7.11 3.51
C ILE A 66 -2.85 7.60 2.93
N PHE A 67 -2.20 6.71 2.18
CA PHE A 67 -0.91 7.04 1.58
C PHE A 67 -1.07 8.06 0.45
N SER A 68 -2.30 8.26 0.03
CA SER A 68 -2.58 9.21 -1.04
C SER A 68 -2.39 10.65 -0.55
N LYS A 69 -2.11 10.79 0.73
CA LYS A 69 -1.90 12.12 1.32
C LYS A 69 -0.43 12.48 1.29
N PHE A 70 0.41 11.56 1.76
CA PHE A 70 1.85 11.78 1.78
C PHE A 70 2.44 11.66 0.38
N GLY A 71 1.60 11.22 -0.57
CA GLY A 71 2.06 11.07 -1.93
C GLY A 71 0.98 10.55 -2.85
N THR A 72 1.17 10.75 -4.16
CA THR A 72 0.20 10.29 -5.15
C THR A 72 0.29 8.79 -5.33
N VAL A 73 -0.60 8.07 -4.68
CA VAL A 73 -0.63 6.61 -4.77
C VAL A 73 -1.10 6.16 -6.15
N LEU A 74 -0.16 5.65 -6.94
CA LEU A 74 -0.46 5.17 -8.28
C LEU A 74 -1.28 3.89 -8.25
N LYS A 75 -0.72 2.85 -7.65
CA LYS A 75 -1.40 1.56 -7.55
C LYS A 75 -1.33 1.01 -6.13
N ILE A 76 -2.22 0.07 -5.83
CA ILE A 76 -2.27 -0.55 -4.51
C ILE A 76 -2.65 -2.02 -4.61
N ILE A 77 -2.24 -2.80 -3.61
CA ILE A 77 -2.53 -4.23 -3.58
C ILE A 77 -2.79 -4.71 -2.16
N THR A 78 -3.45 -5.85 -2.04
CA THR A 78 -3.76 -6.43 -0.74
C THR A 78 -3.76 -7.95 -0.79
N PHE A 79 -3.41 -8.58 0.34
CA PHE A 79 -3.37 -10.03 0.42
C PHE A 79 -3.24 -10.49 1.87
N THR A 80 -3.24 -11.80 2.07
CA THR A 80 -3.12 -12.38 3.41
C THR A 80 -2.03 -13.44 3.45
N LYS A 81 -0.93 -13.12 4.13
CA LYS A 81 0.19 -14.05 4.25
C LYS A 81 0.00 -14.98 5.45
N ASN A 82 -0.46 -16.20 5.18
CA ASN A 82 -0.69 -17.18 6.23
C ASN A 82 -1.68 -16.65 7.25
N ASN A 83 -2.67 -15.91 6.78
CA ASN A 83 -3.70 -15.34 7.64
C ASN A 83 -3.23 -14.01 8.22
N GLN A 84 -2.59 -13.20 7.40
CA GLN A 84 -2.09 -11.89 7.83
C GLN A 84 -2.36 -10.85 6.75
N PHE A 85 -3.29 -9.94 7.03
CA PHE A 85 -3.64 -8.88 6.08
C PHE A 85 -2.44 -8.00 5.80
N GLN A 86 -2.36 -7.48 4.57
CA GLN A 86 -1.28 -6.60 4.16
C GLN A 86 -1.67 -5.78 2.95
N ALA A 87 -0.81 -4.84 2.56
CA ALA A 87 -1.08 -3.98 1.42
C ALA A 87 0.21 -3.39 0.86
N LEU A 88 0.17 -3.02 -0.42
CA LEU A 88 1.33 -2.44 -1.09
C LEU A 88 0.91 -1.29 -1.99
N LEU A 89 1.85 -0.40 -2.29
CA LEU A 89 1.57 0.75 -3.15
C LEU A 89 2.85 1.35 -3.70
N GLN A 90 2.82 1.72 -4.97
CA GLN A 90 3.98 2.32 -5.62
C GLN A 90 3.83 3.84 -5.71
N TYR A 91 4.43 4.53 -4.76
CA TYR A 91 4.37 5.99 -4.73
C TYR A 91 4.88 6.59 -6.02
N ALA A 92 4.70 7.90 -6.19
CA ALA A 92 5.14 8.59 -7.38
C ALA A 92 6.58 9.07 -7.23
N ASP A 93 6.89 9.58 -6.04
CA ASP A 93 8.24 10.09 -5.76
C ASP A 93 8.80 9.44 -4.50
N PRO A 94 10.10 9.14 -4.49
CA PRO A 94 10.78 8.53 -3.34
C PRO A 94 10.77 9.42 -2.10
N VAL A 95 10.87 10.72 -2.32
CA VAL A 95 10.87 11.68 -1.22
C VAL A 95 9.58 11.57 -0.41
N SER A 96 8.46 11.37 -1.11
CA SER A 96 7.16 11.25 -0.46
C SER A 96 7.01 9.86 0.17
N ALA A 97 7.75 8.90 -0.35
CA ALA A 97 7.70 7.53 0.17
C ALA A 97 8.53 7.40 1.43
N GLN A 98 9.61 8.15 1.51
CA GLN A 98 10.48 8.11 2.67
C GLN A 98 9.78 8.68 3.91
N HIS A 99 9.32 9.92 3.80
CA HIS A 99 8.62 10.58 4.90
C HIS A 99 7.37 9.81 5.28
N ALA A 100 6.56 9.46 4.28
CA ALA A 100 5.33 8.72 4.50
C ALA A 100 5.55 7.56 5.45
N LYS A 101 6.67 6.86 5.27
CA LYS A 101 7.00 5.72 6.12
C LYS A 101 7.22 6.16 7.56
N LEU A 102 7.88 7.30 7.74
CA LEU A 102 8.15 7.83 9.07
C LEU A 102 6.87 8.39 9.70
N SER A 103 5.95 8.83 8.85
CA SER A 103 4.69 9.39 9.33
C SER A 103 3.65 8.30 9.57
N LEU A 104 3.90 7.11 9.02
CA LEU A 104 2.98 6.00 9.18
C LEU A 104 3.65 4.83 9.89
N ASP A 105 4.96 4.95 10.12
CA ASP A 105 5.72 3.90 10.79
C ASP A 105 5.11 3.59 12.15
N GLY A 106 4.38 2.48 12.22
CA GLY A 106 3.75 2.08 13.47
C GLY A 106 2.56 2.94 13.82
N GLN A 107 1.81 3.34 12.81
CA GLN A 107 0.62 4.18 13.03
C GLN A 107 -0.64 3.33 13.06
N ASN A 108 -1.66 3.82 13.75
CA ASN A 108 -2.93 3.11 13.85
C ASN A 108 -3.98 3.73 12.94
N ILE A 109 -5.02 2.96 12.65
CA ILE A 109 -6.11 3.43 11.78
C ILE A 109 -7.26 3.99 12.60
N TYR A 110 -7.86 3.13 13.42
CA TYR A 110 -8.99 3.54 14.26
C TYR A 110 -8.52 4.43 15.40
N ASN A 111 -7.80 3.84 16.36
CA ASN A 111 -7.31 4.59 17.50
C ASN A 111 -6.24 3.80 18.25
N ALA A 112 -6.49 2.49 18.42
CA ALA A 112 -5.56 1.62 19.11
C ALA A 112 -5.69 0.18 18.62
N CYS A 113 -5.69 0.00 17.31
CA CYS A 113 -5.81 -1.32 16.72
C CYS A 113 -5.59 -1.27 15.20
N CYS A 114 -5.24 -2.41 14.63
CA CYS A 114 -5.00 -2.50 13.18
C CYS A 114 -3.68 -1.84 12.82
N THR A 115 -2.65 -2.09 13.64
CA THR A 115 -1.33 -1.53 13.39
C THR A 115 -1.03 -1.46 11.90
N LEU A 116 -0.33 -0.40 11.49
CA LEU A 116 0.03 -0.22 10.09
C LEU A 116 1.54 -0.08 9.91
N ARG A 117 2.18 -1.19 9.60
CA ARG A 117 3.63 -1.19 9.40
C ARG A 117 3.98 -0.78 7.97
N ILE A 118 4.97 0.09 7.83
CA ILE A 118 5.40 0.57 6.52
C ILE A 118 6.85 0.19 6.23
N ASP A 119 7.09 -0.25 5.00
CA ASP A 119 8.44 -0.65 4.59
C ASP A 119 8.62 -0.44 3.09
N PHE A 120 9.80 -0.78 2.59
CA PHE A 120 10.11 -0.62 1.17
C PHE A 120 9.98 -1.95 0.44
N SER A 121 9.29 -1.95 -0.70
CA SER A 121 9.10 -3.15 -1.48
C SER A 121 10.43 -3.85 -1.75
N LYS A 122 10.37 -5.12 -2.11
CA LYS A 122 11.58 -5.90 -2.38
C LYS A 122 11.88 -5.91 -3.88
N LEU A 123 10.84 -5.94 -4.70
CA LEU A 123 11.01 -5.95 -6.14
C LEU A 123 11.14 -4.53 -6.70
N THR A 124 11.39 -3.59 -5.80
CA THR A 124 11.53 -2.19 -6.19
C THR A 124 10.29 -1.71 -6.92
N SER A 125 9.21 -2.45 -6.77
CA SER A 125 7.94 -2.11 -7.41
C SER A 125 6.89 -3.18 -7.16
N LEU A 126 5.64 -2.84 -7.46
CA LEU A 126 4.53 -3.77 -7.27
C LEU A 126 3.73 -3.94 -8.56
N ASN A 127 3.84 -5.12 -9.16
CA ASN A 127 3.13 -5.41 -10.40
C ASN A 127 1.64 -5.12 -10.26
N VAL A 128 1.24 -3.90 -10.64
CA VAL A 128 -0.16 -3.50 -10.55
C VAL A 128 -0.62 -2.82 -11.84
N LYS A 129 -1.71 -3.31 -12.41
CA LYS A 129 -2.24 -2.76 -13.65
C LYS A 129 -3.48 -3.52 -14.10
N TYR A 130 -4.36 -3.83 -13.15
CA TYR A 130 -5.58 -4.57 -13.45
C TYR A 130 -6.58 -4.42 -12.30
N ASN A 131 -7.88 -4.39 -12.66
CA ASN A 131 -8.94 -4.26 -11.67
C ASN A 131 -9.25 -5.60 -11.03
N ASN A 132 -8.59 -5.87 -9.91
CA ASN A 132 -8.79 -7.10 -9.17
C ASN A 132 -9.03 -6.79 -7.70
N ASP A 133 -10.19 -7.21 -7.21
CA ASP A 133 -10.56 -6.97 -5.81
C ASP A 133 -9.34 -6.98 -4.89
N LYS A 134 -8.34 -7.79 -5.25
CA LYS A 134 -7.11 -7.89 -4.46
C LYS A 134 -6.19 -6.71 -4.74
N SER A 135 -6.02 -6.38 -6.03
CA SER A 135 -5.16 -5.27 -6.42
C SER A 135 -5.98 -4.06 -6.85
N ARG A 136 -5.29 -2.98 -7.18
CA ARG A 136 -5.95 -1.74 -7.60
C ARG A 136 -4.98 -0.82 -8.32
N ASP A 137 -5.49 -0.12 -9.33
CA ASP A 137 -4.66 0.80 -10.11
C ASP A 137 -5.35 2.15 -10.25
N TYR A 138 -4.77 3.17 -9.60
CA TYR A 138 -5.34 4.51 -9.65
C TYR A 138 -4.75 5.31 -10.81
N THR A 139 -4.19 4.59 -11.79
CA THR A 139 -3.60 5.23 -12.96
C THR A 139 -4.59 5.29 -14.11
N ARG A 140 -5.69 4.54 -13.99
CA ARG A 140 -6.72 4.52 -15.02
C ARG A 140 -7.78 3.47 -14.70
N PRO A 141 -9.03 3.88 -14.48
CA PRO A 141 -10.13 2.98 -14.16
C PRO A 141 -10.62 2.21 -15.39
N ASP A 142 -10.10 2.58 -16.55
CA ASP A 142 -10.49 1.93 -17.80
C ASP A 142 -9.69 0.64 -18.01
N LEU A 143 -8.96 0.23 -16.98
CA LEU A 143 -8.15 -0.98 -17.06
C LEU A 143 -8.98 -2.22 -16.68
N PRO A 144 -8.80 -3.32 -17.40
CA PRO A 144 -9.54 -4.57 -17.15
C PRO A 144 -9.05 -5.26 -15.88
N SER A 145 -9.69 -6.38 -15.54
CA SER A 145 -9.32 -7.14 -14.36
C SER A 145 -8.28 -8.20 -14.69
N GLY A 146 -7.51 -7.95 -15.75
CA GLY A 146 -6.48 -8.89 -16.16
C GLY A 146 -7.06 -10.11 -16.87
N ASP A 147 -7.39 -9.95 -18.14
CA ASP A 147 -7.95 -11.04 -18.93
C ASP A 147 -7.06 -12.27 -18.87
N MET A 40 21.26 -4.39 -3.69
CA MET A 40 22.06 -3.35 -4.40
C MET A 40 21.32 -2.83 -5.63
N ALA A 41 20.45 -1.86 -5.41
CA ALA A 41 19.68 -1.27 -6.51
C ALA A 41 19.52 0.24 -6.33
N GLY A 42 18.76 0.85 -7.22
CA GLY A 42 18.55 2.28 -7.13
C GLY A 42 17.53 2.66 -6.07
N GLN A 43 16.57 3.52 -6.43
CA GLN A 43 15.55 3.95 -5.50
C GLN A 43 14.16 3.88 -6.14
N SER A 44 13.28 3.07 -5.54
CA SER A 44 11.93 2.90 -6.06
C SER A 44 10.90 3.22 -4.98
N PRO A 45 9.94 4.11 -5.29
CA PRO A 45 8.90 4.50 -4.34
C PRO A 45 7.80 3.45 -4.23
N VAL A 46 8.00 2.48 -3.34
CA VAL A 46 7.02 1.42 -3.14
C VAL A 46 6.91 1.05 -1.66
N LEU A 47 5.82 1.47 -1.04
CA LEU A 47 5.60 1.20 0.37
C LEU A 47 4.65 0.03 0.57
N ARG A 48 5.09 -0.97 1.34
CA ARG A 48 4.27 -2.15 1.61
C ARG A 48 3.69 -2.08 3.02
N ILE A 49 2.38 -1.92 3.11
CA ILE A 49 1.71 -1.84 4.41
C ILE A 49 1.33 -3.23 4.92
N ILE A 50 1.44 -3.41 6.23
CA ILE A 50 1.11 -4.69 6.84
C ILE A 50 0.38 -4.49 8.16
N VAL A 51 -0.91 -4.85 8.18
CA VAL A 51 -1.72 -4.71 9.38
C VAL A 51 -1.44 -5.83 10.37
N GLU A 52 -1.60 -5.54 11.65
CA GLU A 52 -1.38 -6.53 12.70
C GLU A 52 -2.51 -6.52 13.71
N ASN A 53 -2.26 -7.09 14.89
CA ASN A 53 -3.27 -7.14 15.94
C ASN A 53 -4.67 -7.35 15.36
N LEU A 54 -5.06 -8.61 15.23
CA LEU A 54 -6.38 -8.94 14.69
C LEU A 54 -7.49 -8.27 15.49
N PHE A 55 -8.05 -7.19 14.94
CA PHE A 55 -9.12 -6.47 15.62
C PHE A 55 -10.21 -6.04 14.64
N TYR A 56 -9.90 -5.04 13.81
CA TYR A 56 -10.85 -4.55 12.83
C TYR A 56 -10.37 -4.81 11.41
N PRO A 57 -11.31 -4.98 10.47
CA PRO A 57 -10.98 -5.24 9.07
C PRO A 57 -10.54 -3.98 8.33
N VAL A 58 -10.02 -4.17 7.11
CA VAL A 58 -9.56 -3.05 6.30
C VAL A 58 -9.73 -3.35 4.81
N THR A 59 -9.35 -2.40 3.98
CA THR A 59 -9.47 -2.57 2.53
C THR A 59 -8.55 -1.62 1.78
N LEU A 60 -8.88 -1.38 0.52
CA LEU A 60 -8.08 -0.51 -0.33
C LEU A 60 -8.50 0.95 -0.14
N ASP A 61 -9.81 1.18 -0.04
CA ASP A 61 -10.33 2.53 0.15
C ASP A 61 -9.68 3.21 1.34
N VAL A 62 -9.26 2.42 2.32
CA VAL A 62 -8.63 2.95 3.51
C VAL A 62 -7.13 3.13 3.32
N LEU A 63 -6.48 2.12 2.74
CA LEU A 63 -5.04 2.16 2.50
C LEU A 63 -4.69 3.25 1.49
N HIS A 64 -5.60 3.49 0.55
CA HIS A 64 -5.39 4.50 -0.49
C HIS A 64 -5.58 5.89 0.07
N GLN A 65 -6.76 6.15 0.64
CA GLN A 65 -7.07 7.46 1.21
C GLN A 65 -6.04 7.86 2.26
N ILE A 66 -5.27 6.89 2.73
CA ILE A 66 -4.25 7.15 3.74
C ILE A 66 -2.98 7.69 3.11
N PHE A 67 -2.31 6.84 2.32
CA PHE A 67 -1.07 7.22 1.67
C PHE A 67 -1.32 8.24 0.56
N SER A 68 -2.55 8.29 0.08
CA SER A 68 -2.91 9.22 -0.97
C SER A 68 -2.71 10.67 -0.52
N LYS A 69 -2.52 10.85 0.78
CA LYS A 69 -2.31 12.18 1.33
C LYS A 69 -0.84 12.56 1.30
N PHE A 70 0.01 11.61 1.65
CA PHE A 70 1.45 11.85 1.66
C PHE A 70 1.98 11.89 0.24
N GLY A 71 1.12 11.55 -0.73
CA GLY A 71 1.53 11.57 -2.12
C GLY A 71 0.60 10.81 -3.02
N THR A 72 0.75 11.00 -4.33
CA THR A 72 -0.08 10.32 -5.31
C THR A 72 0.24 8.83 -5.34
N VAL A 73 -0.81 8.01 -5.22
CA VAL A 73 -0.64 6.57 -5.24
C VAL A 73 -0.84 6.01 -6.65
N LEU A 74 0.26 5.65 -7.29
CA LEU A 74 0.23 5.11 -8.63
C LEU A 74 -0.55 3.80 -8.69
N LYS A 75 -0.21 2.86 -7.81
CA LYS A 75 -0.87 1.57 -7.77
C LYS A 75 -1.08 1.11 -6.33
N ILE A 76 -1.91 0.08 -6.16
CA ILE A 76 -2.20 -0.46 -4.84
C ILE A 76 -2.50 -1.96 -4.93
N ILE A 77 -2.15 -2.68 -3.87
CA ILE A 77 -2.38 -4.12 -3.82
C ILE A 77 -2.61 -4.61 -2.40
N THR A 78 -3.45 -5.63 -2.25
CA THR A 78 -3.77 -6.19 -0.94
C THR A 78 -3.87 -7.70 -1.02
N PHE A 79 -3.51 -8.37 0.08
CA PHE A 79 -3.57 -9.82 0.14
C PHE A 79 -3.39 -10.32 1.57
N THR A 80 -3.29 -11.63 1.73
CA THR A 80 -3.12 -12.23 3.05
C THR A 80 -2.02 -13.29 3.03
N LYS A 81 -0.89 -12.98 3.67
CA LYS A 81 0.23 -13.91 3.71
C LYS A 81 0.12 -14.83 4.92
N ASN A 82 -0.29 -16.07 4.68
CA ASN A 82 -0.45 -17.05 5.75
C ASN A 82 -1.34 -16.50 6.86
N ASN A 83 -2.36 -15.74 6.45
CA ASN A 83 -3.30 -15.15 7.40
C ASN A 83 -2.78 -13.81 7.92
N GLN A 84 -2.26 -12.99 7.01
CA GLN A 84 -1.73 -11.69 7.37
C GLN A 84 -2.14 -10.63 6.35
N PHE A 85 -3.08 -9.77 6.76
CA PHE A 85 -3.57 -8.71 5.88
C PHE A 85 -2.45 -7.74 5.51
N GLN A 86 -2.03 -7.77 4.25
CA GLN A 86 -0.97 -6.89 3.77
C GLN A 86 -1.44 -6.07 2.57
N ALA A 87 -1.10 -4.78 2.58
CA ALA A 87 -1.49 -3.89 1.48
C ALA A 87 -0.32 -3.00 1.06
N LEU A 88 0.16 -3.22 -0.16
CA LEU A 88 1.28 -2.45 -0.68
C LEU A 88 0.79 -1.41 -1.69
N LEU A 89 1.63 -0.43 -1.99
CA LEU A 89 1.29 0.62 -2.94
C LEU A 89 2.52 1.32 -3.47
N GLN A 90 2.63 1.42 -4.79
CA GLN A 90 3.78 2.08 -5.42
C GLN A 90 3.54 3.58 -5.54
N TYR A 91 4.38 4.36 -4.88
CA TYR A 91 4.26 5.81 -4.91
C TYR A 91 4.76 6.37 -6.24
N ALA A 92 4.53 7.66 -6.47
CA ALA A 92 4.96 8.30 -7.69
C ALA A 92 6.35 8.90 -7.54
N ASP A 93 6.76 9.12 -6.30
CA ASP A 93 8.08 9.68 -6.01
C ASP A 93 8.64 9.13 -4.71
N PRO A 94 9.89 8.65 -4.72
CA PRO A 94 10.55 8.09 -3.52
C PRO A 94 10.52 9.06 -2.34
N VAL A 95 10.56 10.35 -2.64
CA VAL A 95 10.54 11.37 -1.60
C VAL A 95 9.28 11.28 -0.76
N SER A 96 8.14 11.06 -1.42
CA SER A 96 6.86 10.94 -0.73
C SER A 96 6.73 9.60 -0.03
N ALA A 97 7.56 8.64 -0.46
CA ALA A 97 7.54 7.30 0.13
C ALA A 97 8.44 7.23 1.35
N GLN A 98 9.55 7.97 1.32
CA GLN A 98 10.49 7.99 2.43
C GLN A 98 9.85 8.58 3.68
N HIS A 99 9.34 9.81 3.56
CA HIS A 99 8.71 10.48 4.69
C HIS A 99 7.41 9.79 5.08
N ALA A 100 6.61 9.44 4.09
CA ALA A 100 5.33 8.77 4.33
C ALA A 100 5.49 7.65 5.35
N LYS A 101 6.57 6.89 5.22
CA LYS A 101 6.83 5.79 6.13
C LYS A 101 7.12 6.29 7.54
N LEU A 102 8.05 7.23 7.65
CA LEU A 102 8.43 7.79 8.94
C LEU A 102 7.25 8.55 9.57
N SER A 103 6.35 9.02 8.72
CA SER A 103 5.18 9.76 9.18
C SER A 103 4.06 8.82 9.59
N LEU A 104 4.18 7.56 9.21
CA LEU A 104 3.17 6.56 9.54
C LEU A 104 3.82 5.27 10.06
N ASP A 105 5.07 5.39 10.51
CA ASP A 105 5.79 4.24 11.03
C ASP A 105 5.52 4.05 12.52
N GLY A 106 4.66 3.08 12.84
CA GLY A 106 4.33 2.81 14.23
C GLY A 106 3.04 3.50 14.66
N GLN A 107 2.22 3.89 13.69
CA GLN A 107 0.96 4.55 13.98
C GLN A 107 -0.19 3.56 13.98
N ASN A 108 -1.38 4.04 14.35
CA ASN A 108 -2.57 3.19 14.40
C ASN A 108 -3.63 3.69 13.43
N ILE A 109 -4.65 2.87 13.21
CA ILE A 109 -5.74 3.22 12.30
C ILE A 109 -7.06 3.37 13.04
N TYR A 110 -7.39 2.37 13.84
CA TYR A 110 -8.64 2.38 14.61
C TYR A 110 -8.34 2.66 16.09
N ASN A 111 -8.56 3.91 16.49
CA ASN A 111 -8.33 4.32 17.88
C ASN A 111 -6.86 4.16 18.25
N ALA A 112 -6.45 2.93 18.53
CA ALA A 112 -5.06 2.65 18.90
C ALA A 112 -4.70 1.20 18.61
N CYS A 113 -5.29 0.64 17.55
CA CYS A 113 -5.02 -0.74 17.18
C CYS A 113 -4.79 -0.86 15.67
N CYS A 114 -4.75 -2.10 15.17
CA CYS A 114 -4.53 -2.35 13.76
C CYS A 114 -3.17 -1.82 13.32
N THR A 115 -2.18 -1.93 14.19
CA THR A 115 -0.83 -1.47 13.89
C THR A 115 -0.49 -1.70 12.43
N LEU A 116 -0.04 -0.65 11.74
CA LEU A 116 0.33 -0.74 10.34
C LEU A 116 1.83 -0.58 10.16
N ARG A 117 2.49 -1.64 9.71
CA ARG A 117 3.93 -1.62 9.49
C ARG A 117 4.25 -1.25 8.04
N ILE A 118 4.84 -0.08 7.85
CA ILE A 118 5.19 0.39 6.51
C ILE A 118 6.66 0.11 6.21
N ASP A 119 6.92 -0.33 4.99
CA ASP A 119 8.29 -0.64 4.57
C ASP A 119 8.41 -0.53 3.04
N PHE A 120 9.59 -0.89 2.53
CA PHE A 120 9.83 -0.85 1.09
C PHE A 120 9.68 -2.23 0.47
N SER A 121 8.98 -2.29 -0.65
CA SER A 121 8.77 -3.55 -1.36
C SER A 121 10.08 -4.29 -1.57
N LYS A 122 9.99 -5.53 -2.05
CA LYS A 122 11.18 -6.33 -2.29
C LYS A 122 11.64 -6.23 -3.74
N LEU A 123 10.67 -6.22 -4.65
CA LEU A 123 10.98 -6.12 -6.08
C LEU A 123 11.05 -4.67 -6.51
N THR A 124 11.11 -3.77 -5.53
CA THR A 124 11.17 -2.35 -5.80
C THR A 124 9.95 -1.91 -6.59
N SER A 125 8.93 -2.76 -6.60
CA SER A 125 7.70 -2.47 -7.33
C SER A 125 6.64 -3.53 -7.04
N LEU A 126 5.38 -3.17 -7.27
CA LEU A 126 4.27 -4.08 -7.04
C LEU A 126 3.89 -4.82 -8.33
N ASN A 127 3.09 -5.86 -8.19
CA ASN A 127 2.65 -6.66 -9.34
C ASN A 127 1.20 -6.38 -9.66
N VAL A 128 0.96 -5.29 -10.38
CA VAL A 128 -0.39 -4.91 -10.77
C VAL A 128 -0.50 -4.68 -12.27
N LYS A 129 -1.32 -5.47 -12.93
CA LYS A 129 -1.51 -5.35 -14.37
C LYS A 129 -2.96 -5.63 -14.76
N TYR A 130 -3.85 -5.63 -13.78
CA TYR A 130 -5.26 -5.88 -14.02
C TYR A 130 -6.12 -5.37 -12.86
N ASN A 131 -7.41 -5.19 -13.13
CA ASN A 131 -8.35 -4.71 -12.12
C ASN A 131 -8.88 -5.86 -11.30
N ASN A 132 -8.23 -6.12 -10.17
CA ASN A 132 -8.63 -7.18 -9.28
C ASN A 132 -8.98 -6.61 -7.91
N ASP A 133 -10.22 -6.81 -7.50
CA ASP A 133 -10.69 -6.31 -6.21
C ASP A 133 -9.57 -6.33 -5.17
N LYS A 134 -8.65 -7.28 -5.30
CA LYS A 134 -7.53 -7.40 -4.37
C LYS A 134 -6.47 -6.34 -4.68
N SER A 135 -6.14 -6.19 -5.96
CA SER A 135 -5.15 -5.22 -6.38
C SER A 135 -5.79 -4.15 -7.27
N ARG A 136 -5.42 -2.90 -7.05
CA ARG A 136 -5.97 -1.80 -7.84
C ARG A 136 -4.87 -0.81 -8.23
N ASP A 137 -4.85 -0.44 -9.50
CA ASP A 137 -3.85 0.50 -10.00
C ASP A 137 -4.52 1.80 -10.45
N TYR A 138 -3.92 2.93 -10.05
CA TYR A 138 -4.45 4.23 -10.41
C TYR A 138 -3.64 4.86 -11.53
N THR A 139 -3.09 4.03 -12.40
CA THR A 139 -2.28 4.49 -13.52
C THR A 139 -2.82 3.95 -14.84
N ARG A 140 -3.93 3.22 -14.78
CA ARG A 140 -4.55 2.65 -15.97
C ARG A 140 -5.79 1.85 -15.60
N PRO A 141 -6.91 2.52 -15.37
CA PRO A 141 -8.17 1.88 -15.01
C PRO A 141 -8.85 1.22 -16.19
N ASP A 142 -8.41 1.58 -17.40
CA ASP A 142 -8.97 1.02 -18.62
C ASP A 142 -8.57 -0.44 -18.79
N LEU A 143 -7.73 -0.94 -17.88
CA LEU A 143 -7.28 -2.32 -17.94
C LEU A 143 -8.38 -3.27 -17.51
N PRO A 144 -8.43 -4.46 -18.13
CA PRO A 144 -9.43 -5.49 -17.82
C PRO A 144 -9.23 -6.11 -16.45
N SER A 145 -10.12 -7.03 -16.08
CA SER A 145 -10.03 -7.71 -14.79
C SER A 145 -10.07 -9.21 -14.97
N GLY A 146 -9.21 -9.71 -15.85
CA GLY A 146 -9.16 -11.15 -16.09
C GLY A 146 -8.23 -11.87 -15.14
N ASP A 147 -6.99 -11.41 -15.07
CA ASP A 147 -5.99 -12.02 -14.19
C ASP A 147 -6.63 -12.49 -12.88
N MET A 40 18.80 -0.45 -13.82
CA MET A 40 18.29 0.86 -13.35
C MET A 40 17.52 0.71 -12.04
N ALA A 41 17.98 -0.20 -11.18
CA ALA A 41 17.32 -0.44 -9.91
C ALA A 41 17.84 0.51 -8.83
N GLY A 42 17.76 1.81 -9.12
CA GLY A 42 18.22 2.80 -8.16
C GLY A 42 17.19 3.11 -7.09
N GLN A 43 16.32 4.07 -7.38
CA GLN A 43 15.28 4.46 -6.44
C GLN A 43 13.91 3.99 -6.93
N SER A 44 13.08 3.51 -6.00
CA SER A 44 11.74 3.04 -6.33
C SER A 44 10.78 3.30 -5.18
N PRO A 45 9.82 4.22 -5.39
CA PRO A 45 8.83 4.56 -4.36
C PRO A 45 7.75 3.48 -4.22
N VAL A 46 8.03 2.49 -3.38
CA VAL A 46 7.09 1.41 -3.14
C VAL A 46 7.09 0.99 -1.68
N LEU A 47 6.00 1.30 -0.98
CA LEU A 47 5.88 0.97 0.44
C LEU A 47 4.90 -0.19 0.65
N ARG A 48 5.26 -1.09 1.54
CA ARG A 48 4.42 -2.24 1.85
C ARG A 48 3.83 -2.11 3.25
N ILE A 49 2.53 -2.35 3.36
CA ILE A 49 1.85 -2.25 4.64
C ILE A 49 1.42 -3.63 5.15
N ILE A 50 1.51 -3.83 6.46
CA ILE A 50 1.13 -5.09 7.07
C ILE A 50 0.26 -4.87 8.30
N VAL A 51 -0.99 -5.30 8.22
CA VAL A 51 -1.93 -5.13 9.32
C VAL A 51 -1.67 -6.15 10.43
N GLU A 52 -1.45 -5.65 11.63
CA GLU A 52 -1.19 -6.52 12.79
C GLU A 52 -2.31 -6.41 13.81
N ASN A 53 -3.23 -7.36 13.78
CA ASN A 53 -4.36 -7.37 14.70
C ASN A 53 -5.48 -6.46 14.21
N LEU A 54 -6.25 -6.94 13.24
CA LEU A 54 -7.35 -6.17 12.68
C LEU A 54 -8.50 -6.06 13.68
N PHE A 55 -9.33 -5.03 13.51
CA PHE A 55 -10.47 -4.82 14.40
C PHE A 55 -11.71 -4.42 13.60
N TYR A 56 -11.60 -3.33 12.85
CA TYR A 56 -12.71 -2.85 12.04
C TYR A 56 -12.52 -3.23 10.57
N PRO A 57 -13.62 -3.61 9.91
CA PRO A 57 -13.59 -4.00 8.50
C PRO A 57 -12.96 -2.93 7.61
N VAL A 58 -11.65 -3.04 7.38
CA VAL A 58 -10.93 -2.08 6.56
C VAL A 58 -11.02 -2.45 5.09
N THR A 59 -10.42 -1.63 4.24
CA THR A 59 -10.43 -1.86 2.80
C THR A 59 -9.31 -1.10 2.11
N LEU A 60 -9.21 -1.24 0.80
CA LEU A 60 -8.18 -0.58 0.02
C LEU A 60 -8.45 0.93 -0.05
N ASP A 61 -9.69 1.29 -0.41
CA ASP A 61 -10.07 2.69 -0.52
C ASP A 61 -9.55 3.48 0.67
N VAL A 62 -9.43 2.81 1.82
CA VAL A 62 -8.95 3.46 3.03
C VAL A 62 -7.43 3.63 3.00
N LEU A 63 -6.73 2.55 2.67
CA LEU A 63 -5.27 2.58 2.60
C LEU A 63 -4.80 3.57 1.54
N HIS A 64 -5.54 3.65 0.44
CA HIS A 64 -5.20 4.56 -0.65
C HIS A 64 -5.29 6.01 -0.20
N GLN A 65 -6.46 6.39 0.30
CA GLN A 65 -6.68 7.76 0.77
C GLN A 65 -5.76 8.09 1.92
N ILE A 66 -5.13 7.06 2.49
CA ILE A 66 -4.21 7.23 3.61
C ILE A 66 -2.87 7.81 3.14
N PHE A 67 -2.14 7.04 2.37
CA PHE A 67 -0.85 7.46 1.86
C PHE A 67 -1.02 8.54 0.79
N SER A 68 -2.12 8.46 0.07
CA SER A 68 -2.42 9.42 -0.99
C SER A 68 -2.14 10.85 -0.52
N LYS A 69 -2.19 11.05 0.78
CA LYS A 69 -1.96 12.37 1.35
C LYS A 69 -0.47 12.72 1.33
N PHE A 70 0.36 11.77 1.75
CA PHE A 70 1.80 11.98 1.75
C PHE A 70 2.36 11.95 0.33
N GLY A 71 1.49 11.62 -0.63
CA GLY A 71 1.91 11.57 -2.02
C GLY A 71 0.90 10.86 -2.90
N THR A 72 1.09 11.00 -4.21
CA THR A 72 0.19 10.37 -5.18
C THR A 72 0.42 8.87 -5.24
N VAL A 73 -0.66 8.10 -5.06
CA VAL A 73 -0.56 6.65 -5.10
C VAL A 73 -0.90 6.12 -6.48
N LEU A 74 0.14 5.69 -7.20
CA LEU A 74 -0.03 5.15 -8.54
C LEU A 74 -0.86 3.88 -8.53
N LYS A 75 -0.43 2.90 -7.73
CA LYS A 75 -1.14 1.63 -7.63
C LYS A 75 -1.19 1.13 -6.20
N ILE A 76 -1.92 0.04 -5.99
CA ILE A 76 -2.04 -0.56 -4.66
C ILE A 76 -2.46 -2.02 -4.76
N ILE A 77 -2.05 -2.82 -3.77
CA ILE A 77 -2.37 -4.24 -3.74
C ILE A 77 -2.60 -4.73 -2.32
N THR A 78 -3.30 -5.85 -2.20
CA THR A 78 -3.59 -6.43 -0.89
C THR A 78 -3.64 -7.95 -0.97
N PHE A 79 -3.22 -8.61 0.10
CA PHE A 79 -3.22 -10.07 0.16
C PHE A 79 -2.99 -10.56 1.58
N THR A 80 -2.94 -11.88 1.75
CA THR A 80 -2.72 -12.48 3.05
C THR A 80 -1.55 -13.47 3.01
N LYS A 81 -0.46 -13.11 3.66
CA LYS A 81 0.72 -13.97 3.70
C LYS A 81 0.65 -14.94 4.88
N ASN A 82 0.54 -16.23 4.56
CA ASN A 82 0.46 -17.26 5.59
C ASN A 82 -0.54 -16.87 6.68
N ASN A 83 -1.64 -16.25 6.27
CA ASN A 83 -2.67 -15.82 7.20
C ASN A 83 -2.34 -14.45 7.78
N GLN A 84 -1.89 -13.53 6.93
CA GLN A 84 -1.53 -12.19 7.36
C GLN A 84 -1.86 -11.17 6.27
N PHE A 85 -2.99 -10.48 6.44
CA PHE A 85 -3.42 -9.47 5.47
C PHE A 85 -2.40 -8.34 5.37
N GLN A 86 -2.24 -7.80 4.17
CA GLN A 86 -1.30 -6.71 3.94
C GLN A 86 -1.77 -5.83 2.78
N ALA A 87 -1.07 -4.72 2.57
CA ALA A 87 -1.41 -3.79 1.49
C ALA A 87 -0.17 -3.12 0.94
N LEU A 88 0.14 -3.39 -0.33
CA LEU A 88 1.30 -2.80 -0.99
C LEU A 88 0.99 -1.39 -1.46
N LEU A 89 2.03 -0.63 -1.77
CA LEU A 89 1.87 0.75 -2.23
C LEU A 89 2.97 1.13 -3.22
N GLN A 90 2.60 1.92 -4.23
CA GLN A 90 3.55 2.36 -5.23
C GLN A 90 3.45 3.87 -5.43
N TYR A 91 4.32 4.61 -4.77
CA TYR A 91 4.33 6.07 -4.86
C TYR A 91 4.90 6.53 -6.19
N ALA A 92 4.81 7.82 -6.46
CA ALA A 92 5.32 8.39 -7.70
C ALA A 92 6.72 8.98 -7.50
N ASP A 93 7.01 9.38 -6.27
CA ASP A 93 8.31 9.96 -5.94
C ASP A 93 8.82 9.41 -4.61
N PRO A 94 10.08 8.94 -4.58
CA PRO A 94 10.69 8.40 -3.37
C PRO A 94 10.60 9.36 -2.18
N VAL A 95 10.58 10.65 -2.48
CA VAL A 95 10.49 11.67 -1.44
C VAL A 95 9.20 11.51 -0.61
N SER A 96 8.12 11.18 -1.31
CA SER A 96 6.82 11.00 -0.64
C SER A 96 6.75 9.64 0.05
N ALA A 97 7.62 8.73 -0.37
CA ALA A 97 7.66 7.39 0.20
C ALA A 97 8.53 7.35 1.45
N GLN A 98 9.63 8.10 1.43
CA GLN A 98 10.55 8.16 2.57
C GLN A 98 9.86 8.76 3.79
N HIS A 99 9.34 9.98 3.63
CA HIS A 99 8.66 10.67 4.72
C HIS A 99 7.40 9.92 5.13
N ALA A 100 6.60 9.53 4.15
CA ALA A 100 5.36 8.81 4.40
C ALA A 100 5.60 7.61 5.31
N LYS A 101 6.71 6.92 5.09
CA LYS A 101 7.06 5.75 5.89
C LYS A 101 7.24 6.13 7.35
N LEU A 102 7.96 7.22 7.59
CA LEU A 102 8.21 7.70 8.95
C LEU A 102 6.97 8.36 9.53
N SER A 103 6.10 8.86 8.66
CA SER A 103 4.87 9.52 9.09
C SER A 103 3.81 8.49 9.48
N LEU A 104 3.90 7.30 8.90
CA LEU A 104 2.94 6.24 9.19
C LEU A 104 3.64 5.05 9.85
N ASP A 105 4.93 5.20 10.14
CA ASP A 105 5.69 4.13 10.78
C ASP A 105 5.10 3.76 12.13
N GLY A 106 4.75 2.48 12.29
CA GLY A 106 4.17 2.02 13.54
C GLY A 106 2.98 2.85 13.97
N GLN A 107 2.10 3.17 13.02
CA GLN A 107 0.92 3.97 13.31
C GLN A 107 -0.34 3.15 13.11
N ASN A 108 -1.48 3.69 13.55
CA ASN A 108 -2.76 3.02 13.42
C ASN A 108 -3.60 3.67 12.33
N ILE A 109 -4.83 3.18 12.18
CA ILE A 109 -5.75 3.72 11.17
C ILE A 109 -6.82 4.59 11.81
N TYR A 110 -7.21 4.25 13.04
CA TYR A 110 -8.23 5.00 13.76
C TYR A 110 -7.62 5.74 14.93
N ASN A 111 -7.23 5.00 15.97
CA ASN A 111 -6.64 5.59 17.16
C ASN A 111 -5.49 4.73 17.68
N ALA A 112 -5.78 3.45 17.90
CA ALA A 112 -4.77 2.52 18.40
C ALA A 112 -5.12 1.08 18.04
N CYS A 113 -5.70 0.91 16.84
CA CYS A 113 -6.07 -0.42 16.37
C CYS A 113 -5.74 -0.58 14.89
N CYS A 114 -5.30 -1.78 14.53
CA CYS A 114 -4.95 -2.07 13.14
C CYS A 114 -3.55 -1.55 12.81
N THR A 115 -2.64 -1.64 13.79
CA THR A 115 -1.28 -1.18 13.60
C THR A 115 -0.77 -1.50 12.20
N LEU A 116 -0.41 -0.47 11.45
CA LEU A 116 0.09 -0.65 10.09
C LEU A 116 1.58 -0.34 10.01
N ARG A 117 2.36 -1.29 9.51
CA ARG A 117 3.80 -1.12 9.38
C ARG A 117 4.18 -0.82 7.93
N ILE A 118 4.94 0.26 7.74
CA ILE A 118 5.37 0.66 6.40
C ILE A 118 6.84 0.33 6.18
N ASP A 119 7.17 -0.11 4.96
CA ASP A 119 8.53 -0.46 4.61
C ASP A 119 8.74 -0.42 3.11
N PHE A 120 9.99 -0.41 2.68
CA PHE A 120 10.32 -0.38 1.25
C PHE A 120 10.15 -1.75 0.62
N SER A 121 9.33 -1.83 -0.43
CA SER A 121 9.09 -3.09 -1.12
C SER A 121 10.40 -3.77 -1.48
N LYS A 122 10.32 -5.07 -1.79
CA LYS A 122 11.50 -5.84 -2.16
C LYS A 122 11.67 -5.88 -3.67
N LEU A 123 10.57 -6.00 -4.40
CA LEU A 123 10.60 -6.06 -5.85
C LEU A 123 10.69 -4.66 -6.45
N THR A 124 10.86 -3.68 -5.58
CA THR A 124 10.95 -2.30 -6.01
C THR A 124 9.70 -1.89 -6.77
N SER A 125 8.64 -2.70 -6.62
CA SER A 125 7.38 -2.43 -7.30
C SER A 125 6.36 -3.53 -7.02
N LEU A 126 5.09 -3.18 -7.14
CA LEU A 126 4.01 -4.13 -6.90
C LEU A 126 3.35 -4.55 -8.21
N ASN A 127 2.94 -5.80 -8.30
CA ASN A 127 2.30 -6.32 -9.50
C ASN A 127 0.88 -5.78 -9.63
N VAL A 128 0.69 -4.82 -10.54
CA VAL A 128 -0.62 -4.23 -10.75
C VAL A 128 -0.89 -4.00 -12.23
N LYS A 129 -1.89 -4.69 -12.77
CA LYS A 129 -2.25 -4.55 -14.18
C LYS A 129 -3.60 -5.19 -14.46
N TYR A 130 -4.46 -5.23 -13.44
CA TYR A 130 -5.78 -5.81 -13.58
C TYR A 130 -6.70 -5.37 -12.43
N ASN A 131 -7.97 -5.16 -12.75
CA ASN A 131 -8.95 -4.74 -11.75
C ASN A 131 -9.45 -5.92 -10.95
N ASN A 132 -8.79 -6.17 -9.83
CA ASN A 132 -9.16 -7.27 -8.95
C ASN A 132 -9.32 -6.77 -7.53
N ASP A 133 -10.52 -6.94 -6.99
CA ASP A 133 -10.83 -6.48 -5.63
C ASP A 133 -9.61 -6.57 -4.72
N LYS A 134 -8.72 -7.54 -4.97
CA LYS A 134 -7.53 -7.70 -4.16
C LYS A 134 -6.51 -6.61 -4.47
N SER A 135 -6.32 -6.33 -5.75
CA SER A 135 -5.38 -5.31 -6.20
C SER A 135 -6.14 -4.12 -6.82
N ARG A 136 -5.39 -3.10 -7.19
CA ARG A 136 -5.98 -1.91 -7.78
C ARG A 136 -4.93 -1.03 -8.44
N ASP A 137 -5.32 -0.30 -9.48
CA ASP A 137 -4.40 0.59 -10.19
C ASP A 137 -5.01 1.97 -10.38
N TYR A 138 -4.28 3.00 -9.97
CA TYR A 138 -4.75 4.37 -10.09
C TYR A 138 -4.08 5.07 -11.27
N THR A 139 -4.40 4.62 -12.48
CA THR A 139 -3.82 5.21 -13.69
C THR A 139 -4.43 4.58 -14.93
N ARG A 140 -4.72 3.29 -14.86
CA ARG A 140 -5.31 2.56 -15.98
C ARG A 140 -6.64 1.94 -15.59
N PRO A 141 -7.75 2.68 -15.78
CA PRO A 141 -9.09 2.22 -15.44
C PRO A 141 -9.75 1.46 -16.58
N ASP A 142 -9.14 1.52 -17.77
CA ASP A 142 -9.67 0.84 -18.94
C ASP A 142 -9.16 -0.60 -19.04
N LEU A 143 -8.84 -1.18 -17.89
CA LEU A 143 -8.33 -2.54 -17.85
C LEU A 143 -9.41 -3.50 -17.35
N PRO A 144 -9.42 -4.73 -17.88
CA PRO A 144 -10.40 -5.76 -17.49
C PRO A 144 -10.11 -6.35 -16.12
N SER A 145 -10.97 -7.26 -15.69
CA SER A 145 -10.81 -7.91 -14.39
C SER A 145 -10.59 -9.41 -14.55
N GLY A 146 -9.84 -9.79 -15.58
CA GLY A 146 -9.57 -11.20 -15.82
C GLY A 146 -9.53 -11.53 -17.30
N ASP A 147 -10.65 -11.98 -17.84
CA ASP A 147 -10.74 -12.33 -19.25
C ASP A 147 -11.98 -11.72 -19.90
#